data_3G7K
#
_entry.id   3G7K
#
_cell.length_a   53.078
_cell.length_b   142.077
_cell.length_c   228.452
_cell.angle_alpha   90.00
_cell.angle_beta   90.00
_cell.angle_gamma   90.00
#
_symmetry.space_group_name_H-M   'P 21 21 21'
#
loop_
_entity.id
_entity.type
_entity.pdbx_description
1 polymer '3-methylitaconate isomerase'
2 water water
#
_entity_poly.entity_id   1
_entity_poly.type   'polypeptide(L)'
_entity_poly.pdbx_seq_one_letter_code
;MSDQMRIPCVIMRAGTSKGIFLKGNDLPADQELRDKVILRIFGSPDVRQIDGLAGADPLTSKLAIIGPSTHPDADVDYTF
AQVSITDAVVDYNGNCGNISAGVGPFAIDESFVKAVEPMTRVCIHNTNTGKLLYAEVEVEDGKAKVSGDCKIDGVPGTNA
PELMDFSDTAGAATGKVLPTGNVVDVLSTSKGDIDVSIVDVANPCIFVHAKDVNMTGTETPDVINGNADLLAYLEEIRAK
CCVKIGMAATEKEASEKSPAFPMIAFVTKPEDYVDFSTGNTISGDDVDLVSRLMFMQVLHKTYAGTATACTGSAARIPGT
IVNQVLRDTGDEDTVRIGHPAGVIPVVSIVKDGKVEKAALIRTARRIMEGYVYVEKAKLVGSAWSHPQFEK
;
_entity_poly.pdbx_strand_id   A,B,C,D
#
# COMPACT_ATOMS: atom_id res chain seq x y z
N SER A 2 -8.49 -2.87 13.52
CA SER A 2 -9.79 -3.58 13.62
C SER A 2 -10.99 -2.67 13.29
N ASP A 3 -10.87 -1.36 13.52
CA ASP A 3 -11.85 -0.40 12.99
C ASP A 3 -11.76 -0.24 11.46
N GLN A 4 -10.57 -0.45 10.90
CA GLN A 4 -10.31 -0.08 9.50
C GLN A 4 -9.93 -1.29 8.65
N MET A 5 -10.29 -1.30 7.38
CA MET A 5 -9.76 -2.32 6.48
C MET A 5 -8.72 -1.71 5.56
N ARG A 6 -7.74 -2.53 5.19
CA ARG A 6 -6.69 -2.14 4.26
C ARG A 6 -7.04 -2.56 2.84
N ILE A 7 -6.74 -1.71 1.86
CA ILE A 7 -6.91 -2.05 0.44
C ILE A 7 -5.66 -1.69 -0.37
N PRO A 8 -5.06 -2.67 -1.08
CA PRO A 8 -3.84 -2.30 -1.81
C PRO A 8 -4.19 -1.25 -2.83
N CYS A 9 -3.22 -0.42 -3.19
CA CYS A 9 -3.52 0.85 -3.77
C CYS A 9 -2.29 1.52 -4.33
N VAL A 10 -2.43 2.10 -5.53
CA VAL A 10 -1.37 2.89 -6.19
C VAL A 10 -1.88 4.26 -6.67
N ILE A 11 -1.08 5.31 -6.42
CA ILE A 11 -1.38 6.64 -6.94
C ILE A 11 -0.43 7.01 -8.07
N MET A 12 -0.99 7.46 -9.19
CA MET A 12 -0.20 7.83 -10.35
C MET A 12 -0.62 9.15 -10.95
N ARG A 13 0.38 9.88 -11.42
CA ARG A 13 0.12 10.93 -12.35
C ARG A 13 0.01 10.27 -13.71
N ALA A 14 -1.12 10.47 -14.37
CA ALA A 14 -1.30 9.93 -15.70
C ALA A 14 -1.62 11.13 -16.56
N GLY A 15 -0.70 11.43 -17.47
CA GLY A 15 -0.79 12.65 -18.25
C GLY A 15 -0.72 13.87 -17.34
N THR A 16 -1.79 14.65 -17.37
CA THR A 16 -1.92 15.87 -16.60
C THR A 16 -2.99 15.68 -15.54
N SER A 17 -3.41 14.43 -15.36
CA SER A 17 -4.34 14.09 -14.28
C SER A 17 -3.60 13.28 -13.23
N LYS A 18 -4.22 13.17 -12.08
CA LYS A 18 -3.80 12.27 -11.04
C LYS A 18 -4.87 11.19 -10.86
N GLY A 19 -4.45 9.94 -10.70
CA GLY A 19 -5.39 8.83 -10.53
C GLY A 19 -5.01 7.80 -9.47
N ILE A 20 -6.04 7.14 -8.92
CA ILE A 20 -5.86 5.98 -8.05
C ILE A 20 -6.02 4.70 -8.90
N PHE A 21 -5.04 3.81 -8.87
CA PHE A 21 -5.12 2.60 -9.68
C PHE A 21 -5.32 1.38 -8.79
N LEU A 22 -6.49 0.75 -8.90
CA LEU A 22 -6.74 -0.49 -8.17
C LEU A 22 -6.82 -1.66 -9.13
N LYS A 23 -6.43 -2.83 -8.65
CA LYS A 23 -6.59 -4.09 -9.39
C LYS A 23 -7.99 -4.64 -9.20
N GLY A 24 -8.51 -5.27 -10.26
CA GLY A 24 -9.85 -5.90 -10.27
C GLY A 24 -10.26 -6.69 -9.03
N ASN A 25 -9.44 -7.63 -8.58
CA ASN A 25 -9.88 -8.48 -7.48
C ASN A 25 -9.86 -7.82 -6.10
N ASP A 26 -9.42 -6.55 -6.05
CA ASP A 26 -9.21 -5.85 -4.78
C ASP A 26 -10.45 -5.06 -4.30
N LEU A 27 -11.38 -4.87 -5.23
CA LEU A 27 -12.69 -4.29 -4.97
C LEU A 27 -13.78 -5.38 -4.93
N PRO A 28 -14.81 -5.20 -4.09
CA PRO A 28 -15.91 -6.18 -3.94
C PRO A 28 -16.62 -6.51 -5.26
N ALA A 29 -17.27 -7.68 -5.35
CA ALA A 29 -17.99 -8.04 -6.60
C ALA A 29 -19.38 -7.35 -6.75
N ASP A 30 -20.07 -7.16 -5.64
CA ASP A 30 -21.31 -6.43 -5.59
C ASP A 30 -21.15 -4.94 -5.95
N GLN A 31 -21.79 -4.51 -7.04
CA GLN A 31 -21.62 -3.15 -7.57
C GLN A 31 -21.89 -2.03 -6.56
N GLU A 32 -22.94 -2.21 -5.77
CA GLU A 32 -23.36 -1.26 -4.76
C GLU A 32 -22.31 -1.16 -3.66
N LEU A 33 -21.73 -2.31 -3.25
CA LEU A 33 -20.69 -2.30 -2.23
C LEU A 33 -19.39 -1.76 -2.81
N ARG A 34 -19.07 -2.16 -4.04
CA ARG A 34 -17.97 -1.59 -4.81
C ARG A 34 -18.01 -0.06 -4.77
N ASP A 35 -19.14 0.50 -5.18
CA ASP A 35 -19.29 1.95 -5.28
C ASP A 35 -19.20 2.66 -3.92
N LYS A 36 -19.62 2.00 -2.85
CA LYS A 36 -19.48 2.57 -1.52
C LYS A 36 -18.03 2.57 -1.05
N VAL A 37 -17.30 1.52 -1.37
CA VAL A 37 -15.88 1.43 -1.06
C VAL A 37 -15.07 2.52 -1.80
N ILE A 38 -15.29 2.62 -3.11
CA ILE A 38 -14.66 3.65 -3.92
C ILE A 38 -14.84 5.05 -3.30
N LEU A 39 -16.05 5.39 -2.90
CA LEU A 39 -16.34 6.70 -2.30
C LEU A 39 -15.54 6.92 -1.03
N ARG A 40 -15.41 5.88 -0.20
CA ARG A 40 -14.62 5.98 1.02
C ARG A 40 -13.14 6.14 0.70
N ILE A 41 -12.63 5.42 -0.29
CA ILE A 41 -11.25 5.60 -0.68
C ILE A 41 -10.97 7.04 -1.11
N PHE A 42 -11.89 7.62 -1.87
CA PHE A 42 -11.71 8.96 -2.42
C PHE A 42 -12.01 10.14 -1.43
N GLY A 43 -12.85 9.91 -0.41
CA GLY A 43 -13.31 10.99 0.46
C GLY A 43 -14.61 11.68 0.04
N SER A 44 -15.44 11.00 -0.75
CA SER A 44 -16.65 11.63 -1.28
C SER A 44 -17.90 11.17 -0.55
N PRO A 45 -18.98 11.98 -0.60
CA PRO A 45 -18.99 13.37 -1.13
C PRO A 45 -18.52 14.37 -0.06
N ASP A 46 -17.88 15.45 -0.49
CA ASP A 46 -17.25 16.40 0.41
C ASP A 46 -16.46 17.32 -0.49
N VAL A 47 -16.79 18.62 -0.44
CA VAL A 47 -16.08 19.64 -1.25
C VAL A 47 -14.58 19.58 -1.03
N ARG A 48 -14.16 19.26 0.19
CA ARG A 48 -12.74 19.21 0.51
C ARG A 48 -12.07 17.83 0.30
N GLN A 49 -12.89 16.77 0.15
CA GLN A 49 -12.41 15.38 0.23
C GLN A 49 -11.33 15.18 1.33
N ILE A 50 -11.67 15.61 2.53
CA ILE A 50 -10.70 15.71 3.60
C ILE A 50 -10.44 14.34 4.22
N ASP A 51 -11.40 13.43 4.07
CA ASP A 51 -11.31 12.12 4.74
C ASP A 51 -11.15 10.98 3.73
N GLY A 52 -10.31 11.20 2.71
CA GLY A 52 -10.08 10.25 1.61
C GLY A 52 -8.83 10.65 0.86
N LEU A 53 -8.50 9.93 -0.20
CA LEU A 53 -7.24 10.09 -0.93
C LEU A 53 -7.25 11.19 -1.98
N ALA A 54 -8.40 11.44 -2.59
CA ALA A 54 -8.53 12.35 -3.72
C ALA A 54 -8.25 13.84 -3.39
N GLY A 55 -8.03 14.63 -4.45
CA GLY A 55 -7.61 16.03 -4.33
C GLY A 55 -8.64 17.14 -4.49
N ALA A 56 -9.91 16.83 -4.43
CA ALA A 56 -10.95 17.85 -4.41
C ALA A 56 -11.05 18.71 -5.68
N ASP A 57 -10.53 18.18 -6.80
CA ASP A 57 -10.61 18.78 -8.13
C ASP A 57 -10.94 17.65 -9.15
N PRO A 58 -11.81 17.91 -10.15
CA PRO A 58 -12.18 16.78 -11.01
C PRO A 58 -10.95 16.03 -11.57
N LEU A 59 -9.87 16.76 -11.86
CA LEU A 59 -8.70 16.08 -12.39
C LEU A 59 -7.90 15.26 -11.36
N THR A 60 -8.34 15.26 -10.11
CA THR A 60 -7.66 14.50 -9.04
C THR A 60 -8.65 13.63 -8.22
N SER A 61 -9.74 13.26 -8.88
CA SER A 61 -10.78 12.38 -8.37
C SER A 61 -11.17 11.39 -9.50
N LYS A 62 -10.18 10.62 -9.91
CA LYS A 62 -10.33 9.73 -11.03
C LYS A 62 -9.84 8.36 -10.64
N LEU A 63 -10.56 7.33 -11.12
CA LEU A 63 -10.23 5.93 -10.83
C LEU A 63 -9.99 5.10 -12.08
N ALA A 64 -8.93 4.31 -12.05
CA ALA A 64 -8.71 3.28 -13.03
C ALA A 64 -8.67 1.96 -12.27
N ILE A 65 -9.47 0.99 -12.73
CA ILE A 65 -9.45 -0.39 -12.24
C ILE A 65 -8.83 -1.25 -13.34
N ILE A 66 -7.85 -2.06 -12.97
CA ILE A 66 -7.14 -2.85 -13.97
C ILE A 66 -7.28 -4.35 -13.68
N GLY A 67 -7.56 -5.11 -14.75
CA GLY A 67 -7.75 -6.55 -14.64
C GLY A 67 -7.24 -7.28 -15.86
N PRO A 68 -7.35 -8.61 -15.86
CA PRO A 68 -6.98 -9.39 -17.06
C PRO A 68 -7.87 -9.06 -18.26
N SER A 69 -7.32 -9.25 -19.45
CA SER A 69 -8.00 -8.89 -20.68
C SER A 69 -9.25 -9.76 -20.94
N THR A 70 -10.24 -9.13 -21.52
CA THR A 70 -11.54 -9.71 -21.71
C THR A 70 -11.85 -9.54 -23.21
N HIS A 71 -10.78 -9.23 -23.96
CA HIS A 71 -10.83 -9.00 -25.38
C HIS A 71 -9.62 -9.70 -26.02
N PRO A 72 -9.85 -10.51 -27.07
CA PRO A 72 -8.81 -11.35 -27.71
C PRO A 72 -7.57 -10.61 -28.24
N ASP A 73 -7.65 -9.31 -28.50
CA ASP A 73 -6.49 -8.56 -29.05
C ASP A 73 -5.74 -7.71 -28.00
N ALA A 74 -6.28 -7.67 -26.79
CA ALA A 74 -5.80 -6.76 -25.75
C ALA A 74 -5.02 -7.50 -24.68
N ASP A 75 -3.94 -6.89 -24.22
CA ASP A 75 -3.14 -7.38 -23.10
C ASP A 75 -3.82 -7.16 -21.76
N VAL A 76 -4.58 -6.08 -21.63
CA VAL A 76 -5.16 -5.76 -20.33
C VAL A 76 -6.56 -5.14 -20.42
N ASP A 77 -7.34 -5.23 -19.33
CA ASP A 77 -8.63 -4.52 -19.23
C ASP A 77 -8.52 -3.28 -18.37
N TYR A 78 -9.17 -2.20 -18.80
CA TYR A 78 -9.15 -0.93 -18.09
C TYR A 78 -10.56 -0.36 -18.03
N THR A 79 -11.03 -0.18 -16.79
CA THR A 79 -12.30 0.46 -16.54
C THR A 79 -11.99 1.80 -15.89
N PHE A 80 -12.52 2.87 -16.47
CA PHE A 80 -12.43 4.21 -15.89
C PHE A 80 -13.66 4.60 -15.08
N ALA A 81 -13.46 5.33 -13.99
CA ALA A 81 -14.57 6.01 -13.33
C ALA A 81 -14.21 7.40 -12.82
N GLN A 82 -15.12 8.35 -13.02
CA GLN A 82 -14.99 9.66 -12.45
C GLN A 82 -15.66 9.63 -11.11
N VAL A 83 -14.91 9.89 -10.05
CA VAL A 83 -15.54 9.97 -8.75
C VAL A 83 -15.98 11.40 -8.50
N SER A 84 -17.27 11.56 -8.27
CA SER A 84 -17.83 12.89 -8.06
C SER A 84 -17.31 13.43 -6.72
N ILE A 85 -17.01 14.71 -6.69
CA ILE A 85 -16.50 15.35 -5.47
C ILE A 85 -17.67 15.78 -4.60
N THR A 86 -18.70 16.32 -5.24
CA THR A 86 -19.83 16.90 -4.55
C THR A 86 -20.92 15.88 -4.19
N ASP A 87 -20.97 14.74 -4.90
CA ASP A 87 -22.08 13.79 -4.76
C ASP A 87 -21.65 12.33 -4.67
N ALA A 88 -22.50 11.49 -4.07
CA ALA A 88 -22.26 10.04 -3.97
C ALA A 88 -22.45 9.32 -5.31
N VAL A 89 -21.59 9.62 -6.27
CA VAL A 89 -21.76 9.16 -7.64
C VAL A 89 -20.43 8.68 -8.23
N VAL A 90 -20.43 7.47 -8.77
CA VAL A 90 -19.26 6.91 -9.44
C VAL A 90 -19.70 6.63 -10.86
N ASP A 91 -19.06 7.30 -11.82
CA ASP A 91 -19.60 7.42 -13.18
C ASP A 91 -18.76 6.61 -14.16
N TYR A 92 -19.29 5.50 -14.65
CA TYR A 92 -18.60 4.65 -15.63
C TYR A 92 -18.94 4.88 -17.10
N ASN A 93 -19.55 6.01 -17.42
CA ASN A 93 -20.01 6.26 -18.80
C ASN A 93 -18.98 6.66 -19.86
N GLY A 94 -17.69 6.59 -19.57
CA GLY A 94 -16.77 6.96 -20.61
C GLY A 94 -15.36 6.46 -20.39
N ASN A 95 -14.51 6.78 -21.36
CA ASN A 95 -13.10 6.52 -21.23
C ASN A 95 -12.42 7.74 -20.63
N CYS A 96 -11.17 7.60 -20.15
CA CYS A 96 -10.32 8.75 -19.91
C CYS A 96 -8.97 8.62 -20.61
N GLY A 97 -8.65 9.60 -21.45
CA GLY A 97 -7.42 9.60 -22.25
C GLY A 97 -6.15 9.73 -21.42
N ASN A 98 -6.11 10.75 -20.56
CA ASN A 98 -5.00 10.92 -19.64
C ASN A 98 -4.78 9.71 -18.74
N ILE A 99 -5.79 9.34 -17.94
CA ILE A 99 -5.66 8.17 -17.08
C ILE A 99 -5.15 6.96 -17.88
N SER A 100 -5.65 6.80 -19.10
CA SER A 100 -5.24 5.68 -19.91
C SER A 100 -3.74 5.66 -20.16
N ALA A 101 -3.09 6.80 -19.93
CA ALA A 101 -1.63 6.87 -20.11
C ALA A 101 -0.87 6.19 -18.95
N GLY A 102 -1.51 6.03 -17.80
CA GLY A 102 -0.86 5.37 -16.69
C GLY A 102 -1.05 3.85 -16.74
N VAL A 103 -1.95 3.42 -17.61
CA VAL A 103 -2.36 2.03 -17.66
C VAL A 103 -1.21 1.17 -18.18
N GLY A 104 -0.63 1.53 -19.32
CA GLY A 104 0.56 0.83 -19.81
C GLY A 104 1.68 0.72 -18.77
N PRO A 105 2.14 1.85 -18.26
CA PRO A 105 3.12 1.81 -17.18
C PRO A 105 2.74 0.92 -15.98
N PHE A 106 1.47 0.99 -15.56
CA PHE A 106 0.99 0.17 -14.44
C PHE A 106 0.99 -1.31 -14.78
N ALA A 107 0.58 -1.65 -15.99
CA ALA A 107 0.49 -3.05 -16.40
C ALA A 107 1.88 -3.65 -16.47
N ILE A 108 2.87 -2.86 -16.90
CA ILE A 108 4.23 -3.37 -16.95
C ILE A 108 4.79 -3.46 -15.54
N ASP A 109 4.65 -2.40 -14.75
CA ASP A 109 5.25 -2.41 -13.42
C ASP A 109 4.66 -3.55 -12.57
N GLU A 110 3.39 -3.89 -12.85
CA GLU A 110 2.70 -4.95 -12.11
C GLU A 110 2.81 -6.35 -12.74
N SER A 111 3.51 -6.45 -13.87
CA SER A 111 3.80 -7.72 -14.56
C SER A 111 2.60 -8.38 -15.27
N PHE A 112 1.57 -7.61 -15.57
CA PHE A 112 0.51 -8.06 -16.45
C PHE A 112 1.01 -8.09 -17.90
N VAL A 113 2.05 -7.32 -18.17
CA VAL A 113 2.70 -7.34 -19.46
C VAL A 113 4.22 -7.54 -19.27
N LYS A 114 4.79 -8.46 -20.03
CA LYS A 114 6.23 -8.64 -20.07
C LYS A 114 6.95 -7.37 -20.55
N ALA A 115 7.92 -6.93 -19.77
CA ALA A 115 8.70 -5.76 -20.10
C ALA A 115 9.62 -6.06 -21.28
N VAL A 116 9.53 -5.24 -22.33
CA VAL A 116 10.48 -5.31 -23.46
C VAL A 116 11.29 -4.01 -23.55
N GLU A 117 12.62 -4.15 -23.49
CA GLU A 117 13.53 -3.00 -23.61
C GLU A 117 13.54 -2.39 -25.02
N PRO A 118 13.94 -1.12 -25.12
CA PRO A 118 13.42 0.18 -25.44
C PRO A 118 11.93 0.40 -25.24
N MET A 119 11.10 -0.33 -25.97
CA MET A 119 9.68 0.01 -26.05
C MET A 119 8.83 -1.23 -25.94
N THR A 120 7.80 -1.16 -25.11
CA THR A 120 6.85 -2.25 -24.96
C THR A 120 5.53 -1.74 -25.51
N ARG A 121 4.92 -2.50 -26.41
CA ARG A 121 3.60 -2.16 -26.94
C ARG A 121 2.54 -2.74 -26.01
N VAL A 122 1.63 -1.91 -25.52
CA VAL A 122 0.53 -2.37 -24.71
C VAL A 122 -0.79 -1.99 -25.34
N CYS A 123 -1.57 -3.00 -25.70
CA CYS A 123 -2.91 -2.79 -26.23
C CYS A 123 -3.90 -2.88 -25.07
N ILE A 124 -4.82 -1.92 -25.01
CA ILE A 124 -5.65 -1.70 -23.84
C ILE A 124 -7.13 -1.70 -24.21
N HIS A 125 -7.88 -2.59 -23.59
CA HIS A 125 -9.30 -2.70 -23.81
C HIS A 125 -10.07 -1.84 -22.80
N ASN A 126 -10.56 -0.69 -23.27
CA ASN A 126 -11.35 0.14 -22.42
C ASN A 126 -12.71 -0.46 -22.22
N THR A 127 -12.97 -0.83 -20.98
CA THR A 127 -14.19 -1.48 -20.60
C THR A 127 -15.45 -0.69 -20.91
N ASN A 128 -15.40 0.62 -20.63
CA ASN A 128 -16.56 1.49 -20.59
C ASN A 128 -17.20 1.62 -21.95
N THR A 129 -16.38 1.36 -22.95
CA THR A 129 -16.57 1.87 -24.28
C THR A 129 -16.43 0.71 -25.30
N GLY A 130 -15.76 -0.36 -24.88
CA GLY A 130 -15.46 -1.46 -25.76
C GLY A 130 -14.26 -1.26 -26.68
N LYS A 131 -13.75 -0.03 -26.76
CA LYS A 131 -12.68 0.25 -27.72
C LYS A 131 -11.28 -0.12 -27.21
N LEU A 132 -10.34 -0.28 -28.14
CA LEU A 132 -8.96 -0.59 -27.84
C LEU A 132 -8.12 0.66 -28.11
N LEU A 133 -7.18 0.94 -27.23
CA LEU A 133 -6.22 2.01 -27.40
C LEU A 133 -4.91 1.30 -27.34
N TYR A 134 -3.89 1.91 -27.94
CA TYR A 134 -2.56 1.33 -28.00
C TYR A 134 -1.60 2.29 -27.35
N ALA A 135 -0.65 1.74 -26.62
CA ALA A 135 0.34 2.54 -25.96
C ALA A 135 1.70 1.98 -26.33
N GLU A 136 2.63 2.89 -26.57
CA GLU A 136 4.03 2.51 -26.68
C GLU A 136 4.79 3.15 -25.53
N VAL A 137 5.43 2.31 -24.73
CA VAL A 137 6.06 2.72 -23.46
C VAL A 137 7.56 2.46 -23.47
N GLU A 138 8.34 3.45 -23.03
CA GLU A 138 9.78 3.27 -22.81
C GLU A 138 10.04 2.45 -21.56
N VAL A 139 10.69 1.32 -21.73
CA VAL A 139 10.99 0.44 -20.60
C VAL A 139 12.51 0.45 -20.37
N GLU A 140 12.91 0.40 -19.11
CA GLU A 140 14.30 0.19 -18.72
C GLU A 140 14.27 -0.64 -17.43
N ASP A 141 15.05 -1.73 -17.38
CA ASP A 141 15.19 -2.59 -16.17
C ASP A 141 13.87 -3.21 -15.66
N GLY A 142 13.05 -3.72 -16.58
CA GLY A 142 11.74 -4.28 -16.23
C GLY A 142 10.61 -3.30 -15.90
N LYS A 143 10.89 -2.00 -15.82
CA LYS A 143 9.84 -1.02 -15.48
C LYS A 143 9.66 0.08 -16.52
N ALA A 144 8.50 0.73 -16.51
CA ALA A 144 8.29 1.94 -17.32
C ALA A 144 9.27 3.04 -16.92
N LYS A 145 9.92 3.65 -17.93
CA LYS A 145 10.81 4.80 -17.73
C LYS A 145 10.06 6.00 -17.21
N VAL A 146 10.66 6.66 -16.24
CA VAL A 146 10.15 7.89 -15.70
C VAL A 146 10.90 9.12 -16.26
N SER A 147 12.23 9.07 -16.23
CA SER A 147 13.05 10.20 -16.66
C SER A 147 13.18 10.39 -18.18
N GLY A 148 13.20 11.65 -18.62
CA GLY A 148 13.29 11.97 -20.02
C GLY A 148 13.10 13.43 -20.38
N ASP A 149 13.04 13.71 -21.68
CA ASP A 149 13.14 15.08 -22.22
C ASP A 149 11.84 15.57 -22.82
N CYS A 150 10.74 14.90 -22.51
CA CYS A 150 9.47 15.27 -23.09
C CYS A 150 8.63 16.14 -22.16
N LYS A 151 8.08 17.21 -22.71
CA LYS A 151 7.38 18.22 -21.95
C LYS A 151 5.95 18.17 -22.36
N ILE A 152 5.05 18.12 -21.38
CA ILE A 152 3.62 18.26 -21.65
C ILE A 152 3.11 19.34 -20.74
N ASP A 153 2.38 20.28 -21.33
CA ASP A 153 1.98 21.50 -20.66
C ASP A 153 0.93 21.18 -19.63
N GLY A 154 1.16 21.66 -18.40
CA GLY A 154 0.32 21.30 -17.25
C GLY A 154 1.05 20.43 -16.22
N VAL A 155 2.22 19.91 -16.58
CA VAL A 155 3.08 19.18 -15.65
C VAL A 155 4.46 19.84 -15.69
N PRO A 156 4.93 20.35 -14.52
CA PRO A 156 6.28 20.92 -14.45
C PRO A 156 7.34 19.96 -14.96
N GLY A 157 8.43 20.48 -15.50
CA GLY A 157 9.56 19.64 -15.83
C GLY A 157 9.30 18.70 -16.98
N THR A 158 10.22 17.78 -17.17
CA THR A 158 10.33 17.00 -18.39
C THR A 158 10.37 15.50 -18.02
N ASN A 159 9.79 14.63 -18.85
CA ASN A 159 9.74 13.17 -18.55
C ASN A 159 9.88 12.23 -19.74
N ALA A 160 9.86 10.93 -19.47
CA ALA A 160 9.88 9.93 -20.55
C ALA A 160 8.60 10.02 -21.35
N PRO A 161 8.71 10.11 -22.70
CA PRO A 161 7.49 10.19 -23.53
C PRO A 161 6.80 8.84 -23.73
N GLU A 162 5.48 8.88 -23.93
CA GLU A 162 4.63 7.71 -24.23
C GLU A 162 3.67 8.00 -25.38
N LEU A 163 3.69 7.19 -26.44
CA LEU A 163 2.78 7.45 -27.57
C LEU A 163 1.45 6.73 -27.38
N MET A 164 0.37 7.51 -27.36
CA MET A 164 -0.99 6.98 -27.22
C MET A 164 -1.70 7.08 -28.56
N ASP A 165 -2.37 5.99 -28.91
CA ASP A 165 -3.03 5.89 -30.19
C ASP A 165 -4.54 5.64 -30.02
N PHE A 166 -5.36 6.60 -30.43
CA PHE A 166 -6.80 6.54 -30.23
C PHE A 166 -7.60 6.25 -31.52
N SER A 167 -6.95 5.63 -32.50
CA SER A 167 -7.58 5.37 -33.80
C SER A 167 -8.76 4.38 -33.83
N ASP A 168 -8.72 3.35 -33.00
CA ASP A 168 -9.81 2.34 -32.94
C ASP A 168 -11.00 2.87 -32.14
N THR A 169 -11.12 4.18 -31.95
CA THR A 169 -12.09 4.67 -30.96
C THR A 169 -13.22 5.55 -31.50
N ALA A 170 -13.47 5.50 -32.81
CA ALA A 170 -14.63 6.19 -33.40
C ALA A 170 -15.95 5.62 -32.88
N GLY A 171 -16.93 6.50 -32.64
CA GLY A 171 -18.22 6.08 -32.11
C GLY A 171 -18.13 5.39 -30.75
N ALA A 172 -17.26 5.90 -29.90
CA ALA A 172 -16.98 5.29 -28.61
C ALA A 172 -18.26 5.10 -27.80
N ALA A 173 -19.20 6.02 -27.90
CA ALA A 173 -20.43 5.86 -27.13
C ALA A 173 -21.69 5.61 -28.00
N THR A 174 -21.64 5.97 -29.26
CA THR A 174 -22.85 5.98 -30.07
C THR A 174 -22.82 4.96 -31.19
N GLY A 175 -21.62 4.60 -31.64
CA GLY A 175 -21.43 3.80 -32.84
C GLY A 175 -21.22 4.65 -34.08
N LYS A 176 -21.33 5.98 -33.96
CA LYS A 176 -21.16 6.87 -35.13
C LYS A 176 -20.26 8.10 -34.85
N VAL A 177 -19.38 8.41 -35.80
CA VAL A 177 -18.52 9.62 -35.71
C VAL A 177 -19.33 10.91 -35.56
N LEU A 178 -20.45 10.99 -36.28
CA LEU A 178 -21.38 12.10 -36.17
C LEU A 178 -22.72 11.54 -35.72
N PRO A 179 -22.89 11.34 -34.39
CA PRO A 179 -24.09 10.66 -33.91
C PRO A 179 -25.45 11.20 -34.44
N THR A 180 -25.55 12.51 -34.74
CA THR A 180 -26.78 13.07 -35.36
C THR A 180 -26.85 12.95 -36.89
N GLY A 181 -25.71 12.81 -37.53
CA GLY A 181 -25.66 12.68 -38.97
C GLY A 181 -25.21 13.99 -39.55
N ASN A 182 -25.38 15.05 -38.78
CA ASN A 182 -25.04 16.41 -39.21
C ASN A 182 -23.69 16.83 -38.64
N VAL A 183 -22.98 17.67 -39.37
CA VAL A 183 -21.77 18.32 -38.89
C VAL A 183 -22.12 19.46 -37.91
N VAL A 184 -23.32 20.01 -38.08
CA VAL A 184 -23.83 21.13 -37.31
C VAL A 184 -25.33 20.88 -37.10
N ASP A 185 -25.79 21.02 -35.85
CA ASP A 185 -27.21 20.97 -35.49
C ASP A 185 -27.56 22.26 -34.75
N VAL A 186 -28.75 22.77 -34.98
CA VAL A 186 -29.22 23.91 -34.20
C VAL A 186 -30.00 23.34 -33.02
N LEU A 187 -29.64 23.78 -31.82
CA LEU A 187 -30.31 23.29 -30.61
C LEU A 187 -31.18 24.36 -29.97
N SER A 188 -32.35 23.93 -29.50
CA SER A 188 -33.28 24.79 -28.78
C SER A 188 -32.88 24.90 -27.33
N THR A 189 -33.06 26.09 -26.78
CA THR A 189 -32.41 26.46 -25.55
C THR A 189 -33.22 27.55 -24.85
N SER A 190 -33.07 27.61 -23.52
CA SER A 190 -33.68 28.63 -22.69
C SER A 190 -33.15 30.06 -22.98
N LYS A 191 -32.10 30.17 -23.79
CA LYS A 191 -31.59 31.45 -24.32
C LYS A 191 -31.75 31.55 -25.85
N GLY A 192 -32.58 30.66 -26.42
CA GLY A 192 -32.78 30.59 -27.86
C GLY A 192 -31.89 29.60 -28.60
N ASP A 193 -31.89 29.69 -29.93
CA ASP A 193 -31.18 28.72 -30.79
C ASP A 193 -29.66 28.85 -30.81
N ILE A 194 -28.98 27.71 -30.79
CA ILE A 194 -27.54 27.69 -30.83
C ILE A 194 -27.03 26.58 -31.74
N ASP A 195 -25.94 26.86 -32.45
CA ASP A 195 -25.22 25.85 -33.24
C ASP A 195 -24.32 25.00 -32.35
N VAL A 196 -24.37 23.68 -32.57
CA VAL A 196 -23.53 22.72 -31.88
C VAL A 196 -22.99 21.69 -32.88
N SER A 197 -21.72 21.33 -32.76
CA SER A 197 -21.21 20.14 -33.43
C SER A 197 -21.03 19.04 -32.38
N ILE A 198 -21.59 17.86 -32.62
CA ILE A 198 -21.40 16.72 -31.75
C ILE A 198 -20.61 15.67 -32.49
N VAL A 199 -19.45 15.33 -31.94
CA VAL A 199 -18.56 14.35 -32.56
C VAL A 199 -18.25 13.30 -31.52
N ASP A 200 -18.29 12.03 -31.94
CA ASP A 200 -18.03 10.95 -31.03
C ASP A 200 -16.80 10.18 -31.43
N VAL A 201 -15.65 10.69 -31.02
CA VAL A 201 -14.35 10.02 -31.19
C VAL A 201 -13.66 9.91 -29.83
N ALA A 202 -13.31 8.67 -29.43
CA ALA A 202 -12.82 8.28 -28.10
C ALA A 202 -13.82 8.58 -26.98
N ASN A 203 -14.46 9.75 -27.03
CA ASN A 203 -15.60 10.12 -26.20
C ASN A 203 -16.40 11.19 -26.94
N PRO A 204 -17.72 11.29 -26.65
CA PRO A 204 -18.51 12.32 -27.35
C PRO A 204 -18.29 13.74 -26.80
N CYS A 205 -18.09 14.70 -27.71
CA CYS A 205 -17.94 16.09 -27.31
C CYS A 205 -18.85 17.05 -28.08
N ILE A 206 -19.23 18.13 -27.43
CA ILE A 206 -20.09 19.12 -28.01
C ILE A 206 -19.28 20.38 -28.16
N PHE A 207 -19.19 20.87 -29.39
CA PHE A 207 -18.37 22.03 -29.66
C PHE A 207 -19.24 23.21 -30.02
N VAL A 208 -18.93 24.33 -29.42
CA VAL A 208 -19.75 25.51 -29.54
C VAL A 208 -18.82 26.69 -29.89
N HIS A 209 -19.33 27.70 -30.59
CA HIS A 209 -18.58 28.96 -30.77
C HIS A 209 -18.54 29.69 -29.46
N ALA A 210 -17.34 30.07 -29.03
CA ALA A 210 -17.14 30.95 -27.86
C ALA A 210 -18.12 32.15 -27.84
N LYS A 211 -18.20 32.89 -28.94
CA LYS A 211 -19.09 34.05 -29.04
C LYS A 211 -20.56 33.74 -28.78
N ASP A 212 -21.03 32.58 -29.25
CA ASP A 212 -22.40 32.14 -28.98
C ASP A 212 -22.70 31.92 -27.49
N VAL A 213 -21.69 32.07 -26.63
CA VAL A 213 -21.89 31.96 -25.18
C VAL A 213 -21.38 33.21 -24.42
N ASN A 214 -21.11 34.28 -25.17
CA ASN A 214 -20.57 35.54 -24.62
C ASN A 214 -19.13 35.51 -24.05
N MET A 215 -18.29 34.64 -24.60
CA MET A 215 -16.89 34.53 -24.20
C MET A 215 -15.95 34.84 -25.36
N THR A 216 -14.75 35.29 -25.03
CA THR A 216 -13.73 35.55 -26.04
C THR A 216 -12.96 34.26 -26.35
N GLY A 217 -13.19 33.24 -25.52
CA GLY A 217 -12.58 31.92 -25.67
C GLY A 217 -11.23 31.75 -24.99
N THR A 218 -10.64 32.86 -24.55
CA THR A 218 -9.27 32.87 -24.00
C THR A 218 -9.26 33.17 -22.50
N GLU A 219 -10.40 32.96 -21.85
CA GLU A 219 -10.51 33.23 -20.42
C GLU A 219 -9.82 32.20 -19.50
N THR A 220 -9.87 32.50 -18.21
CA THR A 220 -9.03 31.91 -17.20
C THR A 220 -9.92 31.09 -16.27
N PRO A 221 -9.40 29.97 -15.71
CA PRO A 221 -10.24 29.17 -14.82
C PRO A 221 -11.03 30.05 -13.86
N ASP A 222 -10.34 30.96 -13.15
CA ASP A 222 -11.01 31.90 -12.25
C ASP A 222 -12.11 32.71 -12.95
N VAL A 223 -11.79 33.24 -14.14
CA VAL A 223 -12.78 34.04 -14.87
C VAL A 223 -13.98 33.19 -15.32
N ILE A 224 -13.72 31.96 -15.77
CA ILE A 224 -14.78 31.06 -16.23
C ILE A 224 -15.53 30.38 -15.06
N ASN A 225 -14.80 29.87 -14.07
CA ASN A 225 -15.45 29.23 -12.91
C ASN A 225 -16.26 30.20 -12.05
N GLY A 226 -16.04 31.50 -12.29
CA GLY A 226 -16.55 32.56 -11.46
C GLY A 226 -17.90 33.13 -11.86
N ASN A 227 -18.46 32.70 -12.99
CA ASN A 227 -19.83 33.11 -13.27
C ASN A 227 -20.85 32.00 -13.44
N ALA A 228 -21.72 31.94 -12.43
CA ALA A 228 -22.81 31.01 -12.32
C ALA A 228 -23.56 30.77 -13.63
N ASP A 229 -23.87 31.84 -14.36
CA ASP A 229 -24.75 31.73 -15.53
C ASP A 229 -24.13 30.98 -16.71
N LEU A 230 -22.91 31.36 -17.07
CA LEU A 230 -22.18 30.60 -18.05
C LEU A 230 -22.18 29.10 -17.70
N LEU A 231 -21.90 28.80 -16.43
CA LEU A 231 -21.83 27.44 -15.94
C LEU A 231 -23.15 26.72 -16.05
N ALA A 232 -24.23 27.33 -15.56
CA ALA A 232 -25.58 26.76 -15.63
C ALA A 232 -26.06 26.57 -17.08
N TYR A 233 -25.65 27.49 -17.96
CA TYR A 233 -26.00 27.43 -19.38
C TYR A 233 -25.22 26.37 -20.15
N LEU A 234 -23.93 26.22 -19.82
CA LEU A 234 -23.12 25.19 -20.46
C LEU A 234 -23.62 23.79 -20.09
N GLU A 235 -24.05 23.63 -18.84
CA GLU A 235 -24.64 22.37 -18.40
C GLU A 235 -25.98 22.07 -19.09
N GLU A 236 -26.79 23.10 -19.26
CA GLU A 236 -28.03 22.97 -20.03
C GLU A 236 -27.76 22.45 -21.43
N ILE A 237 -26.79 23.04 -22.12
CA ILE A 237 -26.42 22.58 -23.46
C ILE A 237 -25.95 21.13 -23.40
N ARG A 238 -25.03 20.87 -22.47
CA ARG A 238 -24.43 19.55 -22.24
C ARG A 238 -25.48 18.50 -22.00
N ALA A 239 -26.33 18.75 -21.00
CA ALA A 239 -27.41 17.84 -20.63
C ALA A 239 -28.38 17.55 -21.78
N LYS A 240 -28.68 18.56 -22.59
CA LYS A 240 -29.66 18.42 -23.66
C LYS A 240 -29.12 17.50 -24.75
N CYS A 241 -27.87 17.72 -25.15
CA CYS A 241 -27.22 16.89 -26.16
C CYS A 241 -26.99 15.46 -25.64
N CYS A 242 -26.81 15.33 -24.33
CA CYS A 242 -26.69 14.02 -23.70
C CYS A 242 -27.97 13.20 -23.94
N VAL A 243 -29.13 13.76 -23.60
CA VAL A 243 -30.44 13.15 -23.89
C VAL A 243 -30.65 12.91 -25.39
N LYS A 244 -30.31 13.91 -26.21
CA LYS A 244 -30.54 13.87 -27.65
C LYS A 244 -29.80 12.70 -28.31
N ILE A 245 -28.85 12.12 -27.59
CA ILE A 245 -27.95 11.13 -28.14
C ILE A 245 -28.03 9.77 -27.46
N GLY A 246 -28.87 9.66 -26.44
CA GLY A 246 -29.20 8.37 -25.86
C GLY A 246 -28.43 7.94 -24.64
N MET A 247 -27.58 8.83 -24.13
CA MET A 247 -26.81 8.53 -22.93
C MET A 247 -27.62 8.84 -21.66
N ALA A 248 -28.76 9.49 -21.86
CA ALA A 248 -29.67 9.82 -20.76
C ALA A 248 -31.12 9.88 -21.22
N ALA A 249 -32.03 9.75 -20.25
CA ALA A 249 -33.46 9.88 -20.48
C ALA A 249 -33.92 11.34 -20.33
N THR A 250 -33.56 11.93 -19.20
CA THR A 250 -33.97 13.27 -18.83
C THR A 250 -32.74 14.17 -18.79
N GLU A 251 -32.92 15.48 -18.79
CA GLU A 251 -31.80 16.38 -18.59
C GLU A 251 -31.35 16.39 -17.15
N LYS A 252 -32.31 16.18 -16.24
CA LYS A 252 -32.02 16.00 -14.83
C LYS A 252 -31.13 14.77 -14.58
N GLU A 253 -31.43 13.66 -15.26
CA GLU A 253 -30.62 12.45 -15.16
C GLU A 253 -29.23 12.67 -15.74
N ALA A 254 -29.15 13.41 -16.83
CA ALA A 254 -27.87 13.73 -17.47
C ALA A 254 -26.94 14.46 -16.52
N SER A 255 -27.44 15.50 -15.85
CA SER A 255 -26.60 16.20 -14.90
C SER A 255 -26.36 15.45 -13.58
N GLU A 256 -27.19 14.46 -13.26
CA GLU A 256 -27.03 13.77 -11.98
C GLU A 256 -26.26 12.45 -12.07
N LYS A 257 -26.60 11.63 -13.06
CA LYS A 257 -26.06 10.25 -13.20
C LYS A 257 -24.99 10.09 -14.28
N SER A 258 -24.96 11.06 -15.20
CA SER A 258 -23.94 11.15 -16.27
C SER A 258 -23.29 12.54 -16.36
N PRO A 259 -22.71 13.05 -15.25
CA PRO A 259 -22.19 14.43 -15.31
C PRO A 259 -20.89 14.58 -16.10
N ALA A 260 -20.17 13.47 -16.31
CA ALA A 260 -18.85 13.48 -16.97
C ALA A 260 -18.90 13.52 -18.51
N PHE A 261 -19.76 12.70 -19.11
CA PHE A 261 -19.82 12.53 -20.55
C PHE A 261 -21.26 12.68 -20.97
N PRO A 262 -21.51 13.31 -22.14
CA PRO A 262 -20.51 13.86 -23.03
C PRO A 262 -19.87 15.13 -22.44
N MET A 263 -18.72 15.53 -22.95
CA MET A 263 -18.14 16.82 -22.59
C MET A 263 -18.56 17.93 -23.55
N ILE A 264 -18.39 19.18 -23.11
CA ILE A 264 -18.64 20.36 -23.95
C ILE A 264 -17.46 21.34 -23.93
N ALA A 265 -17.06 21.80 -25.12
CA ALA A 265 -16.03 22.84 -25.25
C ALA A 265 -16.51 24.04 -26.06
N PHE A 266 -16.06 25.24 -25.70
CA PHE A 266 -16.21 26.39 -26.59
C PHE A 266 -14.88 26.85 -27.17
N VAL A 267 -14.89 27.11 -28.47
CA VAL A 267 -13.69 27.27 -29.27
C VAL A 267 -13.62 28.62 -30.01
N THR A 268 -12.41 28.98 -30.44
CA THR A 268 -12.13 30.21 -31.20
C THR A 268 -10.97 29.97 -32.15
N LYS A 269 -10.93 30.74 -33.25
CA LYS A 269 -9.72 30.92 -34.04
C LYS A 269 -8.51 31.26 -33.12
N PRO A 270 -7.29 30.95 -33.56
CA PRO A 270 -6.12 31.27 -32.77
C PRO A 270 -6.08 32.73 -32.28
N GLU A 271 -5.50 32.92 -31.10
CA GLU A 271 -5.33 34.20 -30.42
C GLU A 271 -4.27 34.06 -29.30
N ASP A 272 -3.71 35.18 -28.87
CA ASP A 272 -2.88 35.23 -27.67
C ASP A 272 -3.75 35.06 -26.44
N TYR A 273 -3.23 34.34 -25.44
CA TYR A 273 -3.95 34.12 -24.19
C TYR A 273 -2.94 33.82 -23.09
N VAL A 274 -3.35 34.03 -21.84
CA VAL A 274 -2.48 33.84 -20.68
C VAL A 274 -2.59 32.41 -20.18
N ASP A 275 -1.45 31.82 -19.87
CA ASP A 275 -1.40 30.51 -19.24
C ASP A 275 -1.54 30.65 -17.74
N PHE A 276 -2.75 30.42 -17.22
CA PHE A 276 -3.05 30.68 -15.81
C PHE A 276 -2.03 30.13 -14.80
N SER A 277 -1.45 28.97 -15.12
CA SER A 277 -0.60 28.26 -14.17
C SER A 277 0.80 28.87 -14.05
N THR A 278 1.25 29.58 -15.09
CA THR A 278 2.56 30.23 -15.07
C THR A 278 2.42 31.75 -15.12
N GLY A 279 1.35 32.24 -15.72
CA GLY A 279 1.23 33.66 -16.04
C GLY A 279 1.73 34.05 -17.44
N ASN A 280 2.52 33.18 -18.07
CA ASN A 280 3.09 33.40 -19.40
C ASN A 280 2.06 33.60 -20.50
N THR A 281 2.39 34.39 -21.52
CA THR A 281 1.51 34.50 -22.69
C THR A 281 1.80 33.41 -23.71
N ILE A 282 0.79 32.57 -23.97
CA ILE A 282 0.88 31.66 -25.10
C ILE A 282 0.48 32.43 -26.34
N SER A 283 1.38 32.43 -27.30
CA SER A 283 1.21 33.14 -28.57
C SER A 283 0.20 32.44 -29.50
N GLY A 284 -0.61 33.26 -30.18
CA GLY A 284 -1.55 32.77 -31.19
C GLY A 284 -0.94 32.07 -32.40
N ASP A 285 0.35 32.26 -32.63
CA ASP A 285 1.04 31.61 -33.76
C ASP A 285 1.42 30.16 -33.44
N ASP A 286 1.50 29.89 -32.13
CA ASP A 286 1.86 28.56 -31.62
C ASP A 286 0.71 27.53 -31.63
N VAL A 287 -0.54 27.99 -31.76
CA VAL A 287 -1.72 27.10 -31.78
C VAL A 287 -2.43 27.06 -33.14
N ASP A 288 -3.44 26.20 -33.26
CA ASP A 288 -4.28 26.15 -34.45
C ASP A 288 -5.71 26.53 -34.11
N LEU A 289 -6.02 26.48 -32.81
CA LEU A 289 -7.29 26.92 -32.28
C LEU A 289 -7.18 27.06 -30.77
N VAL A 290 -8.16 27.71 -30.16
CA VAL A 290 -8.21 27.85 -28.73
C VAL A 290 -9.51 27.18 -28.27
N SER A 291 -9.37 26.19 -27.39
CA SER A 291 -10.55 25.50 -26.87
C SER A 291 -10.61 25.66 -25.36
N ARG A 292 -11.80 25.90 -24.84
CA ARG A 292 -12.03 25.78 -23.41
C ARG A 292 -12.98 24.62 -23.11
N LEU A 293 -12.44 23.60 -22.44
CA LEU A 293 -13.17 22.37 -22.21
C LEU A 293 -13.77 22.37 -20.81
N MET A 294 -15.03 22.01 -20.71
CA MET A 294 -15.67 21.89 -19.41
C MET A 294 -15.68 20.41 -19.01
N PHE A 295 -15.50 20.16 -17.72
CA PHE A 295 -15.49 18.79 -17.27
C PHE A 295 -15.97 18.80 -15.86
N MET A 296 -17.08 18.13 -15.61
CA MET A 296 -17.76 18.11 -14.31
C MET A 296 -18.23 19.50 -13.89
N GLN A 297 -18.86 20.21 -14.82
CA GLN A 297 -19.65 21.42 -14.52
C GLN A 297 -18.78 22.63 -14.23
N VAL A 298 -17.51 22.51 -14.62
CA VAL A 298 -16.45 23.37 -14.16
C VAL A 298 -15.41 23.32 -15.27
N LEU A 299 -14.63 24.37 -15.43
CA LEU A 299 -13.58 24.30 -16.46
C LEU A 299 -12.61 23.12 -16.25
N HIS A 300 -12.33 22.40 -17.33
CA HIS A 300 -11.22 21.46 -17.37
C HIS A 300 -9.95 22.29 -17.45
N LYS A 301 -9.14 22.21 -16.40
CA LYS A 301 -7.99 23.11 -16.24
C LYS A 301 -6.85 22.84 -17.22
N THR A 302 -6.86 21.67 -17.86
CA THR A 302 -6.00 21.48 -19.03
C THR A 302 -6.85 21.03 -20.24
N TYR A 303 -6.51 19.88 -20.82
CA TYR A 303 -7.36 19.29 -21.84
C TYR A 303 -7.46 17.76 -21.71
N ALA A 304 -8.66 17.21 -21.87
CA ALA A 304 -8.85 15.74 -21.80
C ALA A 304 -8.15 14.98 -22.94
N GLY A 305 -7.51 13.86 -22.62
CA GLY A 305 -6.89 13.02 -23.65
C GLY A 305 -7.89 12.62 -24.72
N THR A 306 -9.08 12.17 -24.31
CA THR A 306 -10.10 11.79 -25.26
C THR A 306 -10.60 13.02 -26.03
N ALA A 307 -10.89 14.10 -25.31
CA ALA A 307 -11.35 15.33 -25.95
C ALA A 307 -10.30 15.80 -26.93
N THR A 308 -9.04 15.44 -26.69
CA THR A 308 -7.96 15.77 -27.60
C THR A 308 -8.13 15.02 -28.92
N ALA A 309 -8.31 13.71 -28.82
CA ALA A 309 -8.61 12.87 -29.99
C ALA A 309 -9.88 13.37 -30.69
N CYS A 310 -10.92 13.61 -29.90
CA CYS A 310 -12.17 14.09 -30.47
C CYS A 310 -12.07 15.48 -31.07
N THR A 311 -11.30 16.38 -30.45
CA THR A 311 -11.18 17.74 -30.98
C THR A 311 -10.43 17.77 -32.32
N GLY A 312 -9.45 16.89 -32.46
CA GLY A 312 -8.64 16.84 -33.67
C GLY A 312 -9.44 16.25 -34.80
N SER A 313 -10.20 15.20 -34.50
CA SER A 313 -11.03 14.55 -35.50
C SER A 313 -12.03 15.55 -36.04
N ALA A 314 -12.63 16.34 -35.14
CA ALA A 314 -13.64 17.30 -35.55
C ALA A 314 -13.04 18.36 -36.47
N ALA A 315 -11.77 18.67 -36.24
CA ALA A 315 -11.04 19.66 -37.03
C ALA A 315 -10.87 19.21 -38.48
N ARG A 316 -10.95 17.90 -38.69
CA ARG A 316 -10.69 17.36 -40.00
C ARG A 316 -11.98 17.05 -40.74
N ILE A 317 -13.12 17.19 -40.06
CA ILE A 317 -14.41 16.94 -40.68
C ILE A 317 -14.98 18.24 -41.24
N PRO A 318 -14.98 18.38 -42.58
CA PRO A 318 -15.42 19.64 -43.23
C PRO A 318 -16.84 20.05 -42.77
N GLY A 319 -16.96 21.23 -42.15
CA GLY A 319 -18.27 21.71 -41.70
C GLY A 319 -18.46 21.95 -40.21
N THR A 320 -17.79 21.15 -39.37
CA THR A 320 -17.93 21.26 -37.92
C THR A 320 -17.49 22.65 -37.45
N ILE A 321 -17.98 23.03 -36.27
CA ILE A 321 -17.55 24.27 -35.65
C ILE A 321 -16.02 24.28 -35.47
N VAL A 322 -15.46 23.17 -35.01
CA VAL A 322 -14.01 23.07 -34.85
C VAL A 322 -13.35 23.35 -36.20
N ASN A 323 -13.84 22.69 -37.24
CA ASN A 323 -13.30 22.85 -38.57
C ASN A 323 -13.31 24.35 -39.02
N GLN A 324 -14.48 24.98 -38.83
CA GLN A 324 -14.70 26.39 -39.16
C GLN A 324 -13.70 27.36 -38.55
N VAL A 325 -13.34 27.07 -37.29
CA VAL A 325 -12.48 27.92 -36.46
C VAL A 325 -10.98 27.65 -36.67
N LEU A 326 -10.69 26.47 -37.22
CA LEU A 326 -9.34 25.97 -37.34
C LEU A 326 -8.49 26.73 -38.38
N ARG A 327 -7.28 27.13 -38.00
CA ARG A 327 -6.27 27.68 -38.92
C ARG A 327 -5.91 26.57 -39.89
N ASP A 328 -5.74 26.90 -41.17
CA ASP A 328 -5.38 25.87 -42.16
C ASP A 328 -3.99 25.30 -41.87
N THR A 329 -3.90 23.99 -41.72
CA THR A 329 -2.63 23.38 -41.33
C THR A 329 -1.71 23.03 -42.52
N GLY A 330 -2.27 23.04 -43.73
CA GLY A 330 -1.51 22.75 -44.95
C GLY A 330 -1.08 21.29 -45.09
N ASP A 331 0.23 21.05 -45.14
CA ASP A 331 0.75 19.68 -45.22
C ASP A 331 0.87 18.94 -43.89
N GLU A 332 0.95 19.72 -42.81
CA GLU A 332 1.08 19.18 -41.47
C GLU A 332 -0.17 18.41 -41.02
N ASP A 333 0.03 17.21 -40.50
CA ASP A 333 -1.06 16.41 -39.98
C ASP A 333 -1.41 16.73 -38.53
N THR A 334 -0.55 17.47 -37.85
CA THR A 334 -0.77 17.89 -36.47
C THR A 334 -1.82 18.97 -36.39
N VAL A 335 -2.73 18.86 -35.43
CA VAL A 335 -3.50 20.04 -35.04
C VAL A 335 -3.10 20.48 -33.63
N ARG A 336 -2.70 21.74 -33.52
CA ARG A 336 -2.26 22.32 -32.25
C ARG A 336 -3.40 22.98 -31.44
N ILE A 337 -3.80 22.33 -30.35
CA ILE A 337 -4.87 22.83 -29.53
C ILE A 337 -4.36 23.65 -28.37
N GLY A 338 -4.84 24.88 -28.27
CA GLY A 338 -4.48 25.76 -27.17
C GLY A 338 -5.43 25.70 -25.99
N HIS A 339 -5.03 24.97 -24.94
CA HIS A 339 -5.87 24.83 -23.75
C HIS A 339 -5.38 25.78 -22.64
N PRO A 340 -6.10 25.87 -21.51
CA PRO A 340 -5.87 26.90 -20.49
C PRO A 340 -4.45 26.90 -19.91
N ALA A 341 -3.75 25.78 -20.03
CA ALA A 341 -2.42 25.59 -19.45
C ALA A 341 -1.36 25.46 -20.54
N GLY A 342 -1.71 25.90 -21.74
CA GLY A 342 -0.78 25.82 -22.87
C GLY A 342 -1.26 24.95 -24.03
N VAL A 343 -0.33 24.24 -24.64
CA VAL A 343 -0.62 23.65 -25.94
C VAL A 343 -0.44 22.14 -25.98
N ILE A 344 -1.42 21.47 -26.58
CA ILE A 344 -1.33 20.06 -26.79
C ILE A 344 -1.51 19.78 -28.28
N PRO A 345 -0.52 19.08 -28.89
CA PRO A 345 -0.58 18.71 -30.30
C PRO A 345 -1.14 17.28 -30.53
N VAL A 346 -1.93 17.11 -31.56
CA VAL A 346 -2.49 15.81 -31.85
C VAL A 346 -2.37 15.51 -33.33
N VAL A 347 -1.71 14.41 -33.64
CA VAL A 347 -1.64 13.94 -35.02
C VAL A 347 -2.98 13.35 -35.43
N SER A 348 -3.68 14.07 -36.31
CA SER A 348 -5.07 13.76 -36.59
C SER A 348 -5.42 13.73 -38.10
N ILE A 349 -5.66 12.52 -38.63
CA ILE A 349 -6.11 12.35 -40.01
C ILE A 349 -7.49 11.68 -40.11
N VAL A 350 -8.45 12.44 -40.63
CA VAL A 350 -9.76 11.88 -40.97
C VAL A 350 -9.88 11.90 -42.48
N LYS A 351 -9.91 10.71 -43.06
CA LYS A 351 -10.10 10.54 -44.49
C LYS A 351 -11.57 10.25 -44.70
N ASP A 352 -12.29 11.37 -44.75
CA ASP A 352 -13.64 11.51 -45.31
C ASP A 352 -14.59 10.36 -44.95
N GLY A 353 -15.04 10.40 -43.70
CA GLY A 353 -15.71 9.27 -43.05
C GLY A 353 -14.93 8.72 -41.85
N LYS A 354 -13.69 8.27 -42.08
CA LYS A 354 -12.96 7.42 -41.10
C LYS A 354 -11.65 7.97 -40.48
N VAL A 355 -11.42 7.58 -39.22
CA VAL A 355 -10.30 8.06 -38.42
C VAL A 355 -9.09 7.14 -38.56
N GLU A 356 -8.13 7.59 -39.38
CA GLU A 356 -6.94 6.80 -39.65
C GLU A 356 -5.84 7.08 -38.63
N LYS A 357 -5.76 8.31 -38.15
CA LYS A 357 -4.83 8.67 -37.08
C LYS A 357 -5.49 9.55 -36.02
N ALA A 358 -5.30 9.16 -34.77
CA ALA A 358 -5.58 10.03 -33.63
C ALA A 358 -4.53 9.73 -32.57
N ALA A 359 -3.40 10.43 -32.64
CA ALA A 359 -2.21 10.09 -31.87
C ALA A 359 -1.62 11.27 -31.07
N LEU A 360 -1.32 11.03 -29.78
CA LEU A 360 -0.68 12.05 -28.95
C LEU A 360 0.48 11.54 -28.08
N ILE A 361 1.33 12.45 -27.61
CA ILE A 361 2.38 12.10 -26.66
C ILE A 361 1.90 12.36 -25.23
N ARG A 362 2.21 11.43 -24.31
CA ARG A 362 1.89 11.60 -22.89
C ARG A 362 3.06 11.18 -22.00
N THR A 363 2.84 11.26 -20.69
CA THR A 363 3.87 11.03 -19.70
C THR A 363 3.19 10.55 -18.40
N ALA A 364 3.88 9.68 -17.65
CA ALA A 364 3.25 9.00 -16.51
C ALA A 364 4.23 8.80 -15.39
N ARG A 365 3.73 8.81 -14.17
CA ARG A 365 4.57 8.52 -13.06
C ARG A 365 3.79 7.89 -11.93
N ARG A 366 4.29 6.77 -11.42
CA ARG A 366 3.85 6.30 -10.13
C ARG A 366 4.31 7.28 -9.01
N ILE A 367 3.36 7.67 -8.14
CA ILE A 367 3.65 8.59 -7.05
C ILE A 367 3.73 7.88 -5.69
N MET A 368 2.93 6.83 -5.49
CA MET A 368 2.88 6.12 -4.24
C MET A 368 2.22 4.77 -4.37
N GLU A 369 2.80 3.76 -3.74
CA GLU A 369 2.20 2.43 -3.60
C GLU A 369 1.99 2.11 -2.12
N GLY A 370 0.98 1.30 -1.79
CA GLY A 370 0.60 1.04 -0.39
C GLY A 370 -0.84 0.61 -0.14
N TYR A 371 -1.35 0.84 1.08
CA TYR A 371 -2.72 0.46 1.43
C TYR A 371 -3.58 1.65 1.88
N VAL A 372 -4.74 1.86 1.26
CA VAL A 372 -5.69 2.84 1.76
C VAL A 372 -6.39 2.12 2.86
N TYR A 373 -6.87 2.89 3.83
CA TYR A 373 -7.73 2.35 4.86
C TYR A 373 -9.14 2.86 4.60
N VAL A 374 -10.12 2.07 5.01
CA VAL A 374 -11.55 2.43 4.90
C VAL A 374 -12.20 2.01 6.20
N GLU A 375 -12.99 2.91 6.77
CA GLU A 375 -13.62 2.69 8.08
C GLU A 375 -14.81 1.75 7.87
N LYS A 376 -14.80 0.61 8.58
CA LYS A 376 -15.79 -0.45 8.40
C LYS A 376 -17.20 0.02 8.72
N ALA A 377 -17.34 0.80 9.79
CA ALA A 377 -18.63 1.33 10.22
C ALA A 377 -19.27 2.29 9.20
N LYS A 378 -18.47 2.91 8.35
CA LYS A 378 -19.00 3.76 7.28
C LYS A 378 -19.64 2.94 6.17
N LEU A 379 -19.45 1.62 6.22
CA LEU A 379 -19.92 0.72 5.16
C LEU A 379 -21.13 -0.15 5.53
N VAL A 380 -21.51 -0.16 6.80
CA VAL A 380 -22.60 -1.04 7.26
C VAL A 380 -23.94 -0.35 7.17
N SER B 2 16.14 2.42 -9.96
CA SER B 2 15.94 2.89 -11.34
C SER B 2 15.91 4.43 -11.41
N ASP B 3 14.92 4.98 -12.10
CA ASP B 3 14.69 6.43 -12.16
C ASP B 3 14.27 7.07 -10.82
N GLN B 4 13.70 6.27 -9.90
CA GLN B 4 13.04 6.79 -8.71
C GLN B 4 13.51 6.18 -7.38
N MET B 5 13.31 6.92 -6.30
CA MET B 5 13.70 6.48 -4.98
C MET B 5 12.44 6.42 -4.13
N ARG B 6 12.30 5.32 -3.37
CA ARG B 6 11.14 5.12 -2.51
C ARG B 6 11.37 5.78 -1.15
N ILE B 7 10.32 6.34 -0.55
CA ILE B 7 10.38 6.85 0.84
C ILE B 7 9.12 6.43 1.63
N PRO B 8 9.31 5.85 2.83
CA PRO B 8 8.15 5.49 3.65
C PRO B 8 7.35 6.72 3.95
N CYS B 9 6.07 6.54 4.15
CA CYS B 9 5.16 7.65 4.13
C CYS B 9 3.80 7.25 4.66
N VAL B 10 3.14 8.16 5.35
CA VAL B 10 1.73 7.99 5.80
C VAL B 10 0.92 9.26 5.50
N ILE B 11 -0.32 9.09 5.04
CA ILE B 11 -1.24 10.21 4.84
C ILE B 11 -2.32 10.12 5.92
N MET B 12 -2.52 11.23 6.63
CA MET B 12 -3.54 11.25 7.65
C MET B 12 -4.53 12.39 7.52
N ARG B 13 -5.73 12.13 8.03
CA ARG B 13 -6.62 13.20 8.37
C ARG B 13 -6.34 13.52 9.83
N ALA B 14 -6.05 14.79 10.08
CA ALA B 14 -5.74 15.33 11.40
C ALA B 14 -6.64 16.55 11.56
N GLY B 15 -7.52 16.50 12.57
CA GLY B 15 -8.60 17.46 12.66
C GLY B 15 -9.22 17.61 11.29
N THR B 16 -9.34 18.85 10.84
CA THR B 16 -10.00 19.17 9.58
C THR B 16 -9.00 19.30 8.46
N SER B 17 -7.75 18.92 8.74
CA SER B 17 -6.65 18.96 7.78
C SER B 17 -6.29 17.57 7.30
N LYS B 18 -5.62 17.53 6.16
CA LYS B 18 -4.88 16.38 5.72
C LYS B 18 -3.37 16.72 5.82
N GLY B 19 -2.64 15.83 6.50
CA GLY B 19 -1.18 15.90 6.64
C GLY B 19 -0.48 14.70 6.03
N ILE B 20 0.77 14.90 5.64
CA ILE B 20 1.67 13.84 5.21
C ILE B 20 2.66 13.65 6.36
N PHE B 21 2.69 12.45 6.95
CA PHE B 21 3.48 12.20 8.15
C PHE B 21 4.73 11.36 7.87
N LEU B 22 5.90 11.96 8.05
CA LEU B 22 7.14 11.27 7.76
C LEU B 22 7.96 11.07 9.02
N LYS B 23 8.88 10.12 8.99
CA LYS B 23 9.74 9.89 10.16
C LYS B 23 11.12 10.52 9.98
N GLY B 24 11.63 11.13 11.06
CA GLY B 24 12.91 11.83 11.10
C GLY B 24 14.04 11.24 10.25
N ASN B 25 14.36 9.96 10.44
CA ASN B 25 15.48 9.37 9.70
C ASN B 25 15.22 9.02 8.22
N ASP B 26 13.98 9.18 7.76
CA ASP B 26 13.65 8.86 6.38
C ASP B 26 13.86 10.06 5.46
N LEU B 27 14.10 11.23 6.04
CA LEU B 27 14.45 12.43 5.27
C LEU B 27 15.95 12.74 5.40
N PRO B 28 16.55 13.43 4.41
CA PRO B 28 17.99 13.83 4.48
C PRO B 28 18.30 14.79 5.63
N ALA B 29 19.51 14.70 6.17
CA ALA B 29 19.92 15.61 7.25
C ALA B 29 20.23 16.99 6.72
N ASP B 30 20.89 17.05 5.57
CA ASP B 30 21.21 18.33 4.92
C ASP B 30 19.92 19.13 4.68
N GLN B 31 19.77 20.22 5.41
CA GLN B 31 18.58 21.07 5.30
C GLN B 31 18.17 21.42 3.85
N GLU B 32 19.09 21.92 3.04
CA GLU B 32 18.75 22.28 1.65
C GLU B 32 18.18 21.08 0.87
N LEU B 33 18.74 19.90 1.06
CA LEU B 33 18.27 18.71 0.34
C LEU B 33 16.95 18.18 0.91
N ARG B 34 16.78 18.32 2.22
CA ARG B 34 15.55 17.93 2.88
C ARG B 34 14.35 18.67 2.28
N ASP B 35 14.46 19.98 2.16
CA ASP B 35 13.36 20.78 1.64
C ASP B 35 13.11 20.45 0.19
N LYS B 36 14.15 20.05 -0.52
CA LYS B 36 14.02 19.60 -1.90
C LYS B 36 13.11 18.36 -1.99
N VAL B 37 13.48 17.33 -1.23
CA VAL B 37 12.78 16.07 -1.14
C VAL B 37 11.35 16.26 -0.64
N ILE B 38 11.17 17.06 0.40
CA ILE B 38 9.83 17.37 0.87
C ILE B 38 8.99 17.94 -0.30
N LEU B 39 9.52 18.92 -1.02
CA LEU B 39 8.77 19.56 -2.11
C LEU B 39 8.40 18.60 -3.22
N ARG B 40 9.31 17.67 -3.55
CA ARG B 40 9.04 16.67 -4.60
C ARG B 40 7.92 15.74 -4.16
N ILE B 41 7.89 15.42 -2.86
CA ILE B 41 6.84 14.57 -2.28
C ILE B 41 5.44 15.18 -2.45
N PHE B 42 5.38 16.50 -2.30
CA PHE B 42 4.13 17.23 -2.26
C PHE B 42 3.70 17.59 -3.68
N GLY B 43 4.69 17.76 -4.57
CA GLY B 43 4.46 18.24 -5.94
C GLY B 43 4.52 19.76 -6.13
N SER B 44 5.32 20.45 -5.31
CA SER B 44 5.46 21.92 -5.36
C SER B 44 6.79 22.37 -5.97
N PRO B 45 6.84 23.57 -6.58
CA PRO B 45 5.70 24.45 -6.87
C PRO B 45 4.89 23.99 -8.11
N ASP B 46 3.57 24.11 -8.04
CA ASP B 46 2.66 23.80 -9.12
C ASP B 46 1.30 24.04 -8.52
N VAL B 47 0.51 24.87 -9.17
CA VAL B 47 -0.70 25.43 -8.56
C VAL B 47 -1.77 24.32 -8.38
N ARG B 48 -1.58 23.26 -9.18
CA ARG B 48 -2.39 22.05 -9.17
C ARG B 48 -1.73 20.90 -8.39
N GLN B 49 -0.44 21.04 -8.08
CA GLN B 49 0.30 19.97 -7.38
C GLN B 49 0.06 18.56 -8.02
N ILE B 50 0.06 18.52 -9.35
CA ILE B 50 -0.25 17.32 -10.08
C ILE B 50 0.78 16.20 -9.98
N ASP B 51 2.04 16.53 -9.69
CA ASP B 51 3.11 15.51 -9.68
C ASP B 51 3.63 15.17 -8.28
N GLY B 52 2.74 15.20 -7.29
CA GLY B 52 3.07 14.81 -5.93
C GLY B 52 1.79 14.47 -5.19
N LEU B 53 1.89 14.26 -3.87
CA LEU B 53 0.74 13.83 -3.06
C LEU B 53 -0.16 14.95 -2.53
N ALA B 54 0.29 16.18 -2.55
CA ALA B 54 -0.53 17.22 -1.95
C ALA B 54 -1.82 17.48 -2.75
N GLY B 55 -2.82 18.06 -2.10
CA GLY B 55 -4.11 18.27 -2.73
C GLY B 55 -4.33 19.66 -3.29
N ALA B 56 -3.27 20.47 -3.36
CA ALA B 56 -3.36 21.79 -3.98
C ALA B 56 -4.26 22.80 -3.23
N ASP B 57 -4.54 22.55 -1.97
CA ASP B 57 -5.21 23.51 -1.13
C ASP B 57 -4.37 23.53 0.13
N PRO B 58 -4.19 24.71 0.78
CA PRO B 58 -3.33 24.66 1.98
C PRO B 58 -3.87 23.69 3.03
N LEU B 59 -5.16 23.44 3.04
CA LEU B 59 -5.67 22.42 3.99
C LEU B 59 -5.00 21.08 3.83
N THR B 60 -4.62 20.77 2.60
CA THR B 60 -4.05 19.48 2.23
C THR B 60 -2.66 19.63 1.65
N SER B 61 -1.93 20.62 2.15
CA SER B 61 -0.50 20.74 1.82
C SER B 61 0.33 21.02 3.09
N LYS B 62 0.31 20.07 4.02
CA LYS B 62 0.96 20.19 5.32
C LYS B 62 1.82 18.99 5.65
N LEU B 63 2.85 19.20 6.45
CA LEU B 63 3.83 18.18 6.76
C LEU B 63 4.02 18.00 8.26
N ALA B 64 4.27 16.77 8.67
CA ALA B 64 4.60 16.51 10.05
C ALA B 64 5.81 15.59 10.01
N ILE B 65 6.93 16.02 10.56
CA ILE B 65 8.03 15.11 10.70
C ILE B 65 8.01 14.67 12.15
N ILE B 66 8.17 13.37 12.35
CA ILE B 66 8.03 12.78 13.68
C ILE B 66 9.30 11.97 13.98
N GLY B 67 9.89 12.17 15.15
CA GLY B 67 11.13 11.47 15.50
C GLY B 67 11.29 11.34 16.99
N PRO B 68 12.44 10.86 17.48
CA PRO B 68 12.56 10.66 18.93
C PRO B 68 12.57 11.98 19.72
N SER B 69 12.04 11.94 20.93
CA SER B 69 11.98 13.13 21.80
C SER B 69 13.32 13.78 22.14
N THR B 70 13.31 15.10 22.11
CA THR B 70 14.46 15.94 22.43
C THR B 70 14.20 16.70 23.74
N HIS B 71 13.16 16.30 24.46
CA HIS B 71 12.75 16.98 25.68
C HIS B 71 12.43 15.93 26.76
N PRO B 72 13.00 16.11 27.98
CA PRO B 72 12.86 15.23 29.14
C PRO B 72 11.45 14.66 29.43
N ASP B 73 10.40 15.42 29.13
CA ASP B 73 9.03 15.03 29.53
C ASP B 73 8.18 14.63 28.35
N ALA B 74 8.84 14.52 27.20
CA ALA B 74 8.15 14.28 25.96
C ALA B 74 8.44 12.87 25.48
N ASP B 75 7.40 12.26 24.89
CA ASP B 75 7.46 10.95 24.26
C ASP B 75 8.04 11.01 22.85
N VAL B 76 7.74 12.11 22.16
CA VAL B 76 8.06 12.26 20.75
C VAL B 76 8.34 13.72 20.38
N ASP B 77 9.23 13.92 19.42
CA ASP B 77 9.44 15.23 18.80
C ASP B 77 8.58 15.39 17.57
N TYR B 78 8.03 16.58 17.39
CA TYR B 78 7.17 16.86 16.24
C TYR B 78 7.43 18.23 15.56
N THR B 79 7.83 18.18 14.30
CA THR B 79 8.08 19.35 13.48
C THR B 79 6.95 19.56 12.48
N PHE B 80 6.39 20.76 12.45
CA PHE B 80 5.37 21.13 11.47
C PHE B 80 5.95 21.91 10.29
N ALA B 81 5.31 21.80 9.11
CA ALA B 81 5.59 22.73 8.01
C ALA B 81 4.43 22.91 7.01
N GLN B 82 4.17 24.15 6.62
CA GLN B 82 3.20 24.46 5.59
C GLN B 82 3.97 24.46 4.30
N VAL B 83 3.76 23.45 3.46
CA VAL B 83 4.45 23.37 2.18
C VAL B 83 3.70 24.30 1.25
N SER B 84 4.44 25.13 0.52
CA SER B 84 3.85 26.11 -0.37
C SER B 84 3.38 25.43 -1.66
N ILE B 85 2.20 25.82 -2.13
CA ILE B 85 1.61 25.26 -3.34
C ILE B 85 2.30 25.84 -4.56
N THR B 86 2.66 27.11 -4.42
CA THR B 86 2.93 27.93 -5.56
C THR B 86 4.41 28.29 -5.69
N ASP B 87 5.15 28.24 -4.58
CA ASP B 87 6.60 28.47 -4.63
C ASP B 87 7.41 27.37 -3.93
N ALA B 88 8.68 27.30 -4.27
CA ALA B 88 9.59 26.28 -3.75
C ALA B 88 10.00 26.60 -2.32
N VAL B 89 9.01 26.64 -1.42
CA VAL B 89 9.23 27.01 -0.04
C VAL B 89 8.59 26.06 0.95
N VAL B 90 9.36 25.69 1.98
CA VAL B 90 8.86 24.86 3.08
C VAL B 90 8.89 25.69 4.36
N ASP B 91 7.71 26.08 4.82
CA ASP B 91 7.59 27.13 5.81
C ASP B 91 7.40 26.58 7.23
N TYR B 92 8.46 26.65 8.03
CA TYR B 92 8.47 26.06 9.36
C TYR B 92 8.04 26.99 10.47
N ASN B 93 7.32 28.05 10.13
CA ASN B 93 6.95 29.05 11.11
C ASN B 93 6.18 28.57 12.32
N GLY B 94 4.85 28.51 12.25
CA GLY B 94 4.13 28.28 13.49
C GLY B 94 4.00 26.82 13.88
N ASN B 95 2.84 26.53 14.48
CA ASN B 95 2.36 25.18 14.68
C ASN B 95 0.92 25.15 14.19
N CYS B 96 0.39 23.94 13.96
CA CYS B 96 -0.97 23.79 13.51
C CYS B 96 -1.59 22.85 14.53
N GLY B 97 -2.61 23.37 15.24
CA GLY B 97 -3.32 22.61 16.27
C GLY B 97 -4.09 21.47 15.65
N ASN B 98 -4.37 21.59 14.35
CA ASN B 98 -5.00 20.54 13.55
C ASN B 98 -4.05 19.39 13.24
N ILE B 99 -2.92 19.69 12.61
CA ILE B 99 -1.97 18.64 12.26
C ILE B 99 -1.52 17.89 13.51
N SER B 100 -1.41 18.58 14.63
CA SER B 100 -0.85 17.92 15.81
C SER B 100 -1.88 16.98 16.41
N ALA B 101 -3.12 17.12 15.96
CA ALA B 101 -4.18 16.18 16.32
C ALA B 101 -3.90 14.76 15.85
N GLY B 102 -3.14 14.62 14.75
CA GLY B 102 -2.72 13.30 14.28
C GLY B 102 -1.41 12.74 14.83
N VAL B 103 -0.62 13.57 15.51
CA VAL B 103 0.66 13.14 16.05
C VAL B 103 0.48 11.99 17.07
N GLY B 104 -0.48 12.16 18.00
CA GLY B 104 -0.73 11.17 19.04
C GLY B 104 -1.01 9.78 18.50
N PRO B 105 -2.05 9.67 17.66
CA PRO B 105 -2.35 8.41 16.99
C PRO B 105 -1.16 7.84 16.19
N PHE B 106 -0.46 8.69 15.44
CA PHE B 106 0.68 8.20 14.66
C PHE B 106 1.68 7.56 15.60
N ALA B 107 1.96 8.23 16.72
CA ALA B 107 2.98 7.76 17.67
C ALA B 107 2.63 6.39 18.24
N ILE B 108 1.34 6.11 18.43
CA ILE B 108 0.86 4.86 19.02
C ILE B 108 0.88 3.78 17.95
N ASP B 109 0.34 4.09 16.78
CA ASP B 109 0.29 3.14 15.70
C ASP B 109 1.69 2.70 15.26
N GLU B 110 2.69 3.55 15.51
CA GLU B 110 4.08 3.21 15.18
C GLU B 110 4.91 2.71 16.39
N SER B 111 4.27 2.54 17.54
CA SER B 111 4.95 2.05 18.73
C SER B 111 6.08 2.95 19.24
N PHE B 112 5.92 4.27 19.10
CA PHE B 112 6.81 5.22 19.74
C PHE B 112 6.33 5.51 21.18
N VAL B 113 5.10 5.12 21.44
CA VAL B 113 4.47 5.27 22.74
C VAL B 113 3.67 4.02 22.92
N LYS B 114 3.89 3.32 24.04
CA LYS B 114 3.15 2.10 24.37
C LYS B 114 1.64 2.34 24.43
N ALA B 115 0.89 1.44 23.80
CA ALA B 115 -0.58 1.54 23.76
C ALA B 115 -1.18 1.12 25.09
N VAL B 116 -2.07 1.94 25.63
CA VAL B 116 -2.80 1.62 26.85
C VAL B 116 -4.31 1.74 26.60
N GLU B 117 -5.05 0.69 26.94
CA GLU B 117 -6.51 0.69 26.89
C GLU B 117 -7.08 1.13 28.25
N PRO B 118 -8.20 1.90 28.25
CA PRO B 118 -8.94 2.43 27.10
C PRO B 118 -8.30 3.71 26.52
N MET B 119 -7.20 4.14 27.12
CA MET B 119 -6.65 5.46 26.82
C MET B 119 -5.16 5.67 27.05
N THR B 120 -4.51 6.28 26.07
CA THR B 120 -3.11 6.66 26.20
C THR B 120 -2.97 8.16 26.21
N ARG B 121 -2.18 8.65 27.16
CA ARG B 121 -1.74 10.03 27.18
C ARG B 121 -0.46 10.07 26.39
N VAL B 122 -0.38 10.98 25.42
CA VAL B 122 0.84 11.19 24.62
C VAL B 122 1.35 12.62 24.85
N CYS B 123 2.61 12.75 25.26
CA CYS B 123 3.20 14.06 25.43
C CYS B 123 4.07 14.41 24.23
N ILE B 124 3.67 15.47 23.53
CA ILE B 124 4.26 15.86 22.25
C ILE B 124 5.12 17.10 22.40
N HIS B 125 6.41 16.98 22.08
CA HIS B 125 7.30 18.16 22.06
C HIS B 125 7.35 18.79 20.66
N ASN B 126 6.68 19.92 20.49
CA ASN B 126 6.72 20.63 19.21
C ASN B 126 8.01 21.44 18.95
N THR B 127 8.76 21.03 17.94
CA THR B 127 10.00 21.66 17.51
C THR B 127 9.92 23.16 17.12
N ASN B 128 8.95 23.52 16.27
CA ASN B 128 8.80 24.87 15.75
C ASN B 128 8.57 25.86 16.89
N THR B 129 7.99 25.36 17.97
CA THR B 129 7.47 26.21 19.03
C THR B 129 8.16 26.07 20.39
N GLY B 130 8.72 24.90 20.67
CA GLY B 130 9.33 24.62 21.97
C GLY B 130 8.35 24.10 23.02
N LYS B 131 7.05 24.31 22.82
CA LYS B 131 6.06 23.90 23.81
C LYS B 131 5.65 22.42 23.75
N LEU B 132 5.04 21.95 24.83
CA LEU B 132 4.53 20.60 24.90
C LEU B 132 3.04 20.60 24.66
N LEU B 133 2.57 19.53 24.03
CA LEU B 133 1.16 19.32 23.82
C LEU B 133 0.78 17.97 24.38
N TYR B 134 -0.42 17.88 24.95
CA TYR B 134 -0.84 16.65 25.61
C TYR B 134 -2.06 16.07 24.93
N ALA B 135 -1.88 14.89 24.36
CA ALA B 135 -2.93 14.22 23.64
C ALA B 135 -3.46 13.14 24.53
N GLU B 136 -4.77 13.07 24.68
CA GLU B 136 -5.43 11.93 25.34
C GLU B 136 -6.09 11.10 24.26
N VAL B 137 -5.55 9.92 23.99
CA VAL B 137 -5.99 9.10 22.83
C VAL B 137 -6.71 7.78 23.20
N GLU B 138 -7.89 7.57 22.62
CA GLU B 138 -8.56 6.28 22.79
C GLU B 138 -7.81 5.20 22.00
N VAL B 139 -7.47 4.13 22.72
CA VAL B 139 -6.73 3.01 22.16
C VAL B 139 -7.51 1.71 22.34
N GLU B 140 -7.50 0.88 21.31
CA GLU B 140 -8.06 -0.47 21.32
C GLU B 140 -7.14 -1.40 20.50
N ASP B 141 -6.69 -2.52 21.08
CA ASP B 141 -5.79 -3.45 20.36
C ASP B 141 -4.59 -2.75 19.73
N GLY B 142 -3.80 -2.07 20.56
CA GLY B 142 -2.53 -1.43 20.17
C GLY B 142 -2.60 -0.27 19.19
N LYS B 143 -3.80 0.22 18.94
CA LYS B 143 -4.03 1.21 17.91
C LYS B 143 -5.00 2.29 18.38
N ALA B 144 -4.86 3.49 17.86
CA ALA B 144 -5.82 4.56 18.05
C ALA B 144 -7.18 4.16 17.47
N LYS B 145 -8.24 4.28 18.28
CA LYS B 145 -9.60 4.03 17.85
C LYS B 145 -9.95 5.01 16.74
N VAL B 146 -10.75 4.58 15.78
CA VAL B 146 -11.17 5.49 14.73
C VAL B 146 -12.67 5.74 14.85
N SER B 147 -13.41 4.69 15.15
CA SER B 147 -14.87 4.79 15.24
C SER B 147 -15.39 5.28 16.58
N GLY B 148 -16.50 6.02 16.53
CA GLY B 148 -17.05 6.71 17.71
C GLY B 148 -18.16 7.69 17.36
N ASP B 149 -18.62 8.41 18.38
CA ASP B 149 -19.87 9.16 18.25
C ASP B 149 -19.67 10.68 18.11
N CYS B 150 -18.42 11.13 18.04
CA CYS B 150 -18.10 12.55 18.12
C CYS B 150 -18.04 13.25 16.75
N LYS B 151 -18.67 14.42 16.68
CA LYS B 151 -18.80 15.15 15.42
C LYS B 151 -17.99 16.44 15.44
N ILE B 152 -17.14 16.63 14.44
CA ILE B 152 -16.43 17.90 14.29
C ILE B 152 -16.80 18.54 12.94
N ASP B 153 -16.83 19.86 12.91
CA ASP B 153 -17.32 20.52 11.72
C ASP B 153 -16.21 20.64 10.71
N GLY B 154 -16.55 20.33 9.46
CA GLY B 154 -15.57 20.22 8.38
C GLY B 154 -15.23 18.78 8.03
N VAL B 155 -15.85 17.84 8.74
CA VAL B 155 -15.59 16.42 8.51
C VAL B 155 -16.93 15.71 8.50
N PRO B 156 -17.28 15.10 7.35
CA PRO B 156 -18.54 14.36 7.24
C PRO B 156 -18.55 13.19 8.20
N GLY B 157 -19.67 13.03 8.90
CA GLY B 157 -19.85 11.87 9.79
C GLY B 157 -19.17 12.04 11.13
N THR B 158 -18.94 10.91 11.79
CA THR B 158 -18.71 10.89 13.22
C THR B 158 -17.46 10.04 13.51
N ASN B 159 -16.73 10.31 14.58
CA ASN B 159 -15.50 9.54 14.93
C ASN B 159 -15.19 9.49 16.43
N ALA B 160 -14.14 8.76 16.78
CA ALA B 160 -13.69 8.68 18.15
C ALA B 160 -12.98 9.98 18.56
N PRO B 161 -13.35 10.53 19.73
CA PRO B 161 -12.86 11.85 20.09
C PRO B 161 -11.47 11.79 20.69
N GLU B 162 -10.70 12.84 20.43
CA GLU B 162 -9.37 12.98 21.00
C GLU B 162 -9.27 14.31 21.73
N LEU B 163 -8.72 14.27 22.93
CA LEU B 163 -8.50 15.48 23.72
C LEU B 163 -7.07 16.00 23.50
N MET B 164 -7.00 17.26 23.06
CA MET B 164 -5.74 17.95 22.74
C MET B 164 -5.57 19.16 23.63
N ASP B 165 -4.63 19.11 24.57
CA ASP B 165 -4.43 20.17 25.58
C ASP B 165 -3.30 21.20 25.29
N PHE B 166 -3.70 22.45 25.12
CA PHE B 166 -2.74 23.51 24.81
C PHE B 166 -2.28 24.32 26.01
N SER B 167 -2.63 23.85 27.21
CA SER B 167 -2.26 24.54 28.43
C SER B 167 -0.77 24.86 28.57
N ASP B 168 0.11 24.19 27.84
CA ASP B 168 1.50 24.61 27.88
C ASP B 168 1.86 25.76 26.92
N THR B 169 0.86 26.29 26.22
CA THR B 169 1.04 27.46 25.34
C THR B 169 0.49 28.74 26.02
N ALA B 170 0.31 28.64 27.33
CA ALA B 170 -0.01 29.79 28.19
C ALA B 170 1.11 30.81 28.13
N GLY B 171 0.78 32.04 27.80
CA GLY B 171 1.77 33.09 27.65
C GLY B 171 2.84 32.81 26.61
N ALA B 172 2.54 32.00 25.61
CA ALA B 172 3.52 31.70 24.60
C ALA B 172 3.91 32.95 23.82
N ALA B 173 2.93 33.77 23.46
CA ALA B 173 3.22 34.94 22.61
C ALA B 173 3.79 36.16 23.37
N THR B 174 3.52 36.25 24.66
CA THR B 174 3.85 37.46 25.41
C THR B 174 4.69 37.17 26.63
N GLY B 175 4.67 35.92 27.09
CA GLY B 175 5.34 35.54 28.31
C GLY B 175 4.39 35.48 29.47
N LYS B 176 3.19 36.03 29.30
CA LYS B 176 2.19 36.05 30.39
C LYS B 176 0.77 35.70 29.93
N VAL B 177 0.01 35.05 30.81
CA VAL B 177 -1.37 34.70 30.55
C VAL B 177 -2.19 35.99 30.37
N LEU B 178 -1.96 36.94 31.29
CA LEU B 178 -2.57 38.26 31.22
C LEU B 178 -1.48 39.27 30.88
N PRO B 179 -1.29 39.54 29.57
CA PRO B 179 -0.19 40.38 29.13
C PRO B 179 -0.16 41.78 29.75
N THR B 180 -1.28 42.23 30.31
CA THR B 180 -1.29 43.53 30.97
C THR B 180 -1.13 43.43 32.48
N GLY B 181 -1.42 42.27 33.07
CA GLY B 181 -1.50 42.15 34.52
C GLY B 181 -2.95 42.25 35.00
N ASN B 182 -3.78 42.86 34.17
CA ASN B 182 -5.17 43.09 34.50
C ASN B 182 -6.14 42.19 33.74
N VAL B 183 -7.20 41.76 34.43
CA VAL B 183 -8.28 40.97 33.83
C VAL B 183 -9.16 41.81 32.92
N VAL B 184 -9.37 43.07 33.28
CA VAL B 184 -10.03 44.04 32.42
C VAL B 184 -9.14 45.27 32.30
N ASP B 185 -9.09 45.87 31.11
CA ASP B 185 -8.42 47.17 30.89
C ASP B 185 -9.35 48.20 30.23
N VAL B 186 -9.24 49.45 30.67
CA VAL B 186 -9.93 50.52 29.97
C VAL B 186 -9.02 51.03 28.86
N LEU B 187 -9.49 50.90 27.63
CA LEU B 187 -8.71 51.31 26.50
C LEU B 187 -9.35 52.53 25.84
N SER B 188 -8.52 53.49 25.47
CA SER B 188 -9.03 54.71 24.85
C SER B 188 -9.23 54.52 23.39
N THR B 189 -10.27 55.13 22.88
CA THR B 189 -10.70 54.85 21.55
C THR B 189 -11.20 56.14 20.95
N SER B 190 -11.20 56.19 19.62
CA SER B 190 -11.83 57.26 18.88
C SER B 190 -13.34 57.44 19.15
N LYS B 191 -13.91 56.55 19.98
CA LYS B 191 -15.34 56.59 20.30
C LYS B 191 -15.54 56.58 21.80
N GLY B 192 -14.44 56.66 22.54
CA GLY B 192 -14.49 56.74 23.99
C GLY B 192 -13.71 55.61 24.58
N ASP B 193 -13.75 55.49 25.90
CA ASP B 193 -13.15 54.34 26.56
C ASP B 193 -14.00 53.09 26.31
N ILE B 194 -13.37 51.93 26.35
CA ILE B 194 -14.09 50.67 26.25
C ILE B 194 -13.32 49.65 27.09
N ASP B 195 -14.04 48.75 27.74
CA ASP B 195 -13.41 47.67 28.47
C ASP B 195 -12.93 46.57 27.53
N VAL B 196 -11.76 46.00 27.84
CA VAL B 196 -11.19 44.90 27.09
C VAL B 196 -10.48 43.94 28.03
N SER B 197 -10.53 42.65 27.69
CA SER B 197 -9.76 41.63 28.39
C SER B 197 -8.81 41.00 27.38
N ILE B 198 -7.53 40.94 27.73
CA ILE B 198 -6.52 40.37 26.85
C ILE B 198 -5.98 39.13 27.52
N VAL B 199 -6.19 37.98 26.88
CA VAL B 199 -5.68 36.68 27.39
C VAL B 199 -4.78 36.01 26.37
N ASP B 200 -3.73 35.36 26.85
CA ASP B 200 -2.75 34.74 25.94
C ASP B 200 -2.59 33.25 26.20
N VAL B 201 -3.50 32.46 25.64
CA VAL B 201 -3.38 31.00 25.65
C VAL B 201 -3.54 30.48 24.21
N ALA B 202 -2.52 29.77 23.75
CA ALA B 202 -2.37 29.37 22.33
C ALA B 202 -2.07 30.56 21.42
N ASN B 203 -2.83 31.64 21.59
CA ASN B 203 -2.67 32.87 20.80
C ASN B 203 -3.36 34.01 21.56
N PRO B 204 -2.87 35.24 21.44
CA PRO B 204 -3.53 36.28 22.22
C PRO B 204 -4.90 36.64 21.64
N CYS B 205 -5.92 36.75 22.51
CA CYS B 205 -7.19 37.30 22.09
C CYS B 205 -7.65 38.48 22.94
N ILE B 206 -8.38 39.36 22.29
CA ILE B 206 -8.99 40.50 22.91
C ILE B 206 -10.46 40.20 22.97
N PHE B 207 -11.04 40.49 24.12
CA PHE B 207 -12.44 40.22 24.33
C PHE B 207 -13.19 41.47 24.72
N VAL B 208 -14.37 41.63 24.13
CA VAL B 208 -15.14 42.83 24.22
C VAL B 208 -16.62 42.47 24.41
N HIS B 209 -17.31 43.18 25.32
CA HIS B 209 -18.76 43.09 25.38
C HIS B 209 -19.39 43.50 24.07
N ALA B 210 -20.26 42.65 23.55
CA ALA B 210 -20.95 42.93 22.30
C ALA B 210 -21.75 44.24 22.40
N LYS B 211 -22.26 44.52 23.59
CA LYS B 211 -23.01 45.73 23.85
C LYS B 211 -22.15 46.98 23.56
N ASP B 212 -20.90 46.95 24.03
CA ASP B 212 -19.99 48.08 23.93
C ASP B 212 -19.54 48.40 22.51
N VAL B 213 -19.91 47.57 21.54
CA VAL B 213 -19.72 47.89 20.14
C VAL B 213 -21.06 48.00 19.43
N ASN B 214 -22.11 48.27 20.21
CA ASN B 214 -23.48 48.47 19.70
C ASN B 214 -24.04 47.23 18.96
N MET B 215 -23.70 46.04 19.48
CA MET B 215 -24.19 44.77 18.96
C MET B 215 -24.99 44.03 20.03
N THR B 216 -25.97 43.23 19.59
CA THR B 216 -26.69 42.38 20.53
C THR B 216 -25.87 41.14 20.86
N GLY B 217 -25.01 40.73 19.92
CA GLY B 217 -24.08 39.62 20.14
C GLY B 217 -24.40 38.34 19.40
N THR B 218 -25.51 38.36 18.66
CA THR B 218 -26.12 37.15 18.11
C THR B 218 -26.42 37.27 16.61
N GLU B 219 -25.69 38.16 15.94
CA GLU B 219 -25.95 38.53 14.54
C GLU B 219 -25.40 37.51 13.53
N THR B 220 -25.32 37.89 12.26
CA THR B 220 -25.01 36.97 11.15
C THR B 220 -23.84 37.45 10.27
N PRO B 221 -23.02 36.51 9.73
CA PRO B 221 -21.94 36.84 8.78
C PRO B 221 -22.31 37.73 7.58
N ASP B 222 -23.59 37.83 7.25
CA ASP B 222 -24.06 38.83 6.28
C ASP B 222 -24.24 40.20 6.97
N VAL B 223 -24.86 40.17 8.15
CA VAL B 223 -25.14 41.39 8.95
C VAL B 223 -23.85 42.06 9.45
N ILE B 224 -23.00 41.28 10.12
CA ILE B 224 -21.75 41.79 10.71
C ILE B 224 -20.83 42.36 9.65
N ASN B 225 -20.49 41.54 8.65
CA ASN B 225 -19.65 41.98 7.55
C ASN B 225 -20.28 43.11 6.77
N GLY B 226 -21.59 43.29 6.96
CA GLY B 226 -22.37 44.31 6.26
C GLY B 226 -21.96 45.75 6.57
N ASN B 227 -21.90 46.11 7.85
CA ASN B 227 -21.56 47.50 8.22
C ASN B 227 -20.08 47.74 8.51
N ALA B 228 -19.48 48.55 7.64
CA ALA B 228 -18.06 48.84 7.64
C ALA B 228 -17.58 49.66 8.83
N ASP B 229 -18.52 50.28 9.57
CA ASP B 229 -18.17 51.03 10.78
C ASP B 229 -17.71 50.08 11.89
N LEU B 230 -18.47 49.00 12.08
CA LEU B 230 -18.13 47.97 13.06
C LEU B 230 -16.82 47.27 12.70
N LEU B 231 -16.66 46.90 11.43
CA LEU B 231 -15.43 46.27 10.99
C LEU B 231 -14.20 47.15 11.24
N ALA B 232 -14.30 48.40 10.78
CA ALA B 232 -13.29 49.43 11.02
C ALA B 232 -12.99 49.67 12.50
N TYR B 233 -14.02 49.66 13.34
CA TYR B 233 -13.81 49.94 14.75
C TYR B 233 -13.12 48.77 15.42
N LEU B 234 -13.38 47.55 14.95
CA LEU B 234 -12.82 46.37 15.61
C LEU B 234 -11.34 46.25 15.32
N GLU B 235 -10.94 46.65 14.11
CA GLU B 235 -9.54 46.69 13.72
C GLU B 235 -8.79 47.76 14.53
N GLU B 236 -9.45 48.89 14.77
CA GLU B 236 -8.88 49.91 15.62
C GLU B 236 -8.49 49.33 16.98
N ILE B 237 -9.46 48.71 17.66
CA ILE B 237 -9.26 48.10 18.98
C ILE B 237 -8.17 47.04 18.90
N ARG B 238 -8.30 46.16 17.93
CA ARG B 238 -7.34 45.09 17.78
C ARG B 238 -5.92 45.65 17.59
N ALA B 239 -5.75 46.57 16.66
CA ALA B 239 -4.44 47.17 16.38
C ALA B 239 -3.88 47.86 17.62
N LYS B 240 -4.77 48.48 18.40
CA LYS B 240 -4.28 49.20 19.59
C LYS B 240 -3.81 48.25 20.65
N CYS B 241 -4.45 47.09 20.76
CA CYS B 241 -4.08 46.14 21.79
C CYS B 241 -2.80 45.44 21.39
N CYS B 242 -2.72 45.12 20.11
CA CYS B 242 -1.51 44.63 19.50
C CYS B 242 -0.33 45.49 19.97
N VAL B 243 -0.39 46.80 19.76
CA VAL B 243 0.62 47.76 20.28
C VAL B 243 0.82 47.66 21.80
N LYS B 244 -0.27 47.76 22.56
CA LYS B 244 -0.20 47.72 24.03
C LYS B 244 0.47 46.49 24.63
N ILE B 245 0.35 45.32 23.99
CA ILE B 245 0.96 44.09 24.55
C ILE B 245 2.35 43.86 24.01
N GLY B 246 2.74 44.67 23.03
CA GLY B 246 4.14 44.74 22.59
C GLY B 246 4.47 44.07 21.26
N MET B 247 3.48 43.91 20.39
CA MET B 247 3.67 43.13 19.15
C MET B 247 3.69 43.99 17.91
N ALA B 248 3.56 45.29 18.12
CA ALA B 248 3.71 46.28 17.07
C ALA B 248 4.11 47.59 17.74
N ALA B 249 4.74 48.47 16.99
CA ALA B 249 5.07 49.78 17.53
C ALA B 249 3.98 50.82 17.18
N THR B 250 3.05 50.42 16.31
CA THR B 250 2.19 51.35 15.58
C THR B 250 0.93 50.65 15.09
N GLU B 251 -0.22 51.28 15.31
CA GLU B 251 -1.51 50.76 14.84
C GLU B 251 -1.48 50.36 13.37
N LYS B 252 -0.85 51.19 12.55
CA LYS B 252 -0.68 50.96 11.12
C LYS B 252 0.15 49.68 10.86
N GLU B 253 1.21 49.54 11.66
CA GLU B 253 2.11 48.40 11.59
C GLU B 253 1.42 47.14 12.10
N ALA B 254 0.78 47.27 13.26
CA ALA B 254 -0.13 46.25 13.77
C ALA B 254 -1.10 45.73 12.70
N SER B 255 -1.79 46.62 12.00
CA SER B 255 -2.83 46.14 11.10
C SER B 255 -2.37 45.73 9.67
N GLU B 256 -1.09 45.95 9.35
CA GLU B 256 -0.49 45.55 8.07
C GLU B 256 0.52 44.42 8.20
N LYS B 257 1.32 44.44 9.27
CA LYS B 257 2.36 43.44 9.45
C LYS B 257 1.92 42.31 10.37
N SER B 258 0.73 42.44 10.93
CA SER B 258 0.31 41.57 12.02
C SER B 258 -1.22 41.43 12.07
N PRO B 259 -1.87 41.18 10.91
CA PRO B 259 -3.33 41.22 10.89
C PRO B 259 -4.00 39.99 11.50
N ALA B 260 -3.23 38.93 11.73
CA ALA B 260 -3.77 37.69 12.26
C ALA B 260 -3.83 37.74 13.78
N PHE B 261 -2.79 38.25 14.42
CA PHE B 261 -2.73 38.21 15.87
C PHE B 261 -2.36 39.54 16.51
N PRO B 262 -2.90 39.83 17.72
CA PRO B 262 -3.90 39.09 18.49
C PRO B 262 -5.22 39.07 17.75
N MET B 263 -6.09 38.13 18.09
CA MET B 263 -7.41 38.13 17.48
C MET B 263 -8.41 38.88 18.36
N ILE B 264 -9.58 39.19 17.81
CA ILE B 264 -10.60 39.87 18.61
C ILE B 264 -12.00 39.27 18.49
N ALA B 265 -12.65 39.11 19.65
CA ALA B 265 -14.01 38.60 19.72
C ALA B 265 -14.97 39.44 20.59
N PHE B 266 -16.18 39.69 20.11
CA PHE B 266 -17.22 40.23 20.98
C PHE B 266 -18.22 39.18 21.48
N VAL B 267 -18.64 39.33 22.72
CA VAL B 267 -19.24 38.23 23.46
C VAL B 267 -20.49 38.64 24.24
N THR B 268 -21.43 37.70 24.42
CA THR B 268 -22.56 37.85 25.36
C THR B 268 -22.90 36.56 26.10
N LYS B 269 -23.76 36.71 27.12
CA LYS B 269 -24.41 35.62 27.85
C LYS B 269 -25.16 34.67 26.91
N PRO B 270 -25.38 33.41 27.34
CA PRO B 270 -26.23 32.47 26.59
C PRO B 270 -27.57 33.10 26.16
N GLU B 271 -27.90 32.89 24.89
CA GLU B 271 -29.13 33.36 24.28
C GLU B 271 -29.49 32.43 23.13
N ASP B 272 -30.75 32.52 22.68
CA ASP B 272 -31.16 31.90 21.43
C ASP B 272 -30.56 32.72 20.30
N TYR B 273 -30.23 32.07 19.19
CA TYR B 273 -29.82 32.76 17.98
C TYR B 273 -29.86 31.84 16.78
N VAL B 274 -29.76 32.42 15.59
CA VAL B 274 -29.90 31.68 14.34
C VAL B 274 -28.53 31.27 13.79
N ASP B 275 -28.46 30.00 13.37
CA ASP B 275 -27.35 29.47 12.59
C ASP B 275 -27.55 29.95 11.17
N PHE B 276 -26.57 30.66 10.64
CA PHE B 276 -26.67 31.21 9.30
C PHE B 276 -26.71 30.12 8.20
N SER B 277 -25.98 29.02 8.41
CA SER B 277 -25.90 27.94 7.41
C SER B 277 -27.17 27.10 7.29
N THR B 278 -27.84 26.85 8.42
CA THR B 278 -29.19 26.28 8.41
C THR B 278 -30.06 27.18 9.29
N GLY B 279 -31.00 27.91 8.67
CA GLY B 279 -31.82 28.91 9.39
C GLY B 279 -32.43 28.50 10.72
N ASN B 280 -31.87 27.46 11.33
CA ASN B 280 -32.30 26.86 12.60
C ASN B 280 -32.04 27.73 13.81
N THR B 281 -32.34 27.20 14.99
CA THR B 281 -32.19 27.96 16.22
C THR B 281 -31.44 27.18 17.32
N ILE B 282 -30.40 27.82 17.84
CA ILE B 282 -29.64 27.27 18.94
C ILE B 282 -30.12 27.86 20.28
N SER B 283 -30.73 27.02 21.10
CA SER B 283 -31.17 27.41 22.44
C SER B 283 -29.99 27.86 23.29
N GLY B 284 -30.24 28.87 24.10
CA GLY B 284 -29.27 29.40 25.05
C GLY B 284 -28.88 28.42 26.14
N ASP B 285 -29.68 27.36 26.32
CA ASP B 285 -29.27 26.32 27.28
C ASP B 285 -28.23 25.33 26.74
N ASP B 286 -28.08 25.31 25.41
CA ASP B 286 -26.99 24.58 24.76
C ASP B 286 -25.61 25.18 25.03
N VAL B 287 -25.53 26.50 25.20
CA VAL B 287 -24.24 27.20 25.22
C VAL B 287 -23.94 27.77 26.59
N ASP B 288 -22.69 28.14 26.83
CA ASP B 288 -22.27 28.83 28.06
C ASP B 288 -21.86 30.29 27.84
N LEU B 289 -21.80 30.67 26.57
CA LEU B 289 -21.71 32.06 26.11
C LEU B 289 -21.83 32.06 24.59
N VAL B 290 -22.35 33.15 24.04
CA VAL B 290 -22.30 33.37 22.62
C VAL B 290 -21.04 34.22 22.39
N SER B 291 -20.46 34.11 21.21
CA SER B 291 -19.23 34.80 20.90
C SER B 291 -19.12 34.94 19.40
N ARG B 292 -18.47 36.00 18.96
CA ARG B 292 -18.26 36.28 17.55
C ARG B 292 -16.81 36.74 17.28
N LEU B 293 -16.09 35.94 16.49
CA LEU B 293 -14.66 36.07 16.34
C LEU B 293 -14.27 36.66 15.01
N MET B 294 -13.44 37.70 15.05
CA MET B 294 -12.89 38.24 13.82
C MET B 294 -11.57 37.54 13.57
N PHE B 295 -11.27 37.36 12.29
CA PHE B 295 -9.97 36.87 11.89
C PHE B 295 -9.69 37.48 10.53
N MET B 296 -8.55 38.15 10.40
CA MET B 296 -8.17 38.82 9.16
C MET B 296 -9.19 39.89 8.70
N GLN B 297 -9.63 40.70 9.68
CA GLN B 297 -10.38 41.94 9.46
C GLN B 297 -11.80 41.67 9.04
N VAL B 298 -12.20 40.40 9.18
CA VAL B 298 -13.48 39.87 8.70
C VAL B 298 -14.01 38.85 9.71
N LEU B 299 -15.31 38.61 9.73
CA LEU B 299 -15.83 37.62 10.66
C LEU B 299 -15.41 36.21 10.28
N HIS B 300 -14.90 35.49 11.28
CA HIS B 300 -14.66 34.08 11.16
C HIS B 300 -16.02 33.38 11.20
N LYS B 301 -16.33 32.62 10.16
CA LYS B 301 -17.62 31.89 10.03
C LYS B 301 -17.88 30.84 11.10
N THR B 302 -16.84 30.37 11.79
CA THR B 302 -17.01 29.40 12.89
C THR B 302 -16.29 29.82 14.15
N TYR B 303 -15.04 29.36 14.28
CA TYR B 303 -14.19 29.68 15.40
C TYR B 303 -12.79 29.12 15.14
N ALA B 304 -11.77 29.91 15.42
CA ALA B 304 -10.41 29.40 15.27
C ALA B 304 -10.03 28.53 16.47
N GLY B 305 -9.39 27.41 16.17
CA GLY B 305 -8.84 26.50 17.17
C GLY B 305 -8.19 27.22 18.35
N THR B 306 -7.13 27.98 18.07
CA THR B 306 -6.41 28.73 19.11
C THR B 306 -7.30 29.72 19.89
N ALA B 307 -8.25 30.38 19.22
CA ALA B 307 -9.19 31.28 19.90
C ALA B 307 -10.04 30.52 20.88
N THR B 308 -10.54 29.36 20.44
CA THR B 308 -11.30 28.45 21.30
C THR B 308 -10.57 28.18 22.62
N ALA B 309 -9.31 27.75 22.54
CA ALA B 309 -8.52 27.45 23.72
C ALA B 309 -8.32 28.70 24.63
N CYS B 310 -8.19 29.84 23.96
CA CYS B 310 -7.99 31.11 24.61
C CYS B 310 -9.27 31.62 25.29
N THR B 311 -10.40 31.48 24.60
CA THR B 311 -11.71 31.86 25.12
C THR B 311 -12.09 31.01 26.34
N GLY B 312 -11.94 29.69 26.24
CA GLY B 312 -12.24 28.79 27.35
C GLY B 312 -11.49 29.20 28.60
N SER B 313 -10.22 29.57 28.42
CA SER B 313 -9.34 30.00 29.50
C SER B 313 -9.78 31.33 30.17
N ALA B 314 -9.95 32.37 29.34
CA ALA B 314 -10.50 33.65 29.80
C ALA B 314 -11.78 33.46 30.62
N ALA B 315 -12.66 32.59 30.15
CA ALA B 315 -13.90 32.28 30.83
C ALA B 315 -13.71 31.82 32.30
N ARG B 316 -12.59 31.18 32.58
CA ARG B 316 -12.31 30.67 33.94
C ARG B 316 -11.50 31.66 34.77
N ILE B 317 -10.96 32.69 34.13
CA ILE B 317 -10.24 33.73 34.87
C ILE B 317 -11.26 34.74 35.42
N PRO B 318 -11.45 34.73 36.75
CA PRO B 318 -12.52 35.54 37.35
C PRO B 318 -12.19 37.01 37.16
N GLY B 319 -13.21 37.79 36.78
CA GLY B 319 -13.01 39.19 36.46
C GLY B 319 -13.19 39.46 34.97
N THR B 320 -12.47 38.73 34.13
CA THR B 320 -12.46 38.99 32.68
C THR B 320 -13.87 39.15 32.12
N ILE B 321 -13.96 39.85 30.99
CA ILE B 321 -15.20 40.04 30.31
C ILE B 321 -15.87 38.71 30.00
N VAL B 322 -15.10 37.75 29.47
CA VAL B 322 -15.64 36.42 29.15
C VAL B 322 -16.23 35.74 30.40
N ASN B 323 -15.46 35.77 31.49
CA ASN B 323 -15.87 35.26 32.81
C ASN B 323 -17.13 35.89 33.39
N GLN B 324 -17.31 37.20 33.16
CA GLN B 324 -18.49 37.95 33.64
C GLN B 324 -19.74 37.50 32.91
N VAL B 325 -19.56 37.06 31.69
CA VAL B 325 -20.67 36.82 30.79
C VAL B 325 -20.99 35.30 30.67
N LEU B 326 -20.19 34.50 31.36
CA LEU B 326 -20.32 33.04 31.32
C LEU B 326 -21.41 32.52 32.27
N ARG B 327 -22.13 31.50 31.82
CA ARG B 327 -23.02 30.71 32.68
C ARG B 327 -22.16 29.90 33.66
N ASP B 328 -22.61 29.79 34.90
CA ASP B 328 -21.94 28.89 35.85
C ASP B 328 -22.02 27.45 35.31
N THR B 329 -20.97 26.66 35.58
CA THR B 329 -20.91 25.28 35.12
C THR B 329 -20.68 24.31 36.27
N GLY B 330 -19.95 24.77 37.29
CA GLY B 330 -19.86 24.11 38.60
C GLY B 330 -18.93 22.92 38.66
N ASP B 331 -19.51 21.73 38.52
CA ASP B 331 -18.75 20.50 38.46
C ASP B 331 -18.14 20.34 37.07
N GLU B 332 -18.93 20.67 36.04
CA GLU B 332 -18.54 20.49 34.64
C GLU B 332 -17.44 21.47 34.15
N ASP B 333 -16.31 20.89 33.73
CA ASP B 333 -15.14 21.68 33.29
C ASP B 333 -15.24 22.10 31.86
N THR B 334 -16.07 21.41 31.08
CA THR B 334 -16.32 21.85 29.72
C THR B 334 -17.01 23.20 29.78
N VAL B 335 -16.60 24.09 28.89
CA VAL B 335 -17.35 25.27 28.55
C VAL B 335 -17.71 25.16 27.07
N ARG B 336 -18.99 25.42 26.80
CA ARG B 336 -19.59 25.31 25.48
C ARG B 336 -19.65 26.71 24.90
N ILE B 337 -19.02 26.91 23.74
CA ILE B 337 -18.98 28.23 23.09
C ILE B 337 -19.96 28.35 21.94
N GLY B 338 -20.85 29.33 22.01
CA GLY B 338 -21.80 29.62 20.94
C GLY B 338 -21.27 30.43 19.76
N HIS B 339 -20.70 29.75 18.76
CA HIS B 339 -20.24 30.44 17.55
C HIS B 339 -21.35 30.53 16.50
N PRO B 340 -21.08 31.19 15.35
CA PRO B 340 -22.18 31.51 14.45
C PRO B 340 -22.85 30.34 13.68
N ALA B 341 -22.22 29.16 13.65
CA ALA B 341 -22.82 28.02 12.94
C ALA B 341 -22.89 26.72 13.74
N GLY B 342 -22.98 26.81 15.07
CA GLY B 342 -22.91 25.65 15.95
C GLY B 342 -22.27 25.92 17.31
N VAL B 343 -21.94 24.86 18.05
CA VAL B 343 -21.37 24.99 19.39
C VAL B 343 -20.09 24.16 19.49
N ILE B 344 -18.96 24.85 19.56
CA ILE B 344 -17.69 24.19 19.85
C ILE B 344 -17.55 24.11 21.35
N PRO B 345 -17.10 22.96 21.87
CA PRO B 345 -16.70 22.80 23.26
C PRO B 345 -15.17 22.86 23.51
N VAL B 346 -14.80 23.09 24.78
CA VAL B 346 -13.39 23.11 25.20
C VAL B 346 -13.28 22.82 26.70
N VAL B 347 -12.25 22.07 27.08
CA VAL B 347 -12.05 21.74 28.48
C VAL B 347 -11.04 22.70 29.12
N SER B 348 -11.53 23.47 30.10
CA SER B 348 -10.81 24.60 30.66
C SER B 348 -10.79 24.58 32.16
N ILE B 349 -9.59 24.50 32.73
CA ILE B 349 -9.40 24.62 34.17
C ILE B 349 -8.26 25.59 34.45
N VAL B 350 -8.56 26.64 35.20
CA VAL B 350 -7.57 27.58 35.67
C VAL B 350 -7.69 27.72 37.19
N LYS B 351 -6.58 27.50 37.88
CA LYS B 351 -6.54 27.63 39.33
C LYS B 351 -5.35 28.45 39.75
N ASP B 352 -5.66 29.54 40.46
CA ASP B 352 -4.66 30.49 40.99
C ASP B 352 -3.80 31.09 39.90
N GLY B 353 -4.46 31.67 38.89
CA GLY B 353 -3.78 32.39 37.80
C GLY B 353 -2.92 31.57 36.86
N LYS B 354 -2.90 30.24 37.07
CA LYS B 354 -2.16 29.33 36.20
C LYS B 354 -3.10 28.32 35.54
N VAL B 355 -2.90 28.14 34.23
CA VAL B 355 -3.82 27.33 33.40
C VAL B 355 -3.36 25.87 33.37
N GLU B 356 -4.31 24.97 33.62
CA GLU B 356 -4.02 23.55 33.75
C GLU B 356 -4.52 22.70 32.57
N LYS B 357 -5.77 22.88 32.18
CA LYS B 357 -6.26 22.30 30.94
C LYS B 357 -6.88 23.38 30.08
N ALA B 358 -6.40 23.44 28.84
CA ALA B 358 -7.05 24.15 27.75
C ALA B 358 -7.10 23.17 26.58
N ALA B 359 -8.14 22.36 26.55
CA ALA B 359 -8.18 21.20 25.65
C ALA B 359 -9.32 21.19 24.61
N LEU B 360 -8.94 21.11 23.34
CA LEU B 360 -9.93 21.02 22.24
C LEU B 360 -10.27 19.55 21.95
N ILE B 361 -11.47 19.31 21.42
CA ILE B 361 -11.86 17.96 21.05
C ILE B 361 -11.62 17.81 19.58
N ARG B 362 -10.66 16.96 19.22
CA ARG B 362 -10.35 16.69 17.82
C ARG B 362 -10.55 15.23 17.45
N THR B 363 -10.40 14.99 16.17
CA THR B 363 -10.61 13.69 15.57
C THR B 363 -9.50 13.46 14.53
N ALA B 364 -9.09 12.22 14.34
CA ALA B 364 -8.03 11.90 13.39
C ALA B 364 -8.10 10.45 12.93
N ARG B 365 -7.48 10.17 11.80
CA ARG B 365 -7.58 8.86 11.18
C ARG B 365 -6.51 8.69 10.11
N ARG B 366 -5.87 7.51 10.08
CA ARG B 366 -4.88 7.19 9.08
C ARG B 366 -5.63 6.90 7.81
N ILE B 367 -5.19 7.48 6.70
CA ILE B 367 -5.84 7.30 5.38
C ILE B 367 -5.07 6.32 4.50
N MET B 368 -3.74 6.40 4.47
CA MET B 368 -2.93 5.46 3.72
C MET B 368 -1.53 5.28 4.34
N GLU B 369 -0.91 4.11 4.12
CA GLU B 369 0.49 3.91 4.45
C GLU B 369 1.17 3.25 3.26
N GLY B 370 2.47 3.49 3.09
CA GLY B 370 3.19 2.90 1.98
C GLY B 370 4.43 3.67 1.60
N TYR B 371 4.78 3.66 0.31
CA TYR B 371 6.00 4.32 -0.14
C TYR B 371 5.70 5.41 -1.16
N VAL B 372 6.09 6.66 -0.87
CA VAL B 372 6.17 7.67 -1.94
C VAL B 372 7.41 7.51 -2.77
N TYR B 373 7.25 7.80 -4.04
CA TYR B 373 8.33 7.82 -4.99
C TYR B 373 8.72 9.26 -5.26
N VAL B 374 10.02 9.57 -5.20
CA VAL B 374 10.49 10.82 -5.78
C VAL B 374 11.54 10.52 -6.84
N GLU B 375 11.43 11.27 -7.93
CA GLU B 375 12.27 11.08 -9.11
C GLU B 375 13.67 11.67 -8.91
N LYS B 376 14.68 10.81 -8.92
CA LYS B 376 16.07 11.20 -8.60
C LYS B 376 16.64 12.37 -9.44
N ALA B 377 16.42 12.36 -10.76
CA ALA B 377 16.81 13.50 -11.65
C ALA B 377 16.33 14.89 -11.20
N LYS B 378 15.26 14.97 -10.42
CA LYS B 378 14.74 16.28 -10.02
C LYS B 378 15.25 16.67 -8.66
N LEU B 379 16.14 15.84 -8.12
CA LEU B 379 16.79 16.09 -6.84
C LEU B 379 18.23 16.57 -7.03
N VAL B 380 18.81 16.25 -8.19
CA VAL B 380 20.12 16.70 -8.64
C VAL B 380 20.39 18.19 -8.36
N GLY B 381 21.50 18.42 -7.68
CA GLY B 381 21.90 19.75 -7.23
C GLY B 381 22.33 20.62 -8.39
N SER B 382 21.53 21.65 -8.68
CA SER B 382 21.87 22.58 -9.76
C SER B 382 22.84 23.69 -9.30
N ALA B 383 23.38 24.44 -10.26
CA ALA B 383 24.21 25.62 -9.96
C ALA B 383 23.34 26.75 -9.40
N TRP B 384 22.15 26.89 -9.98
CA TRP B 384 21.21 27.96 -9.67
C TRP B 384 19.83 27.61 -10.26
N SER B 385 18.81 27.55 -9.43
CA SER B 385 17.48 27.15 -9.91
C SER B 385 16.39 28.13 -9.54
N HIS B 386 16.09 29.06 -10.45
CA HIS B 386 14.95 29.96 -10.30
C HIS B 386 13.91 29.69 -11.40
N PRO B 387 12.71 29.24 -11.01
CA PRO B 387 11.75 28.90 -12.06
C PRO B 387 10.99 30.15 -12.52
N GLN B 388 11.65 31.02 -13.28
CA GLN B 388 11.00 32.26 -13.72
C GLN B 388 11.31 32.65 -15.17
N SER C 2 -10.35 -11.28 4.55
CA SER C 2 -11.29 -11.83 5.59
C SER C 2 -10.82 -13.15 6.30
N ASP C 3 -10.18 -14.08 5.60
CA ASP C 3 -9.69 -15.31 6.27
C ASP C 3 -8.48 -15.10 7.16
N GLN C 4 -7.63 -14.17 6.75
CA GLN C 4 -6.35 -13.94 7.44
C GLN C 4 -6.24 -12.49 7.92
N MET C 5 -5.29 -12.24 8.81
CA MET C 5 -4.93 -10.87 9.18
C MET C 5 -3.46 -10.58 8.95
N ARG C 6 -3.19 -9.35 8.51
CA ARG C 6 -1.86 -8.81 8.35
C ARG C 6 -1.25 -8.31 9.65
N ILE C 7 0.04 -8.55 9.83
CA ILE C 7 0.82 -7.92 10.92
C ILE C 7 2.11 -7.40 10.32
N PRO C 8 2.44 -6.12 10.58
CA PRO C 8 3.72 -5.60 10.12
C PRO C 8 4.81 -6.38 10.83
N CYS C 9 5.97 -6.46 10.19
CA CYS C 9 6.92 -7.48 10.50
C CYS C 9 8.16 -7.20 9.69
N VAL C 10 9.35 -7.34 10.32
CA VAL C 10 10.59 -7.38 9.56
C VAL C 10 11.47 -8.58 9.95
N ILE C 11 12.37 -8.99 9.05
CA ILE C 11 13.23 -10.16 9.25
C ILE C 11 14.66 -9.72 9.11
N MET C 12 15.47 -10.04 10.12
CA MET C 12 16.88 -9.62 10.12
C MET C 12 17.89 -10.75 10.24
N ARG C 13 19.04 -10.56 9.63
CA ARG C 13 20.23 -11.28 10.06
C ARG C 13 20.81 -10.45 11.19
N ALA C 14 20.89 -11.05 12.36
CA ALA C 14 21.47 -10.38 13.50
C ALA C 14 22.63 -11.25 13.92
N GLY C 15 23.85 -10.81 13.62
CA GLY C 15 25.03 -11.63 13.90
C GLY C 15 24.89 -12.94 13.14
N THR C 16 24.90 -14.05 13.87
CA THR C 16 24.90 -15.36 13.25
C THR C 16 23.51 -15.95 13.21
N SER C 17 22.53 -15.15 13.61
CA SER C 17 21.16 -15.59 13.68
C SER C 17 20.26 -14.89 12.68
N LYS C 18 19.08 -15.46 12.49
CA LYS C 18 18.02 -14.76 11.79
C LYS C 18 16.93 -14.47 12.83
N GLY C 19 16.49 -13.21 12.90
CA GLY C 19 15.41 -12.83 13.77
C GLY C 19 14.17 -12.33 13.04
N ILE C 20 13.03 -12.51 13.68
CA ILE C 20 11.80 -11.89 13.26
C ILE C 20 11.53 -10.76 14.24
N PHE C 21 11.49 -9.52 13.72
CA PHE C 21 11.37 -8.31 14.54
C PHE C 21 9.99 -7.66 14.54
N LEU C 22 9.41 -7.49 15.73
CA LEU C 22 8.08 -6.89 15.83
C LEU C 22 8.01 -5.73 16.81
N LYS C 23 7.19 -4.75 16.46
CA LYS C 23 6.91 -3.62 17.31
C LYS C 23 5.86 -4.01 18.33
N GLY C 24 6.14 -3.70 19.59
CA GLY C 24 5.25 -3.94 20.71
C GLY C 24 3.76 -3.75 20.45
N ASN C 25 3.38 -2.62 19.84
CA ASN C 25 1.95 -2.37 19.62
C ASN C 25 1.26 -3.20 18.50
N ASP C 26 2.04 -3.88 17.67
CA ASP C 26 1.48 -4.70 16.58
C ASP C 26 1.00 -6.10 17.04
N LEU C 27 1.23 -6.39 18.32
CA LEU C 27 0.86 -7.65 18.96
C LEU C 27 -0.24 -7.50 20.02
N PRO C 28 -1.03 -8.58 20.23
CA PRO C 28 -2.00 -8.62 21.32
C PRO C 28 -1.46 -8.18 22.69
N ALA C 29 -2.31 -7.47 23.44
CA ALA C 29 -1.95 -7.11 24.81
C ALA C 29 -2.03 -8.35 25.73
N ASP C 30 -3.10 -9.11 25.61
CA ASP C 30 -3.26 -10.34 26.37
C ASP C 30 -2.19 -11.41 26.04
N GLN C 31 -1.43 -11.81 27.06
CA GLN C 31 -0.36 -12.82 26.94
C GLN C 31 -0.74 -14.18 26.32
N GLU C 32 -1.94 -14.66 26.61
CA GLU C 32 -2.40 -15.89 26.00
C GLU C 32 -2.44 -15.71 24.47
N LEU C 33 -3.14 -14.65 24.02
CA LEU C 33 -3.34 -14.43 22.60
C LEU C 33 -2.04 -14.04 21.95
N ARG C 34 -1.21 -13.30 22.69
CA ARG C 34 0.07 -12.85 22.18
C ARG C 34 0.90 -14.06 21.83
N ASP C 35 0.78 -15.12 22.61
CA ASP C 35 1.60 -16.30 22.35
C ASP C 35 1.09 -17.12 21.16
N LYS C 36 -0.22 -17.35 21.11
CA LYS C 36 -0.84 -17.99 19.93
C LYS C 36 -0.39 -17.34 18.61
N VAL C 37 -0.28 -16.01 18.59
CA VAL C 37 -0.08 -15.24 17.35
C VAL C 37 1.38 -15.34 16.91
N ILE C 38 2.28 -15.37 17.88
CA ILE C 38 3.71 -15.52 17.61
C ILE C 38 3.97 -16.92 17.02
N LEU C 39 3.31 -17.93 17.61
CA LEU C 39 3.45 -19.32 17.18
C LEU C 39 2.98 -19.45 15.74
N ARG C 40 1.93 -18.70 15.41
CA ARG C 40 1.37 -18.71 14.07
C ARG C 40 2.24 -17.99 13.04
N ILE C 41 2.91 -16.91 13.47
CA ILE C 41 3.87 -16.18 12.62
C ILE C 41 5.07 -17.08 12.32
N PHE C 42 5.55 -17.76 13.37
CA PHE C 42 6.72 -18.63 13.28
C PHE C 42 6.44 -19.97 12.56
N GLY C 43 5.21 -20.47 12.67
CA GLY C 43 4.87 -21.78 12.13
C GLY C 43 5.11 -22.92 13.12
N SER C 44 4.93 -22.61 14.41
CA SER C 44 5.15 -23.56 15.47
C SER C 44 3.81 -23.93 16.06
N PRO C 45 3.64 -25.17 16.59
CA PRO C 45 4.62 -26.25 16.66
C PRO C 45 4.64 -27.11 15.40
N ASP C 46 5.85 -27.35 14.86
CA ASP C 46 6.05 -28.20 13.68
C ASP C 46 7.54 -28.28 13.33
N VAL C 47 8.05 -29.50 13.27
CA VAL C 47 9.46 -29.82 12.95
C VAL C 47 9.99 -29.11 11.68
N ARG C 48 9.09 -28.92 10.70
CA ARG C 48 9.47 -28.29 9.44
C ARG C 48 9.21 -26.77 9.43
N GLN C 49 8.34 -26.31 10.33
CA GLN C 49 7.92 -24.91 10.37
C GLN C 49 7.49 -24.42 8.98
N ILE C 50 6.56 -25.17 8.39
CA ILE C 50 6.24 -25.06 6.99
C ILE C 50 5.12 -24.05 6.74
N ASP C 51 4.33 -23.77 7.78
CA ASP C 51 3.19 -22.87 7.70
C ASP C 51 3.47 -21.57 8.49
N GLY C 52 4.65 -20.99 8.28
CA GLY C 52 5.11 -19.84 9.04
C GLY C 52 6.48 -19.36 8.57
N LEU C 53 6.97 -18.28 9.16
CA LEU C 53 8.18 -17.65 8.64
C LEU C 53 9.50 -18.31 9.01
N ALA C 54 9.57 -18.96 10.18
CA ALA C 54 10.84 -19.48 10.71
C ALA C 54 11.35 -20.63 9.87
N GLY C 55 12.66 -20.88 9.98
CA GLY C 55 13.35 -21.84 9.14
C GLY C 55 13.82 -23.08 9.85
N ALA C 56 13.02 -23.52 10.83
CA ALA C 56 13.12 -24.83 11.47
C ALA C 56 14.44 -25.17 12.22
N ASP C 57 15.38 -24.23 12.28
CA ASP C 57 16.59 -24.41 13.09
C ASP C 57 16.51 -23.46 14.28
N PRO C 58 17.07 -23.85 15.44
CA PRO C 58 17.00 -22.89 16.56
C PRO C 58 17.62 -21.52 16.23
N LEU C 59 18.53 -21.46 15.26
CA LEU C 59 19.17 -20.18 14.94
C LEU C 59 18.28 -19.27 14.12
N THR C 60 17.17 -19.81 13.64
CA THR C 60 16.28 -19.09 12.75
C THR C 60 14.85 -19.11 13.22
N SER C 61 14.67 -19.35 14.51
CA SER C 61 13.36 -19.34 15.15
C SER C 61 13.41 -18.49 16.42
N LYS C 62 13.92 -17.27 16.30
CA LYS C 62 13.88 -16.34 17.44
C LYS C 62 13.22 -15.00 17.19
N LEU C 63 12.66 -14.44 18.25
CA LEU C 63 11.85 -13.24 18.20
C LEU C 63 12.50 -12.06 18.92
N ALA C 64 12.41 -10.88 18.33
CA ALA C 64 12.76 -9.65 19.03
C ALA C 64 11.54 -8.74 18.97
N ILE C 65 10.99 -8.42 20.13
CA ILE C 65 9.92 -7.42 20.20
C ILE C 65 10.53 -6.10 20.64
N ILE C 66 10.27 -5.05 19.85
CA ILE C 66 10.91 -3.77 20.08
C ILE C 66 9.81 -2.77 20.39
N GLY C 67 10.00 -1.97 21.44
CA GLY C 67 8.97 -1.02 21.90
C GLY C 67 9.55 0.22 22.56
N PRO C 68 8.69 1.12 23.07
CA PRO C 68 9.26 2.32 23.65
C PRO C 68 9.99 1.98 24.93
N SER C 69 11.06 2.75 25.19
CA SER C 69 11.92 2.52 26.32
C SER C 69 11.18 2.74 27.62
N THR C 70 11.42 1.85 28.56
CA THR C 70 10.71 1.87 29.82
C THR C 70 11.71 2.18 30.93
N HIS C 71 12.91 2.58 30.49
CA HIS C 71 14.02 2.84 31.36
C HIS C 71 14.58 4.22 31.03
N PRO C 72 14.58 5.15 32.02
CA PRO C 72 15.12 6.52 31.85
C PRO C 72 16.45 6.63 31.13
N ASP C 73 17.24 5.56 31.09
CA ASP C 73 18.59 5.64 30.47
C ASP C 73 18.65 4.89 29.13
N ALA C 74 17.49 4.43 28.66
CA ALA C 74 17.45 3.63 27.43
C ALA C 74 16.72 4.34 26.31
N ASP C 75 17.18 4.10 25.09
CA ASP C 75 16.53 4.59 23.89
C ASP C 75 15.37 3.67 23.53
N VAL C 76 15.50 2.40 23.93
CA VAL C 76 14.56 1.40 23.46
C VAL C 76 14.49 0.11 24.32
N ASP C 77 13.26 -0.36 24.57
CA ASP C 77 12.96 -1.66 25.18
C ASP C 77 13.05 -2.78 24.14
N TYR C 78 13.54 -3.94 24.56
CA TYR C 78 13.77 -5.09 23.71
C TYR C 78 13.48 -6.39 24.45
N THR C 79 12.51 -7.15 23.95
CA THR C 79 12.12 -8.40 24.57
C THR C 79 12.46 -9.55 23.65
N PHE C 80 13.32 -10.46 24.11
CA PHE C 80 13.75 -11.61 23.31
C PHE C 80 12.95 -12.90 23.60
N ALA C 81 12.72 -13.70 22.56
CA ALA C 81 12.10 -15.01 22.75
C ALA C 81 12.64 -16.08 21.79
N GLN C 82 12.86 -17.27 22.36
CA GLN C 82 13.18 -18.46 21.59
C GLN C 82 11.87 -19.18 21.33
N VAL C 83 11.47 -19.24 20.07
CA VAL C 83 10.21 -19.85 19.70
C VAL C 83 10.51 -21.31 19.36
N SER C 84 9.93 -22.19 20.16
CA SER C 84 10.13 -23.60 20.02
C SER C 84 9.58 -24.05 18.67
N ILE C 85 10.34 -24.93 18.00
CA ILE C 85 9.98 -25.53 16.71
C ILE C 85 8.94 -26.61 16.97
N THR C 86 9.23 -27.45 17.97
CA THR C 86 8.49 -28.69 18.26
C THR C 86 7.33 -28.54 19.24
N ASP C 87 7.43 -27.62 20.20
CA ASP C 87 6.39 -27.40 21.22
C ASP C 87 5.69 -26.06 21.11
N ALA C 88 4.42 -26.00 21.56
CA ALA C 88 3.65 -24.74 21.69
C ALA C 88 4.21 -23.81 22.78
N VAL C 89 5.49 -23.47 22.66
CA VAL C 89 6.20 -22.72 23.69
C VAL C 89 6.94 -21.47 23.17
N VAL C 90 6.62 -20.32 23.77
CA VAL C 90 7.40 -19.09 23.57
C VAL C 90 8.22 -18.79 24.83
N ASP C 91 9.52 -19.00 24.75
CA ASP C 91 10.38 -18.98 25.93
C ASP C 91 11.05 -17.61 26.14
N TYR C 92 10.68 -16.90 27.20
CA TYR C 92 11.21 -15.55 27.44
C TYR C 92 12.38 -15.53 28.40
N ASN C 93 13.07 -16.65 28.53
CA ASN C 93 14.16 -16.73 29.50
C ASN C 93 15.55 -16.42 28.92
N GLY C 94 15.99 -15.18 29.09
CA GLY C 94 17.36 -14.82 28.75
C GLY C 94 17.54 -13.73 27.71
N ASN C 95 18.79 -13.48 27.36
CA ASN C 95 19.13 -12.53 26.33
C ASN C 95 19.83 -13.28 25.21
N CYS C 96 19.64 -12.81 23.97
CA CYS C 96 20.44 -13.32 22.85
C CYS C 96 21.39 -12.24 22.37
N GLY C 97 22.68 -12.51 22.52
CA GLY C 97 23.73 -11.58 22.14
C GLY C 97 23.77 -11.27 20.66
N ASN C 98 23.55 -12.28 19.82
CA ASN C 98 23.49 -12.07 18.37
C ASN C 98 22.25 -11.27 17.95
N ILE C 99 21.08 -11.63 18.49
CA ILE C 99 19.83 -10.93 18.20
C ILE C 99 19.82 -9.48 18.65
N SER C 100 20.45 -9.20 19.78
CA SER C 100 20.56 -7.83 20.25
C SER C 100 21.41 -6.96 19.31
N ALA C 101 22.18 -7.61 18.43
CA ALA C 101 22.94 -6.94 17.37
C ALA C 101 22.05 -6.36 16.26
N GLY C 102 20.84 -6.90 16.14
CA GLY C 102 19.87 -6.37 15.19
C GLY C 102 19.15 -5.13 15.71
N VAL C 103 19.00 -5.04 17.03
CA VAL C 103 18.17 -4.04 17.66
C VAL C 103 18.55 -2.61 17.29
N GLY C 104 19.80 -2.25 17.53
CA GLY C 104 20.27 -0.89 17.27
C GLY C 104 19.92 -0.43 15.87
N PRO C 105 20.44 -1.14 14.85
CA PRO C 105 20.17 -0.80 13.43
C PRO C 105 18.68 -0.68 13.11
N PHE C 106 17.86 -1.55 13.71
CA PHE C 106 16.41 -1.52 13.54
C PHE C 106 15.80 -0.29 14.20
N ALA C 107 16.27 0.05 15.38
CA ALA C 107 15.81 1.25 16.08
C ALA C 107 16.10 2.52 15.26
N ILE C 108 17.28 2.59 14.65
CA ILE C 108 17.66 3.70 13.80
C ILE C 108 16.78 3.74 12.55
N ASP C 109 16.65 2.60 11.86
CA ASP C 109 15.93 2.54 10.60
C ASP C 109 14.44 2.82 10.78
N GLU C 110 13.93 2.56 11.97
CA GLU C 110 12.56 2.87 12.30
C GLU C 110 12.36 4.21 13.03
N SER C 111 13.42 5.02 13.10
CA SER C 111 13.39 6.32 13.81
C SER C 111 12.94 6.29 15.29
N PHE C 112 13.32 5.21 16.00
CA PHE C 112 13.24 5.17 17.48
C PHE C 112 14.44 5.92 18.07
N VAL C 113 15.51 5.97 17.28
CA VAL C 113 16.74 6.61 17.66
C VAL C 113 17.15 7.54 16.53
N LYS C 114 17.57 8.77 16.85
CA LYS C 114 17.98 9.72 15.83
C LYS C 114 19.35 9.32 15.23
N ALA C 115 19.43 9.36 13.90
CA ALA C 115 20.65 8.97 13.19
C ALA C 115 21.72 10.04 13.27
N VAL C 116 22.94 9.64 13.63
CA VAL C 116 24.09 10.55 13.68
C VAL C 116 25.22 9.94 12.84
N GLU C 117 25.57 10.59 11.74
CA GLU C 117 26.67 10.09 10.88
C GLU C 117 28.02 10.10 11.62
N PRO C 118 29.03 9.46 11.03
CA PRO C 118 29.74 8.29 11.37
C PRO C 118 28.98 7.28 12.20
N MET C 119 28.66 7.62 13.45
CA MET C 119 28.43 6.57 14.43
C MET C 119 27.34 6.95 15.40
N THR C 120 26.31 6.13 15.51
CA THR C 120 25.25 6.35 16.50
C THR C 120 25.38 5.35 17.67
N ARG C 121 25.48 5.88 18.88
CA ARG C 121 25.38 5.08 20.11
C ARG C 121 23.90 4.80 20.41
N VAL C 122 23.55 3.53 20.55
CA VAL C 122 22.19 3.14 20.94
C VAL C 122 22.26 2.42 22.29
N CYS C 123 21.38 2.81 23.21
CA CYS C 123 21.26 2.12 24.49
C CYS C 123 19.99 1.31 24.60
N ILE C 124 20.19 0.01 24.80
CA ILE C 124 19.14 -0.99 24.71
C ILE C 124 18.75 -1.50 26.11
N HIS C 125 17.46 -1.43 26.42
CA HIS C 125 16.95 -2.02 27.65
C HIS C 125 16.39 -3.42 27.38
N ASN C 126 17.10 -4.43 27.85
CA ASN C 126 16.60 -5.81 27.74
C ASN C 126 15.56 -6.08 28.80
N THR C 127 14.42 -6.59 28.36
CA THR C 127 13.31 -6.83 29.26
C THR C 127 13.50 -8.07 30.14
N ASN C 128 13.92 -9.18 29.52
CA ASN C 128 14.00 -10.48 30.18
C ASN C 128 14.92 -10.42 31.40
N THR C 129 15.87 -9.50 31.32
CA THR C 129 16.98 -9.40 32.25
C THR C 129 16.84 -8.16 33.11
N GLY C 130 16.46 -7.05 32.49
CA GLY C 130 16.45 -5.76 33.16
C GLY C 130 17.70 -4.97 32.81
N LYS C 131 18.72 -5.64 32.28
CA LYS C 131 20.02 -4.98 32.04
C LYS C 131 20.11 -4.21 30.72
N LEU C 132 21.02 -3.23 30.70
CA LEU C 132 21.26 -2.38 29.53
C LEU C 132 22.39 -2.87 28.62
N LEU C 133 22.17 -2.83 27.31
CA LEU C 133 23.25 -3.13 26.35
C LEU C 133 23.63 -1.91 25.54
N TYR C 134 24.88 -1.88 25.09
CA TYR C 134 25.36 -0.74 24.33
C TYR C 134 25.78 -1.10 22.92
N ALA C 135 25.15 -0.46 21.94
CA ALA C 135 25.43 -0.67 20.53
C ALA C 135 26.02 0.59 19.93
N GLU C 136 27.11 0.42 19.19
CA GLU C 136 27.71 1.53 18.45
C GLU C 136 27.55 1.22 16.98
N VAL C 137 26.69 2.01 16.33
CA VAL C 137 26.21 1.70 14.96
C VAL C 137 26.70 2.69 13.93
N GLU C 138 27.22 2.16 12.82
CA GLU C 138 27.57 2.97 11.66
C GLU C 138 26.32 3.38 10.88
N VAL C 139 26.23 4.67 10.59
CA VAL C 139 25.04 5.25 10.01
C VAL C 139 25.45 6.07 8.80
N GLU C 140 24.72 5.88 7.71
CA GLU C 140 24.89 6.67 6.51
C GLU C 140 23.50 7.01 5.92
N ASP C 141 23.20 8.31 5.86
CA ASP C 141 21.92 8.83 5.30
C ASP C 141 20.67 8.47 6.14
N GLY C 142 20.80 8.53 7.46
CA GLY C 142 19.66 8.23 8.33
C GLY C 142 19.38 6.76 8.51
N LYS C 143 20.20 5.88 7.94
CA LYS C 143 19.99 4.45 8.05
C LYS C 143 21.26 3.75 8.49
N ALA C 144 21.12 2.51 8.93
CA ALA C 144 22.26 1.68 9.33
C ALA C 144 23.08 1.26 8.12
N LYS C 145 24.41 1.41 8.24
CA LYS C 145 25.33 0.97 7.20
C LYS C 145 25.29 -0.54 7.13
N VAL C 146 25.35 -1.08 5.92
CA VAL C 146 25.34 -2.53 5.76
C VAL C 146 26.69 -3.03 5.27
N SER C 147 27.28 -2.30 4.31
CA SER C 147 28.51 -2.73 3.63
C SER C 147 29.78 -2.25 4.35
N GLY C 148 30.87 -3.02 4.19
CA GLY C 148 32.14 -2.73 4.84
C GLY C 148 32.97 -4.00 4.89
N ASP C 149 34.10 -3.99 5.61
CA ASP C 149 35.06 -5.11 5.52
C ASP C 149 35.27 -5.93 6.80
N CYS C 150 34.20 -6.15 7.52
CA CYS C 150 34.26 -6.89 8.75
C CYS C 150 33.69 -8.30 8.61
N LYS C 151 34.52 -9.29 8.98
CA LYS C 151 34.20 -10.71 8.88
C LYS C 151 33.85 -11.25 10.25
N ILE C 152 32.68 -11.86 10.34
CA ILE C 152 32.36 -12.69 11.49
C ILE C 152 32.10 -14.09 10.98
N ASP C 153 32.44 -15.09 11.79
CA ASP C 153 32.35 -16.45 11.32
C ASP C 153 30.92 -16.94 11.42
N GLY C 154 30.49 -17.69 10.40
CA GLY C 154 29.10 -18.17 10.28
C GLY C 154 28.26 -17.40 9.27
N VAL C 155 28.82 -16.30 8.74
CA VAL C 155 28.17 -15.44 7.75
C VAL C 155 29.13 -15.19 6.60
N PRO C 156 28.82 -15.72 5.41
CA PRO C 156 29.57 -15.42 4.20
C PRO C 156 29.77 -13.93 3.93
N GLY C 157 30.98 -13.59 3.50
CA GLY C 157 31.30 -12.24 3.11
C GLY C 157 31.54 -11.31 4.27
N THR C 158 31.49 -10.02 3.97
CA THR C 158 32.01 -9.01 4.85
C THR C 158 30.99 -7.87 4.98
N ASN C 159 30.88 -7.26 6.15
CA ASN C 159 29.85 -6.23 6.39
C ASN C 159 30.31 -5.08 7.31
N ALA C 160 29.47 -4.07 7.45
CA ALA C 160 29.79 -2.95 8.32
C ALA C 160 29.85 -3.43 9.78
N PRO C 161 30.98 -3.15 10.48
CA PRO C 161 31.14 -3.55 11.89
C PRO C 161 30.22 -2.79 12.86
N GLU C 162 29.75 -3.51 13.89
CA GLU C 162 28.97 -2.95 14.97
C GLU C 162 29.54 -3.45 16.30
N LEU C 163 29.84 -2.53 17.22
CA LEU C 163 30.35 -2.91 18.54
C LEU C 163 29.19 -3.07 19.54
N MET C 164 29.16 -4.22 20.21
CA MET C 164 28.20 -4.48 21.29
C MET C 164 28.93 -4.52 22.63
N ASP C 165 28.48 -3.70 23.59
CA ASP C 165 29.06 -3.68 24.93
C ASP C 165 28.13 -4.43 25.88
N PHE C 166 28.64 -5.49 26.50
CA PHE C 166 27.87 -6.30 27.45
C PHE C 166 28.19 -6.07 28.94
N SER C 167 29.14 -5.16 29.21
CA SER C 167 29.69 -4.92 30.55
C SER C 167 28.69 -4.84 31.72
N ASP C 168 27.45 -4.41 31.43
CA ASP C 168 26.46 -4.24 32.48
C ASP C 168 25.53 -5.45 32.57
N THR C 169 25.88 -6.48 31.82
CA THR C 169 25.24 -7.79 31.89
C THR C 169 25.68 -8.57 33.12
N ALA C 170 26.79 -8.17 33.73
CA ALA C 170 27.28 -8.79 34.96
C ALA C 170 26.17 -8.80 36.03
N GLY C 171 25.76 -10.00 36.44
CA GLY C 171 24.60 -10.15 37.32
C GLY C 171 23.45 -10.91 36.66
N ALA C 172 23.49 -10.97 35.34
CA ALA C 172 22.56 -11.75 34.52
C ALA C 172 21.40 -12.36 35.32
N ALA C 173 21.61 -13.55 35.87
CA ALA C 173 20.58 -14.17 36.70
C ALA C 173 20.94 -14.09 38.18
N THR C 174 22.25 -14.17 38.48
CA THR C 174 22.73 -14.25 39.88
C THR C 174 22.56 -12.97 40.71
N GLY C 175 22.99 -11.84 40.17
CA GLY C 175 23.05 -10.61 40.94
C GLY C 175 24.44 -10.35 41.49
N LYS C 176 25.38 -11.24 41.12
CA LYS C 176 26.83 -11.06 41.36
C LYS C 176 27.62 -11.64 40.20
N VAL C 177 28.83 -11.10 40.02
CA VAL C 177 29.76 -11.57 39.00
C VAL C 177 30.24 -13.00 39.30
N ASP C 333 43.86 -7.22 25.44
CA ASP C 333 42.64 -7.61 26.14
C ASP C 333 41.77 -8.53 25.29
N THR C 334 42.11 -8.66 24.01
CA THR C 334 41.34 -9.45 23.06
C THR C 334 41.63 -10.95 23.20
N VAL C 335 40.61 -11.74 23.56
CA VAL C 335 40.82 -13.18 23.81
C VAL C 335 40.08 -14.11 22.82
N ARG C 336 40.81 -15.01 22.16
CA ARG C 336 40.24 -15.88 21.11
C ARG C 336 39.30 -16.98 21.62
N ILE C 337 38.57 -17.61 20.70
CA ILE C 337 37.64 -18.75 20.96
C ILE C 337 37.42 -19.57 19.67
N GLY C 338 37.56 -20.90 19.76
CA GLY C 338 37.37 -21.77 18.61
C GLY C 338 35.99 -22.41 18.54
N HIS C 339 34.95 -21.56 18.49
CA HIS C 339 33.54 -21.99 18.50
C HIS C 339 33.18 -22.93 17.32
N PRO C 340 32.01 -23.63 17.41
CA PRO C 340 31.43 -24.49 16.36
C PRO C 340 31.76 -24.19 14.88
N ALA C 341 31.86 -22.91 14.50
CA ALA C 341 32.08 -22.54 13.08
C ALA C 341 33.30 -21.63 12.76
N GLY C 342 34.20 -21.44 13.73
CA GLY C 342 35.43 -20.66 13.51
C GLY C 342 36.11 -20.10 14.75
N VAL C 343 36.41 -18.80 14.70
CA VAL C 343 37.16 -18.06 15.76
C VAL C 343 36.39 -16.78 16.13
N ILE C 344 36.64 -16.23 17.32
CA ILE C 344 35.98 -14.99 17.80
C ILE C 344 36.67 -14.28 19.00
N PRO C 345 37.10 -13.02 18.81
CA PRO C 345 37.72 -12.24 19.88
C PRO C 345 36.75 -11.31 20.63
N VAL C 346 37.03 -11.06 21.92
CA VAL C 346 36.23 -10.17 22.78
C VAL C 346 37.15 -9.28 23.63
N VAL C 347 36.66 -8.11 24.03
CA VAL C 347 37.46 -7.16 24.82
C VAL C 347 37.10 -7.24 26.31
N SER C 348 37.43 -8.38 26.90
CA SER C 348 37.21 -8.67 28.32
C SER C 348 38.09 -7.77 29.22
N ILE C 349 37.70 -7.64 30.49
CA ILE C 349 38.55 -7.02 31.54
C ILE C 349 38.27 -7.70 32.92
N VAL C 350 39.18 -8.56 33.38
CA VAL C 350 39.01 -9.37 34.63
C VAL C 350 39.51 -8.65 35.91
N LYS C 351 38.61 -8.09 36.70
CA LYS C 351 38.99 -7.38 37.95
C LYS C 351 38.08 -7.69 39.17
N ASP C 352 37.97 -8.98 39.50
CA ASP C 352 37.11 -9.52 40.59
C ASP C 352 35.59 -9.25 40.51
N GLY C 353 35.16 -8.04 40.87
CA GLY C 353 33.72 -7.75 41.05
C GLY C 353 33.05 -6.67 40.20
N LYS C 354 33.85 -5.82 39.56
CA LYS C 354 33.33 -4.89 38.56
C LYS C 354 33.78 -5.33 37.16
N VAL C 355 32.85 -5.25 36.20
CA VAL C 355 33.18 -5.54 34.81
C VAL C 355 33.35 -4.23 34.08
N GLU C 356 34.55 -3.98 33.56
CA GLU C 356 34.85 -2.71 32.90
C GLU C 356 34.21 -2.67 31.50
N LYS C 357 34.64 -3.59 30.66
CA LYS C 357 34.06 -3.75 29.33
C LYS C 357 33.99 -5.23 29.00
N ALA C 358 32.89 -5.62 28.36
CA ALA C 358 32.80 -6.88 27.62
C ALA C 358 32.23 -6.53 26.24
N ALA C 359 33.13 -6.14 25.34
CA ALA C 359 32.73 -5.62 24.03
C ALA C 359 33.19 -6.51 22.89
N LEU C 360 32.29 -6.81 21.97
CA LEU C 360 32.65 -7.53 20.75
C LEU C 360 32.03 -6.95 19.46
N ILE C 361 32.69 -7.22 18.34
CA ILE C 361 32.22 -6.81 17.02
C ILE C 361 31.18 -7.79 16.46
N ARG C 362 29.96 -7.32 16.24
CA ARG C 362 28.94 -8.11 15.54
C ARG C 362 28.63 -7.54 14.16
N THR C 363 27.61 -8.10 13.52
CA THR C 363 27.18 -7.67 12.19
C THR C 363 25.67 -7.92 12.00
N ALA C 364 25.02 -7.04 11.25
CA ALA C 364 23.57 -7.17 11.05
C ALA C 364 23.12 -6.58 9.74
N ARG C 365 22.01 -7.09 9.21
CA ARG C 365 21.27 -6.39 8.14
C ARG C 365 19.80 -6.79 8.04
N ARG C 366 18.98 -5.87 7.52
CA ARG C 366 17.59 -6.15 7.24
C ARG C 366 17.48 -6.97 5.95
N ILE C 367 16.76 -8.08 6.04
CA ILE C 367 16.52 -8.97 4.90
C ILE C 367 15.17 -8.64 4.23
N MET C 368 14.14 -8.43 5.04
CA MET C 368 12.80 -8.17 4.53
C MET C 368 11.92 -7.33 5.44
N GLU C 369 11.03 -6.53 4.84
CA GLU C 369 9.97 -5.83 5.57
C GLU C 369 8.60 -6.01 4.84
N GLY C 370 7.51 -5.92 5.57
CA GLY C 370 6.21 -6.20 5.00
C GLY C 370 5.18 -6.65 6.03
N TYR C 371 4.19 -7.44 5.62
CA TYR C 371 3.17 -7.99 6.53
C TYR C 371 3.10 -9.53 6.49
N VAL C 372 3.17 -10.16 7.67
CA VAL C 372 2.92 -11.61 7.81
C VAL C 372 1.44 -11.78 7.86
N TYR C 373 0.96 -12.90 7.34
CA TYR C 373 -0.44 -13.26 7.52
C TYR C 373 -0.49 -14.32 8.57
N VAL C 374 -1.64 -14.39 9.22
CA VAL C 374 -1.90 -15.33 10.29
C VAL C 374 -3.36 -15.65 10.12
N GLU C 375 -3.70 -16.92 10.11
CA GLU C 375 -5.06 -17.38 9.85
C GLU C 375 -5.97 -17.22 11.08
N LYS C 376 -7.12 -16.58 10.88
CA LYS C 376 -8.00 -16.25 12.03
C LYS C 376 -8.58 -17.49 12.71
N ALA C 377 -9.05 -18.42 11.88
CA ALA C 377 -9.60 -19.69 12.34
C ALA C 377 -8.67 -20.49 13.24
N LYS C 378 -7.37 -20.28 13.15
CA LYS C 378 -6.43 -21.04 13.99
C LYS C 378 -6.20 -20.36 15.34
N LEU C 379 -7.00 -19.33 15.62
CA LEU C 379 -6.90 -18.64 16.90
C LEU C 379 -8.20 -18.86 17.71
N VAL C 380 -8.74 -20.06 17.52
CA VAL C 380 -9.85 -20.63 18.28
C VAL C 380 -9.62 -20.41 19.78
N SER D 2 20.29 2.94 0.12
CA SER D 2 21.48 3.30 -0.71
C SER D 2 22.49 2.15 -0.80
N ASP D 3 22.81 1.52 0.35
CA ASP D 3 23.57 0.25 0.40
C ASP D 3 22.85 -0.96 -0.15
N GLN D 4 21.55 -1.05 0.12
CA GLN D 4 20.74 -2.21 -0.26
C GLN D 4 19.68 -1.87 -1.31
N MET D 5 19.21 -2.91 -2.01
CA MET D 5 18.22 -2.79 -3.08
C MET D 5 16.92 -3.58 -2.75
N ARG D 6 15.78 -2.95 -3.00
CA ARG D 6 14.48 -3.54 -2.66
C ARG D 6 13.81 -4.23 -3.85
N ILE D 7 13.38 -5.47 -3.61
CA ILE D 7 12.65 -6.27 -4.61
C ILE D 7 11.30 -6.75 -4.04
N PRO D 8 10.19 -6.44 -4.73
CA PRO D 8 8.87 -6.90 -4.26
C PRO D 8 8.80 -8.42 -4.21
N CYS D 9 8.06 -8.95 -3.27
CA CYS D 9 8.28 -10.32 -2.87
C CYS D 9 7.12 -10.91 -2.09
N VAL D 10 6.81 -12.17 -2.39
CA VAL D 10 5.79 -12.91 -1.64
C VAL D 10 6.36 -14.25 -1.11
N ILE D 11 6.02 -14.63 0.11
CA ILE D 11 6.31 -15.97 0.62
C ILE D 11 5.00 -16.77 0.82
N MET D 12 4.94 -17.98 0.25
CA MET D 12 3.75 -18.84 0.40
C MET D 12 4.11 -20.21 0.91
N ARG D 13 3.18 -20.81 1.63
CA ARG D 13 3.17 -22.24 1.78
C ARG D 13 2.41 -22.77 0.54
N ALA D 14 3.08 -23.59 -0.26
CA ALA D 14 2.41 -24.32 -1.33
C ALA D 14 2.51 -25.83 -1.05
N GLY D 15 1.37 -26.51 -0.86
CA GLY D 15 1.38 -27.91 -0.39
C GLY D 15 2.32 -28.08 0.79
N THR D 16 3.28 -29.00 0.71
CA THR D 16 4.18 -29.28 1.82
C THR D 16 5.50 -28.51 1.71
N SER D 17 5.52 -27.57 0.76
CA SER D 17 6.65 -26.70 0.48
C SER D 17 6.35 -25.27 0.88
N LYS D 18 7.42 -24.52 1.05
CA LYS D 18 7.39 -23.09 1.27
C LYS D 18 8.19 -22.54 0.10
N GLY D 19 7.60 -21.64 -0.67
CA GLY D 19 8.29 -21.05 -1.82
C GLY D 19 8.29 -19.53 -1.84
N ILE D 20 9.22 -18.96 -2.60
CA ILE D 20 9.28 -17.53 -2.78
C ILE D 20 8.73 -17.21 -4.16
N PHE D 21 7.69 -16.38 -4.22
CA PHE D 21 6.99 -16.07 -5.46
C PHE D 21 7.33 -14.67 -5.95
N LEU D 22 8.00 -14.60 -7.09
CA LEU D 22 8.40 -13.32 -7.67
C LEU D 22 7.66 -13.10 -8.99
N LYS D 23 7.50 -11.84 -9.37
CA LYS D 23 6.90 -11.54 -10.67
C LYS D 23 8.00 -11.31 -11.70
N GLY D 24 7.72 -11.76 -12.94
CA GLY D 24 8.68 -11.68 -14.04
C GLY D 24 9.47 -10.38 -14.10
N ASN D 25 8.76 -9.25 -14.04
CA ASN D 25 9.39 -7.97 -14.31
C ASN D 25 10.23 -7.43 -13.14
N ASP D 26 10.08 -8.02 -11.97
CA ASP D 26 10.81 -7.57 -10.78
C ASP D 26 12.22 -8.13 -10.70
N LEU D 27 12.55 -8.98 -11.65
CA LEU D 27 13.86 -9.60 -11.79
C LEU D 27 14.54 -9.10 -13.07
N PRO D 28 15.87 -8.89 -13.04
CA PRO D 28 16.66 -8.54 -14.24
C PRO D 28 16.45 -9.53 -15.37
N ALA D 29 16.56 -9.04 -16.60
CA ALA D 29 16.37 -9.90 -17.78
C ALA D 29 17.65 -10.66 -18.16
N ASP D 30 18.80 -10.17 -17.69
CA ASP D 30 20.06 -10.86 -17.96
C ASP D 30 20.17 -12.12 -17.12
N GLN D 31 20.02 -13.27 -17.76
CA GLN D 31 20.04 -14.55 -17.04
C GLN D 31 21.13 -14.62 -15.98
N GLU D 32 22.35 -14.26 -16.34
CA GLU D 32 23.49 -14.40 -15.43
C GLU D 32 23.27 -13.61 -14.13
N LEU D 33 22.84 -12.35 -14.26
CA LEU D 33 22.65 -11.48 -13.09
C LEU D 33 21.32 -11.75 -12.37
N ARG D 34 20.32 -12.20 -13.12
CA ARG D 34 19.05 -12.65 -12.57
C ARG D 34 19.29 -13.71 -11.49
N ASP D 35 20.21 -14.62 -11.80
CA ASP D 35 20.55 -15.71 -10.91
C ASP D 35 21.39 -15.26 -9.71
N LYS D 36 22.22 -14.23 -9.90
CA LYS D 36 22.96 -13.69 -8.77
C LYS D 36 22.03 -13.05 -7.73
N VAL D 37 20.94 -12.47 -8.21
CA VAL D 37 19.90 -11.85 -7.40
C VAL D 37 19.08 -12.90 -6.63
N ILE D 38 18.65 -13.95 -7.33
CA ILE D 38 17.93 -15.05 -6.72
C ILE D 38 18.73 -15.65 -5.55
N LEU D 39 19.97 -16.04 -5.82
CA LEU D 39 20.88 -16.57 -4.81
C LEU D 39 21.01 -15.61 -3.63
N ARG D 40 21.04 -14.31 -3.92
CA ARG D 40 21.15 -13.32 -2.87
C ARG D 40 19.88 -13.21 -2.01
N ILE D 41 18.71 -13.20 -2.67
CA ILE D 41 17.39 -13.27 -2.01
C ILE D 41 17.26 -14.49 -1.06
N PHE D 42 17.77 -15.65 -1.49
CA PHE D 42 17.66 -16.92 -0.76
C PHE D 42 18.73 -17.09 0.31
N GLY D 43 19.92 -16.54 0.08
CA GLY D 43 21.03 -16.68 1.03
C GLY D 43 22.08 -17.72 0.65
N SER D 44 22.12 -18.12 -0.61
CA SER D 44 23.05 -19.15 -1.06
C SER D 44 24.26 -18.54 -1.76
N PRO D 45 25.44 -19.20 -1.69
CA PRO D 45 25.66 -20.51 -1.07
C PRO D 45 25.92 -20.40 0.43
N ASP D 46 25.30 -21.28 1.23
CA ASP D 46 25.42 -21.26 2.70
C ASP D 46 24.64 -22.43 3.30
N VAL D 47 25.33 -23.29 4.05
CA VAL D 47 24.68 -24.43 4.75
C VAL D 47 23.49 -23.92 5.55
N ARG D 48 23.66 -22.73 6.11
CA ARG D 48 22.66 -22.14 6.99
C ARG D 48 21.69 -21.15 6.34
N GLN D 49 21.96 -20.75 5.09
CA GLN D 49 21.16 -19.73 4.38
C GLN D 49 20.75 -18.58 5.32
N ILE D 50 21.75 -18.09 6.05
CA ILE D 50 21.49 -17.16 7.14
C ILE D 50 21.34 -15.72 6.66
N ASP D 51 21.94 -15.38 5.50
CA ASP D 51 21.90 -14.02 4.96
C ASP D 51 20.88 -13.92 3.82
N GLY D 52 19.77 -14.64 3.97
CA GLY D 52 18.70 -14.65 2.98
C GLY D 52 17.38 -15.16 3.55
N LEU D 53 16.39 -15.32 2.70
CA LEU D 53 15.05 -15.67 3.10
C LEU D 53 14.75 -17.16 3.28
N ALA D 54 15.53 -18.02 2.62
CA ALA D 54 15.24 -19.46 2.61
C ALA D 54 15.60 -20.15 3.94
N GLY D 55 14.98 -21.30 4.19
CA GLY D 55 15.12 -22.01 5.47
C GLY D 55 16.09 -23.19 5.56
N ALA D 56 17.07 -23.22 4.64
CA ALA D 56 18.18 -24.17 4.70
C ALA D 56 17.75 -25.65 4.61
N ASP D 57 16.67 -25.91 3.89
CA ASP D 57 16.25 -27.26 3.55
C ASP D 57 15.68 -27.18 2.14
N PRO D 58 15.86 -28.25 1.32
CA PRO D 58 15.28 -28.15 -0.03
C PRO D 58 13.76 -27.93 -0.06
N LEU D 59 13.06 -28.23 1.03
CA LEU D 59 11.62 -28.01 1.07
C LEU D 59 11.29 -26.52 1.17
N THR D 60 12.23 -25.74 1.66
CA THR D 60 12.01 -24.34 1.92
C THR D 60 13.08 -23.51 1.18
N SER D 61 13.46 -24.00 0.02
CA SER D 61 14.45 -23.33 -0.81
C SER D 61 14.12 -23.40 -2.30
N LYS D 62 12.85 -23.13 -2.61
CA LYS D 62 12.27 -23.26 -3.94
C LYS D 62 11.75 -21.91 -4.42
N LEU D 63 11.95 -21.62 -5.71
CA LEU D 63 11.55 -20.34 -6.34
C LEU D 63 10.39 -20.49 -7.32
N ALA D 64 9.53 -19.46 -7.38
CA ALA D 64 8.48 -19.43 -8.36
C ALA D 64 8.45 -18.06 -9.01
N ILE D 65 8.64 -18.01 -10.32
CA ILE D 65 8.57 -16.74 -11.03
C ILE D 65 7.29 -16.80 -11.86
N ILE D 66 6.36 -15.89 -11.56
CA ILE D 66 5.08 -15.83 -12.26
C ILE D 66 5.08 -14.66 -13.23
N GLY D 67 4.53 -14.90 -14.43
CA GLY D 67 4.32 -13.82 -15.39
C GLY D 67 3.18 -14.06 -16.35
N PRO D 68 3.01 -13.16 -17.33
CA PRO D 68 1.93 -13.28 -18.32
C PRO D 68 1.99 -14.61 -19.08
N SER D 69 0.84 -15.11 -19.54
CA SER D 69 0.79 -16.39 -20.24
C SER D 69 1.37 -16.29 -21.64
N THR D 70 2.20 -17.25 -22.04
CA THR D 70 2.63 -17.31 -23.44
C THR D 70 2.01 -18.52 -24.15
N HIS D 71 0.87 -18.98 -23.67
CA HIS D 71 0.19 -20.09 -24.28
C HIS D 71 -1.27 -19.71 -24.38
N PRO D 72 -1.91 -19.87 -25.56
CA PRO D 72 -3.30 -19.44 -25.78
C PRO D 72 -4.39 -20.02 -24.83
N ASP D 73 -4.12 -21.16 -24.15
CA ASP D 73 -5.12 -21.72 -23.24
C ASP D 73 -4.82 -21.37 -21.77
N ALA D 74 -3.61 -20.87 -21.52
CA ALA D 74 -3.13 -20.59 -20.16
C ALA D 74 -3.44 -19.18 -19.69
N ASP D 75 -3.72 -19.01 -18.40
CA ASP D 75 -3.90 -17.70 -17.78
C ASP D 75 -2.56 -17.07 -17.38
N VAL D 76 -1.62 -17.91 -16.98
CA VAL D 76 -0.42 -17.43 -16.36
C VAL D 76 0.75 -18.30 -16.79
N ASP D 77 1.94 -17.71 -16.97
CA ASP D 77 3.18 -18.48 -17.12
C ASP D 77 3.81 -18.70 -15.75
N TYR D 78 4.46 -19.83 -15.54
CA TYR D 78 5.04 -20.14 -14.23
C TYR D 78 6.34 -20.89 -14.47
N THR D 79 7.40 -20.38 -13.87
CA THR D 79 8.73 -20.93 -14.01
C THR D 79 9.19 -21.30 -12.64
N PHE D 80 9.61 -22.56 -12.51
CA PHE D 80 10.03 -23.09 -11.22
C PHE D 80 11.54 -23.19 -11.17
N ALA D 81 12.09 -23.10 -9.97
CA ALA D 81 13.52 -23.31 -9.78
C ALA D 81 13.77 -23.78 -8.36
N GLN D 82 14.67 -24.76 -8.24
CA GLN D 82 15.16 -25.23 -6.94
C GLN D 82 16.48 -24.48 -6.71
N VAL D 83 16.56 -23.73 -5.62
CA VAL D 83 17.78 -22.95 -5.37
C VAL D 83 18.67 -23.73 -4.41
N SER D 84 19.84 -24.12 -4.91
CA SER D 84 20.80 -24.90 -4.15
C SER D 84 21.19 -24.17 -2.87
N ILE D 85 21.41 -24.93 -1.80
CA ILE D 85 21.71 -24.39 -0.48
C ILE D 85 23.22 -24.20 -0.32
N THR D 86 23.97 -25.24 -0.66
CA THR D 86 25.43 -25.31 -0.51
C THR D 86 26.21 -24.78 -1.73
N ASP D 87 25.53 -24.64 -2.89
CA ASP D 87 26.17 -24.20 -4.15
C ASP D 87 25.54 -22.95 -4.75
N ALA D 88 26.23 -22.34 -5.72
CA ALA D 88 25.75 -21.14 -6.41
C ALA D 88 25.05 -21.53 -7.71
N VAL D 89 24.05 -22.37 -7.57
CA VAL D 89 23.28 -22.90 -8.70
C VAL D 89 21.81 -22.52 -8.52
N VAL D 90 21.19 -22.06 -9.61
CA VAL D 90 19.74 -21.92 -9.67
C VAL D 90 19.31 -22.94 -10.69
N ASP D 91 18.77 -24.05 -10.23
CA ASP D 91 18.46 -25.18 -11.08
C ASP D 91 17.02 -25.20 -11.59
N TYR D 92 16.85 -24.91 -12.89
CA TYR D 92 15.52 -24.78 -13.51
C TYR D 92 15.05 -26.04 -14.20
N ASN D 93 15.50 -27.21 -13.76
CA ASN D 93 15.32 -28.40 -14.59
C ASN D 93 13.89 -28.97 -14.81
N GLY D 94 13.38 -29.71 -13.85
CA GLY D 94 12.02 -30.21 -13.95
C GLY D 94 11.04 -29.18 -13.40
N ASN D 95 9.90 -29.67 -12.93
CA ASN D 95 8.92 -28.85 -12.21
C ASN D 95 8.86 -29.38 -10.76
N CYS D 96 7.95 -28.81 -9.98
CA CYS D 96 7.67 -29.28 -8.64
C CYS D 96 6.17 -29.20 -8.50
N GLY D 97 5.56 -30.34 -8.18
CA GLY D 97 4.11 -30.45 -8.06
C GLY D 97 3.55 -29.66 -6.89
N ASN D 98 4.29 -29.62 -5.78
CA ASN D 98 3.88 -28.90 -4.58
C ASN D 98 3.75 -27.39 -4.83
N ILE D 99 4.84 -26.75 -5.27
CA ILE D 99 4.88 -25.31 -5.56
C ILE D 99 3.81 -24.84 -6.54
N SER D 100 3.51 -25.68 -7.52
CA SER D 100 2.49 -25.31 -8.48
C SER D 100 1.16 -25.06 -7.77
N ALA D 101 1.02 -25.58 -6.56
CA ALA D 101 -0.22 -25.41 -5.80
C ALA D 101 -0.45 -23.94 -5.40
N GLY D 102 0.64 -23.19 -5.20
CA GLY D 102 0.55 -21.76 -4.88
C GLY D 102 0.31 -20.82 -6.05
N VAL D 103 0.43 -21.32 -7.27
CA VAL D 103 0.35 -20.47 -8.44
C VAL D 103 -1.07 -19.98 -8.71
N GLY D 104 -2.04 -20.87 -8.61
CA GLY D 104 -3.43 -20.49 -8.78
C GLY D 104 -3.88 -19.42 -7.78
N PRO D 105 -3.74 -19.71 -6.47
CA PRO D 105 -3.99 -18.67 -5.44
C PRO D 105 -3.23 -17.35 -5.66
N PHE D 106 -1.97 -17.43 -6.09
CA PHE D 106 -1.17 -16.23 -6.34
C PHE D 106 -1.76 -15.41 -7.45
N ALA D 107 -2.07 -16.07 -8.56
CA ALA D 107 -2.63 -15.40 -9.72
C ALA D 107 -3.92 -14.65 -9.38
N ILE D 108 -4.72 -15.26 -8.51
CA ILE D 108 -6.01 -14.71 -8.16
C ILE D 108 -5.80 -13.49 -7.25
N ASP D 109 -4.97 -13.67 -6.24
CA ASP D 109 -4.78 -12.63 -5.28
C ASP D 109 -4.08 -11.40 -5.90
N GLU D 110 -3.23 -11.65 -6.90
CA GLU D 110 -2.59 -10.59 -7.68
C GLU D 110 -3.39 -10.04 -8.86
N SER D 111 -4.58 -10.60 -9.10
CA SER D 111 -5.45 -10.17 -10.20
C SER D 111 -4.94 -10.50 -11.61
N PHE D 112 -4.01 -11.44 -11.72
CA PHE D 112 -3.68 -12.03 -13.03
C PHE D 112 -4.92 -12.74 -13.64
N VAL D 113 -5.76 -13.31 -12.76
CA VAL D 113 -7.00 -14.03 -13.09
C VAL D 113 -8.15 -13.41 -12.31
N LYS D 114 -9.29 -13.23 -12.97
CA LYS D 114 -10.49 -12.66 -12.36
C LYS D 114 -11.11 -13.63 -11.34
N ALA D 115 -11.29 -13.16 -10.11
CA ALA D 115 -11.87 -13.96 -9.05
C ALA D 115 -13.34 -14.27 -9.35
N VAL D 116 -13.72 -15.54 -9.25
CA VAL D 116 -15.09 -15.97 -9.45
C VAL D 116 -15.54 -16.81 -8.27
N GLU D 117 -16.70 -16.48 -7.69
CA GLU D 117 -17.14 -17.15 -6.46
C GLU D 117 -17.93 -18.45 -6.68
N PRO D 118 -18.01 -19.30 -5.64
CA PRO D 118 -17.41 -20.52 -5.19
C PRO D 118 -15.99 -20.76 -5.70
N MET D 119 -15.85 -21.00 -7.01
CA MET D 119 -14.58 -21.50 -7.51
C MET D 119 -14.10 -20.88 -8.81
N THR D 120 -12.78 -20.73 -8.88
CA THR D 120 -12.10 -20.12 -10.02
C THR D 120 -11.18 -21.17 -10.64
N ARG D 121 -11.36 -21.39 -11.94
CA ARG D 121 -10.52 -22.30 -12.69
C ARG D 121 -9.31 -21.54 -13.26
N VAL D 122 -8.12 -21.88 -12.78
CA VAL D 122 -6.89 -21.28 -13.27
C VAL D 122 -6.06 -22.30 -14.04
N CYS D 123 -5.78 -22.01 -15.31
CA CYS D 123 -4.94 -22.88 -16.11
C CYS D 123 -3.55 -22.29 -16.18
N ILE D 124 -2.57 -23.06 -15.71
CA ILE D 124 -1.17 -22.65 -15.55
C ILE D 124 -0.24 -23.30 -16.59
N HIS D 125 0.45 -22.48 -17.37
CA HIS D 125 1.42 -22.95 -18.35
C HIS D 125 2.76 -23.06 -17.65
N ASN D 126 3.23 -24.29 -17.43
CA ASN D 126 4.57 -24.49 -16.90
C ASN D 126 5.65 -24.27 -17.95
N THR D 127 6.61 -23.44 -17.60
CA THR D 127 7.59 -22.93 -18.52
C THR D 127 8.69 -23.96 -18.71
N ASN D 128 9.10 -24.63 -17.63
CA ASN D 128 10.27 -25.51 -17.67
C ASN D 128 10.04 -26.71 -18.53
N THR D 129 8.78 -26.95 -18.85
CA THR D 129 8.27 -28.24 -19.20
C THR D 129 7.40 -28.15 -20.44
N GLY D 130 6.80 -26.97 -20.63
CA GLY D 130 5.82 -26.78 -21.69
C GLY D 130 4.40 -27.25 -21.39
N LYS D 131 4.16 -27.87 -20.24
CA LYS D 131 2.83 -28.46 -19.99
C LYS D 131 1.92 -27.55 -19.22
N LEU D 132 0.61 -27.78 -19.38
CA LEU D 132 -0.44 -27.10 -18.63
C LEU D 132 -0.86 -27.84 -17.35
N LEU D 133 -1.22 -27.09 -16.32
CA LEU D 133 -1.84 -27.67 -15.12
C LEU D 133 -3.15 -26.95 -14.92
N TYR D 134 -4.11 -27.66 -14.37
CA TYR D 134 -5.41 -27.09 -14.13
C TYR D 134 -5.65 -26.96 -12.63
N ALA D 135 -5.90 -25.74 -12.16
CA ALA D 135 -6.21 -25.52 -10.75
C ALA D 135 -7.65 -25.10 -10.50
N GLU D 136 -8.23 -25.67 -9.46
CA GLU D 136 -9.59 -25.33 -9.05
C GLU D 136 -9.50 -24.75 -7.66
N VAL D 137 -9.60 -23.42 -7.60
CA VAL D 137 -9.40 -22.68 -6.38
C VAL D 137 -10.72 -22.20 -5.82
N GLU D 138 -10.97 -22.51 -4.55
CA GLU D 138 -12.04 -21.87 -3.78
C GLU D 138 -11.76 -20.39 -3.59
N VAL D 139 -12.74 -19.57 -3.92
CA VAL D 139 -12.60 -18.12 -3.88
C VAL D 139 -13.67 -17.44 -3.02
N GLU D 140 -13.27 -16.40 -2.29
CA GLU D 140 -14.19 -15.62 -1.45
C GLU D 140 -13.75 -14.15 -1.31
N ASP D 141 -14.64 -13.23 -1.69
CA ASP D 141 -14.40 -11.77 -1.68
C ASP D 141 -13.19 -11.36 -2.51
N GLY D 142 -13.06 -11.90 -3.71
CA GLY D 142 -11.96 -11.53 -4.59
C GLY D 142 -10.63 -12.21 -4.33
N LYS D 143 -10.59 -13.02 -3.28
CA LYS D 143 -9.36 -13.67 -2.87
C LYS D 143 -9.50 -15.19 -2.81
N ALA D 144 -8.36 -15.86 -2.70
CA ALA D 144 -8.33 -17.31 -2.59
C ALA D 144 -8.66 -17.68 -1.16
N LYS D 145 -9.68 -18.52 -1.00
CA LYS D 145 -10.07 -18.97 0.33
C LYS D 145 -8.94 -19.73 1.00
N VAL D 146 -8.79 -19.55 2.31
CA VAL D 146 -7.68 -20.13 3.05
C VAL D 146 -8.16 -21.12 4.10
N SER D 147 -9.33 -20.87 4.67
CA SER D 147 -9.86 -21.67 5.74
C SER D 147 -10.82 -22.76 5.26
N GLY D 148 -10.72 -23.90 5.94
CA GLY D 148 -11.57 -25.04 5.64
C GLY D 148 -11.12 -26.26 6.41
N ASP D 149 -11.69 -27.41 6.07
CA ASP D 149 -11.49 -28.63 6.85
C ASP D 149 -10.95 -29.79 6.03
N CYS D 150 -10.08 -29.49 5.07
CA CYS D 150 -9.36 -30.50 4.33
C CYS D 150 -7.94 -30.60 4.87
N LYS D 151 -7.49 -31.83 5.12
CA LYS D 151 -6.18 -32.09 5.73
C LYS D 151 -5.18 -32.67 4.74
N ILE D 152 -3.93 -32.21 4.80
CA ILE D 152 -2.85 -32.82 4.01
C ILE D 152 -1.66 -33.18 4.87
N ASP D 153 -1.03 -34.31 4.55
CA ASP D 153 0.12 -34.73 5.31
C ASP D 153 1.27 -33.77 5.10
N GLY D 154 1.94 -33.43 6.19
CA GLY D 154 3.06 -32.52 6.15
C GLY D 154 2.68 -31.18 6.76
N VAL D 155 1.38 -30.88 6.79
CA VAL D 155 0.93 -29.58 7.26
C VAL D 155 -0.06 -29.71 8.39
N PRO D 156 0.29 -29.18 9.57
CA PRO D 156 -0.60 -29.19 10.73
C PRO D 156 -1.91 -28.48 10.43
N GLY D 157 -2.98 -28.94 11.04
CA GLY D 157 -4.28 -28.30 10.90
C GLY D 157 -4.94 -28.61 9.58
N THR D 158 -6.10 -28.01 9.37
CA THR D 158 -6.87 -28.16 8.14
C THR D 158 -7.03 -26.80 7.39
N ASN D 159 -7.37 -26.87 6.11
CA ASN D 159 -7.51 -25.69 5.24
C ASN D 159 -8.52 -25.89 4.12
N ALA D 160 -8.63 -24.87 3.27
CA ALA D 160 -9.47 -24.98 2.08
C ALA D 160 -8.80 -25.86 0.97
N PRO D 161 -9.60 -26.77 0.37
CA PRO D 161 -9.08 -27.62 -0.71
C PRO D 161 -8.79 -26.89 -2.00
N GLU D 162 -7.76 -27.35 -2.70
CA GLU D 162 -7.53 -26.96 -4.09
C GLU D 162 -7.39 -28.22 -4.93
N LEU D 163 -8.09 -28.29 -6.05
CA LEU D 163 -7.93 -29.40 -6.96
C LEU D 163 -6.82 -29.15 -8.01
N MET D 164 -5.69 -29.87 -7.92
CA MET D 164 -4.63 -29.83 -8.98
C MET D 164 -4.74 -31.01 -10.01
N ASP D 165 -5.21 -30.74 -11.23
CA ASP D 165 -5.24 -31.77 -12.27
C ASP D 165 -3.92 -31.82 -13.02
N PHE D 166 -3.29 -33.00 -13.01
CA PHE D 166 -2.05 -33.22 -13.72
C PHE D 166 -2.22 -34.01 -15.03
N SER D 167 -3.46 -34.07 -15.56
CA SER D 167 -3.73 -34.85 -16.78
C SER D 167 -2.77 -34.55 -17.93
N ASP D 168 -2.47 -33.27 -18.17
CA ASP D 168 -1.60 -32.90 -19.27
C ASP D 168 -0.15 -33.32 -19.11
N THR D 169 0.28 -33.77 -17.92
CA THR D 169 1.68 -34.18 -17.75
C THR D 169 1.91 -35.66 -18.11
N ALA D 170 0.90 -36.27 -18.73
CA ALA D 170 0.98 -37.63 -19.18
C ALA D 170 2.16 -37.73 -20.14
N GLY D 171 3.01 -38.73 -19.95
CA GLY D 171 4.21 -38.87 -20.76
C GLY D 171 5.28 -37.85 -20.41
N ALA D 172 5.20 -37.31 -19.19
CA ALA D 172 6.18 -36.36 -18.63
C ALA D 172 7.60 -36.60 -19.15
N ALA D 173 8.28 -37.58 -18.56
CA ALA D 173 9.71 -37.82 -18.79
C ALA D 173 10.08 -38.51 -20.09
N THR D 174 9.08 -38.90 -20.89
CA THR D 174 9.29 -40.05 -21.77
C THR D 174 8.56 -39.87 -23.06
N GLY D 175 7.42 -39.19 -23.03
CA GLY D 175 6.60 -38.96 -24.20
C GLY D 175 5.43 -39.92 -24.32
N LYS D 176 5.42 -40.93 -23.47
CA LYS D 176 4.38 -41.96 -23.58
C LYS D 176 3.91 -42.42 -22.19
N VAL D 177 2.62 -42.69 -22.05
CA VAL D 177 2.06 -43.12 -20.75
C VAL D 177 2.66 -44.50 -20.36
N LEU D 178 2.76 -45.38 -21.36
CA LEU D 178 3.41 -46.68 -21.23
C LEU D 178 4.68 -46.74 -22.09
N PRO D 179 5.79 -46.20 -21.55
CA PRO D 179 7.04 -46.14 -22.28
C PRO D 179 7.44 -47.48 -22.94
N THR D 180 7.29 -48.60 -22.20
CA THR D 180 7.74 -49.94 -22.68
C THR D 180 6.77 -50.60 -23.65
N GLY D 181 5.58 -50.01 -23.77
CA GLY D 181 4.50 -50.58 -24.60
C GLY D 181 3.90 -51.78 -23.89
N ASN D 182 4.35 -52.10 -22.68
CA ASN D 182 3.75 -53.19 -21.93
C ASN D 182 3.04 -52.71 -20.68
N VAL D 183 1.99 -53.43 -20.38
CA VAL D 183 1.25 -53.21 -19.15
C VAL D 183 1.93 -53.83 -17.90
N VAL D 184 2.76 -54.86 -18.12
CA VAL D 184 3.65 -55.49 -17.12
C VAL D 184 4.85 -55.98 -17.93
N ASP D 185 6.08 -55.74 -17.45
CA ASP D 185 7.33 -56.20 -18.09
C ASP D 185 7.97 -57.19 -17.15
N VAL D 186 8.52 -58.26 -17.69
CA VAL D 186 9.24 -59.19 -16.83
C VAL D 186 10.69 -58.82 -16.96
N LEU D 187 11.29 -58.51 -15.81
CA LEU D 187 12.59 -57.89 -15.77
C LEU D 187 13.60 -58.87 -15.18
N SER D 188 14.69 -59.07 -15.93
CA SER D 188 15.81 -59.85 -15.46
C SER D 188 16.47 -59.16 -14.27
N THR D 189 16.94 -59.94 -13.30
CA THR D 189 17.43 -59.40 -12.02
C THR D 189 18.50 -60.31 -11.41
N SER D 190 19.39 -59.71 -10.64
CA SER D 190 20.36 -60.44 -9.86
C SER D 190 19.73 -61.58 -9.03
N LYS D 191 18.46 -61.43 -8.64
CA LYS D 191 17.76 -62.48 -7.88
C LYS D 191 16.73 -63.25 -8.71
N GLY D 192 16.73 -63.08 -10.03
CA GLY D 192 15.79 -63.80 -10.91
C GLY D 192 14.80 -62.83 -11.52
N ASP D 193 13.89 -63.34 -12.34
CA ASP D 193 12.89 -62.48 -12.96
C ASP D 193 11.86 -61.92 -11.97
N ILE D 194 11.48 -60.66 -12.17
CA ILE D 194 10.41 -60.03 -11.40
C ILE D 194 9.47 -59.27 -12.33
N ASP D 195 8.20 -59.23 -12.01
CA ASP D 195 7.23 -58.46 -12.77
C ASP D 195 7.22 -57.00 -12.32
N VAL D 196 7.22 -56.08 -13.29
CA VAL D 196 7.17 -54.64 -13.01
C VAL D 196 6.19 -53.96 -13.92
N SER D 197 5.60 -52.88 -13.43
CA SER D 197 4.74 -52.06 -14.29
C SER D 197 5.29 -50.65 -14.30
N ILE D 198 5.51 -50.08 -15.48
CA ILE D 198 6.11 -48.76 -15.57
C ILE D 198 5.13 -47.76 -16.14
N VAL D 199 4.76 -46.77 -15.33
CA VAL D 199 3.81 -45.76 -15.78
C VAL D 199 4.46 -44.36 -15.72
N ASP D 200 4.22 -43.56 -16.76
CA ASP D 200 4.73 -42.18 -16.79
C ASP D 200 3.64 -41.10 -16.86
N VAL D 201 3.16 -40.67 -15.71
CA VAL D 201 2.28 -39.52 -15.63
C VAL D 201 2.86 -38.71 -14.49
N ALA D 202 3.08 -37.41 -14.74
CA ALA D 202 3.66 -36.45 -13.79
C ALA D 202 5.13 -36.73 -13.53
N ASN D 203 5.44 -37.99 -13.28
CA ASN D 203 6.79 -38.45 -13.12
C ASN D 203 6.73 -39.94 -13.27
N PRO D 204 7.79 -40.53 -13.85
CA PRO D 204 7.77 -41.96 -14.14
C PRO D 204 7.80 -42.78 -12.86
N CYS D 205 6.98 -43.82 -12.80
CA CYS D 205 6.93 -44.65 -11.62
C CYS D 205 6.90 -46.16 -11.92
N ILE D 206 7.66 -46.92 -11.13
CA ILE D 206 7.77 -48.35 -11.32
C ILE D 206 7.07 -49.03 -10.16
N PHE D 207 6.21 -49.97 -10.50
CA PHE D 207 5.40 -50.67 -9.51
C PHE D 207 5.70 -52.17 -9.42
N VAL D 208 5.66 -52.69 -8.21
CA VAL D 208 6.02 -54.08 -7.98
C VAL D 208 5.09 -54.68 -6.89
N HIS D 209 4.69 -55.94 -7.04
CA HIS D 209 3.96 -56.66 -5.96
C HIS D 209 4.81 -56.78 -4.71
N ALA D 210 4.20 -56.52 -3.57
CA ALA D 210 4.86 -56.64 -2.28
C ALA D 210 5.41 -58.06 -2.05
N LYS D 211 4.63 -59.07 -2.41
CA LYS D 211 5.06 -60.45 -2.29
C LYS D 211 6.38 -60.74 -3.02
N ASP D 212 6.47 -60.32 -4.29
CA ASP D 212 7.66 -60.53 -5.13
C ASP D 212 8.95 -59.88 -4.59
N VAL D 213 8.87 -58.99 -3.60
CA VAL D 213 10.10 -58.51 -2.96
C VAL D 213 10.16 -58.93 -1.49
N ASN D 214 9.37 -59.95 -1.14
CA ASN D 214 9.33 -60.54 0.20
C ASN D 214 8.81 -59.64 1.31
N MET D 215 7.69 -58.98 1.03
CA MET D 215 7.08 -58.13 2.03
C MET D 215 5.58 -58.34 2.02
N THR D 216 4.94 -57.93 3.10
CA THR D 216 3.49 -58.02 3.19
C THR D 216 2.89 -56.77 2.50
N GLY D 217 3.69 -55.71 2.42
CA GLY D 217 3.26 -54.45 1.84
C GLY D 217 2.74 -53.45 2.85
N THR D 218 2.49 -53.91 4.06
CA THR D 218 1.88 -53.06 5.08
C THR D 218 2.86 -52.86 6.21
N GLU D 219 4.15 -53.01 5.90
CA GLU D 219 5.23 -52.80 6.88
C GLU D 219 5.44 -51.33 7.21
N THR D 220 6.24 -51.12 8.24
CA THR D 220 6.47 -49.79 8.82
C THR D 220 7.80 -49.20 8.35
N PRO D 221 7.88 -47.86 8.21
CA PRO D 221 9.11 -47.18 7.76
C PRO D 221 10.37 -47.66 8.47
N ASP D 222 10.28 -47.89 9.77
CA ASP D 222 11.39 -48.39 10.55
C ASP D 222 11.80 -49.79 10.12
N VAL D 223 10.80 -50.63 9.84
CA VAL D 223 11.05 -52.01 9.40
C VAL D 223 11.66 -52.01 7.99
N ILE D 224 11.11 -51.16 7.13
CA ILE D 224 11.54 -51.06 5.76
C ILE D 224 12.97 -50.50 5.64
N ASN D 225 13.28 -49.41 6.36
CA ASN D 225 14.61 -48.81 6.29
C ASN D 225 15.74 -49.64 6.94
N GLY D 226 15.38 -50.47 7.91
CA GLY D 226 16.32 -51.40 8.52
C GLY D 226 16.50 -52.69 7.73
N ASN D 227 16.28 -52.62 6.43
CA ASN D 227 16.40 -53.81 5.58
C ASN D 227 17.36 -53.56 4.40
N ALA D 228 18.64 -53.49 4.70
CA ALA D 228 19.63 -53.15 3.68
C ALA D 228 19.36 -53.92 2.39
N ASP D 229 18.93 -55.16 2.56
CA ASP D 229 18.78 -56.13 1.48
C ASP D 229 17.62 -55.70 0.53
N LEU D 230 16.46 -55.40 1.11
CA LEU D 230 15.32 -54.83 0.37
C LEU D 230 15.73 -53.59 -0.42
N LEU D 231 16.29 -52.61 0.29
CA LEU D 231 16.73 -51.36 -0.30
C LEU D 231 17.72 -51.53 -1.46
N ALA D 232 18.81 -52.27 -1.27
CA ALA D 232 19.72 -52.58 -2.36
C ALA D 232 18.97 -53.12 -3.56
N TYR D 233 18.03 -54.02 -3.29
CA TYR D 233 17.23 -54.66 -4.34
C TYR D 233 16.29 -53.71 -5.09
N LEU D 234 15.50 -52.90 -4.38
CA LEU D 234 14.63 -51.91 -5.02
C LEU D 234 15.40 -50.90 -5.88
N GLU D 235 16.50 -50.38 -5.35
CA GLU D 235 17.38 -49.51 -6.14
C GLU D 235 17.88 -50.20 -7.40
N GLU D 236 18.23 -51.48 -7.27
CA GLU D 236 18.65 -52.24 -8.42
C GLU D 236 17.53 -52.26 -9.47
N ILE D 237 16.30 -52.49 -9.02
CA ILE D 237 15.15 -52.55 -9.93
C ILE D 237 14.87 -51.18 -10.53
N ARG D 238 14.84 -50.17 -9.65
CA ARG D 238 14.72 -48.75 -10.09
C ARG D 238 15.71 -48.44 -11.24
N ALA D 239 17.00 -48.68 -10.97
CA ALA D 239 18.07 -48.36 -11.92
C ALA D 239 17.94 -49.05 -13.28
N LYS D 240 17.44 -50.29 -13.28
CA LYS D 240 17.30 -51.01 -14.51
C LYS D 240 16.17 -50.45 -15.37
N CYS D 241 15.11 -49.94 -14.72
CA CYS D 241 13.97 -49.42 -15.49
C CYS D 241 14.31 -48.02 -15.96
N CYS D 242 15.18 -47.36 -15.18
CA CYS D 242 15.72 -46.06 -15.57
C CYS D 242 16.42 -46.18 -16.91
N VAL D 243 17.32 -47.17 -17.03
CA VAL D 243 17.98 -47.49 -18.28
C VAL D 243 16.93 -47.88 -19.31
N LYS D 244 15.97 -48.68 -18.89
CA LYS D 244 14.97 -49.23 -19.80
C LYS D 244 14.12 -48.16 -20.47
N ILE D 245 13.74 -47.13 -19.73
CA ILE D 245 12.87 -46.08 -20.29
C ILE D 245 13.58 -44.86 -20.89
N GLY D 246 14.91 -44.87 -20.85
CA GLY D 246 15.69 -43.89 -21.60
C GLY D 246 16.26 -42.77 -20.78
N MET D 247 16.27 -42.92 -19.46
CA MET D 247 16.65 -41.84 -18.57
C MET D 247 18.09 -41.92 -18.11
N ALA D 248 18.78 -43.01 -18.47
CA ALA D 248 20.20 -43.19 -18.19
C ALA D 248 20.75 -44.29 -19.10
N ALA D 249 22.06 -44.28 -19.33
CA ALA D 249 22.68 -45.25 -20.22
C ALA D 249 23.08 -46.50 -19.45
N THR D 250 23.19 -46.34 -18.14
CA THR D 250 23.89 -47.28 -17.32
C THR D 250 23.27 -47.28 -15.91
N GLU D 251 23.27 -48.43 -15.24
CA GLU D 251 22.74 -48.52 -13.88
C GLU D 251 23.50 -47.68 -12.87
N LYS D 252 24.83 -47.65 -13.01
CA LYS D 252 25.68 -46.69 -12.27
C LYS D 252 25.23 -45.23 -12.51
N GLU D 253 25.04 -44.86 -13.78
CA GLU D 253 24.61 -43.53 -14.14
C GLU D 253 23.25 -43.21 -13.50
N ALA D 254 22.30 -44.12 -13.62
CA ALA D 254 21.01 -44.00 -12.97
C ALA D 254 21.10 -43.80 -11.45
N SER D 255 21.88 -44.64 -10.78
CA SER D 255 22.05 -44.54 -9.34
C SER D 255 22.77 -43.27 -8.89
N GLU D 256 23.67 -42.78 -9.74
CA GLU D 256 24.49 -41.65 -9.35
C GLU D 256 23.84 -40.34 -9.79
N LYS D 257 23.32 -40.34 -11.01
CA LYS D 257 22.92 -39.09 -11.65
C LYS D 257 21.41 -38.92 -11.83
N SER D 258 20.63 -39.96 -11.55
CA SER D 258 19.16 -39.91 -11.58
C SER D 258 18.57 -40.59 -10.33
N PRO D 259 19.00 -40.16 -9.12
CA PRO D 259 18.64 -40.91 -7.92
C PRO D 259 17.16 -40.78 -7.58
N ALA D 260 16.50 -39.78 -8.14
CA ALA D 260 15.15 -39.43 -7.74
C ALA D 260 14.07 -40.06 -8.61
N PHE D 261 14.25 -40.00 -9.93
CA PHE D 261 13.27 -40.52 -10.87
C PHE D 261 13.93 -41.48 -11.83
N PRO D 262 13.21 -42.54 -12.23
CA PRO D 262 11.84 -42.84 -11.83
C PRO D 262 11.76 -43.24 -10.38
N MET D 263 10.58 -43.17 -9.78
CA MET D 263 10.41 -43.68 -8.43
C MET D 263 9.97 -45.16 -8.43
N ILE D 264 10.12 -45.82 -7.29
CA ILE D 264 9.67 -47.20 -7.15
C ILE D 264 8.74 -47.36 -5.95
N ALA D 265 7.68 -48.13 -6.16
CA ALA D 265 6.72 -48.42 -5.10
C ALA D 265 6.35 -49.88 -5.14
N PHE D 266 6.17 -50.44 -3.96
CA PHE D 266 5.60 -51.77 -3.88
C PHE D 266 4.22 -51.79 -3.27
N VAL D 267 3.32 -52.59 -3.87
CA VAL D 267 1.89 -52.52 -3.64
C VAL D 267 1.29 -53.83 -3.11
N THR D 268 0.20 -53.73 -2.33
CA THR D 268 -0.73 -54.84 -2.07
C THR D 268 -2.17 -54.42 -2.12
N LYS D 269 -3.03 -55.43 -2.17
CA LYS D 269 -4.44 -55.39 -1.85
C LYS D 269 -4.76 -54.61 -0.58
N PRO D 270 -5.94 -53.98 -0.52
CA PRO D 270 -6.34 -53.34 0.74
C PRO D 270 -6.37 -54.31 1.93
N GLU D 271 -5.55 -54.06 2.95
CA GLU D 271 -5.66 -54.74 4.21
C GLU D 271 -5.38 -53.77 5.38
N ASP D 272 -5.80 -54.13 6.59
CA ASP D 272 -5.62 -53.25 7.75
C ASP D 272 -4.16 -53.09 8.01
N TYR D 273 -3.75 -51.90 8.48
CA TYR D 273 -2.36 -51.71 8.86
C TYR D 273 -2.15 -50.56 9.87
N VAL D 274 -1.00 -50.59 10.51
CA VAL D 274 -0.69 -49.63 11.54
C VAL D 274 -0.13 -48.35 10.94
N ASP D 275 -0.82 -47.24 11.21
CA ASP D 275 -0.32 -45.89 10.97
C ASP D 275 0.89 -45.63 11.86
N PHE D 276 2.09 -45.62 11.29
CA PHE D 276 3.33 -45.54 12.09
C PHE D 276 3.39 -44.31 12.99
N SER D 277 2.90 -43.19 12.47
CA SER D 277 3.08 -41.89 13.12
C SER D 277 2.21 -41.75 14.38
N THR D 278 1.19 -42.59 14.45
CA THR D 278 0.07 -42.39 15.36
C THR D 278 -0.31 -43.69 16.04
N GLY D 279 0.42 -44.77 15.73
CA GLY D 279 0.14 -46.10 16.30
C GLY D 279 -1.27 -46.67 16.11
N ASN D 280 -2.13 -45.96 15.40
CA ASN D 280 -3.52 -46.41 15.15
C ASN D 280 -3.72 -47.19 13.85
N THR D 281 -4.80 -47.94 13.77
CA THR D 281 -5.02 -48.83 12.65
C THR D 281 -5.84 -48.19 11.56
N ILE D 282 -5.33 -48.27 10.34
CA ILE D 282 -6.09 -47.90 9.19
C ILE D 282 -6.77 -49.13 8.62
N SER D 283 -8.09 -49.08 8.61
CA SER D 283 -8.90 -50.13 8.05
C SER D 283 -8.70 -50.24 6.53
N GLY D 284 -8.66 -51.48 6.05
CA GLY D 284 -8.56 -51.75 4.63
C GLY D 284 -9.81 -51.37 3.88
N ASP D 285 -10.89 -51.10 4.61
CA ASP D 285 -12.14 -50.65 3.95
C ASP D 285 -12.06 -49.17 3.53
N ASP D 286 -11.10 -48.43 4.09
CA ASP D 286 -10.93 -47.04 3.70
C ASP D 286 -10.03 -46.84 2.46
N VAL D 287 -9.30 -47.88 2.04
CA VAL D 287 -8.35 -47.75 0.93
C VAL D 287 -8.68 -48.70 -0.22
N ASP D 288 -8.35 -48.29 -1.45
CA ASP D 288 -8.51 -49.13 -2.61
C ASP D 288 -7.24 -49.91 -2.95
N LEU D 289 -6.13 -49.56 -2.29
CA LEU D 289 -4.91 -50.38 -2.32
C LEU D 289 -3.94 -49.82 -1.31
N VAL D 290 -2.90 -50.59 -0.99
CA VAL D 290 -1.83 -50.13 -0.08
C VAL D 290 -0.50 -50.01 -0.83
N SER D 291 0.21 -48.91 -0.59
CA SER D 291 1.40 -48.66 -1.38
C SER D 291 2.53 -48.20 -0.50
N ARG D 292 3.75 -48.55 -0.88
CA ARG D 292 4.91 -48.11 -0.14
C ARG D 292 5.91 -47.56 -1.13
N LEU D 293 6.08 -46.24 -1.09
CA LEU D 293 6.86 -45.54 -2.09
C LEU D 293 8.24 -45.27 -1.58
N MET D 294 9.23 -45.54 -2.42
CA MET D 294 10.61 -45.18 -2.15
C MET D 294 10.92 -43.90 -2.86
N PHE D 295 11.64 -43.02 -2.20
CA PHE D 295 12.16 -41.82 -2.87
C PHE D 295 13.57 -41.54 -2.34
N MET D 296 14.52 -41.42 -3.26
CA MET D 296 15.95 -41.24 -2.92
C MET D 296 16.49 -42.41 -2.08
N GLN D 297 16.48 -43.61 -2.67
CA GLN D 297 17.00 -44.85 -2.05
C GLN D 297 16.47 -45.14 -0.62
N VAL D 298 15.42 -44.43 -0.23
CA VAL D 298 14.89 -44.49 1.13
C VAL D 298 13.36 -44.43 1.08
N LEU D 299 12.69 -44.98 2.09
CA LEU D 299 11.24 -44.89 2.09
C LEU D 299 10.78 -43.46 2.28
N HIS D 300 9.82 -43.07 1.45
CA HIS D 300 9.13 -41.81 1.59
C HIS D 300 8.13 -42.04 2.71
N LYS D 301 8.08 -41.13 3.67
CA LYS D 301 7.26 -41.36 4.86
C LYS D 301 5.78 -41.17 4.63
N THR D 302 5.40 -40.52 3.53
CA THR D 302 3.99 -40.42 3.13
C THR D 302 3.79 -40.88 1.66
N TYR D 303 3.43 -39.96 0.77
CA TYR D 303 3.36 -40.26 -0.65
C TYR D 303 3.60 -38.98 -1.44
N ALA D 304 4.56 -39.00 -2.36
CA ALA D 304 4.84 -37.84 -3.20
C ALA D 304 3.66 -37.51 -4.11
N GLY D 305 3.45 -36.23 -4.35
CA GLY D 305 2.34 -35.76 -5.18
C GLY D 305 2.36 -36.36 -6.57
N THR D 306 3.52 -36.32 -7.22
CA THR D 306 3.61 -36.85 -8.57
C THR D 306 3.50 -38.37 -8.61
N ALA D 307 3.95 -39.05 -7.56
CA ALA D 307 3.74 -40.49 -7.45
C ALA D 307 2.24 -40.82 -7.29
N THR D 308 1.51 -39.95 -6.57
CA THR D 308 0.08 -40.09 -6.38
C THR D 308 -0.65 -40.04 -7.72
N ALA D 309 -0.27 -39.08 -8.56
CA ALA D 309 -0.92 -38.93 -9.85
C ALA D 309 -0.59 -40.12 -10.71
N CYS D 310 0.61 -40.67 -10.55
CA CYS D 310 1.07 -41.75 -11.40
C CYS D 310 0.45 -43.07 -10.97
N THR D 311 0.37 -43.28 -9.65
CA THR D 311 -0.25 -44.44 -9.08
C THR D 311 -1.70 -44.53 -9.48
N GLY D 312 -2.40 -43.40 -9.40
CA GLY D 312 -3.83 -43.41 -9.68
C GLY D 312 -4.06 -43.70 -11.14
N SER D 313 -3.18 -43.16 -11.99
CA SER D 313 -3.25 -43.38 -13.42
C SER D 313 -3.08 -44.87 -13.74
N ALA D 314 -2.09 -45.48 -13.11
CA ALA D 314 -1.78 -46.87 -13.32
C ALA D 314 -2.95 -47.74 -12.90
N ALA D 315 -3.60 -47.35 -11.79
CA ALA D 315 -4.78 -48.05 -11.28
C ALA D 315 -5.85 -48.30 -12.33
N ARG D 316 -5.93 -47.40 -13.30
CA ARG D 316 -7.01 -47.37 -14.26
C ARG D 316 -6.66 -47.97 -15.60
N ILE D 317 -5.40 -48.38 -15.76
CA ILE D 317 -4.92 -49.03 -16.98
C ILE D 317 -4.99 -50.55 -16.80
N PRO D 318 -5.95 -51.20 -17.48
CA PRO D 318 -6.15 -52.68 -17.27
C PRO D 318 -4.89 -53.53 -17.48
N GLY D 319 -4.50 -54.24 -16.42
CA GLY D 319 -3.41 -55.18 -16.46
C GLY D 319 -2.17 -54.81 -15.68
N THR D 320 -2.01 -53.53 -15.32
CA THR D 320 -0.84 -53.15 -14.55
C THR D 320 -0.95 -53.75 -13.19
N ILE D 321 0.19 -54.01 -12.57
CA ILE D 321 0.23 -54.51 -11.19
C ILE D 321 -0.71 -53.70 -10.27
N VAL D 322 -0.78 -52.39 -10.47
CA VAL D 322 -1.61 -51.54 -9.64
C VAL D 322 -3.11 -51.81 -9.87
N ASN D 323 -3.50 -51.86 -11.14
CA ASN D 323 -4.84 -52.21 -11.52
C ASN D 323 -5.28 -53.61 -11.00
N GLN D 324 -4.38 -54.59 -10.99
CA GLN D 324 -4.71 -55.97 -10.58
C GLN D 324 -5.02 -55.98 -9.10
N VAL D 325 -4.14 -55.35 -8.33
CA VAL D 325 -4.26 -55.23 -6.89
C VAL D 325 -5.49 -54.37 -6.46
N LEU D 326 -5.86 -53.41 -7.30
CA LEU D 326 -6.87 -52.44 -6.94
C LEU D 326 -8.24 -53.02 -6.69
N ARG D 327 -8.82 -52.68 -5.54
CA ARG D 327 -10.25 -52.91 -5.26
C ARG D 327 -11.06 -52.13 -6.28
N ASP D 328 -11.97 -52.80 -6.98
CA ASP D 328 -12.88 -52.15 -7.92
C ASP D 328 -13.70 -51.02 -7.28
N THR D 329 -13.71 -49.86 -7.91
CA THR D 329 -14.31 -48.65 -7.33
C THR D 329 -15.63 -48.31 -8.01
N GLY D 330 -16.17 -49.23 -8.81
CA GLY D 330 -17.45 -48.97 -9.47
C GLY D 330 -17.40 -47.62 -10.14
N ASP D 331 -18.39 -46.76 -9.89
CA ASP D 331 -18.37 -45.44 -10.56
C ASP D 331 -17.64 -44.32 -9.80
N GLU D 332 -17.11 -44.60 -8.61
CA GLU D 332 -16.23 -43.66 -7.91
C GLU D 332 -15.00 -43.46 -8.85
N ASP D 333 -14.69 -42.21 -9.22
CA ASP D 333 -13.46 -41.91 -9.95
C ASP D 333 -12.25 -41.72 -9.03
N THR D 334 -12.53 -41.65 -7.75
CA THR D 334 -11.45 -41.58 -6.77
C THR D 334 -10.77 -42.92 -6.56
N VAL D 335 -9.44 -42.93 -6.52
CA VAL D 335 -8.78 -44.07 -5.90
C VAL D 335 -8.11 -43.68 -4.57
N ARG D 336 -8.25 -44.53 -3.56
CA ARG D 336 -7.72 -44.21 -2.26
C ARG D 336 -6.44 -44.98 -1.99
N ILE D 337 -5.34 -44.26 -1.87
CA ILE D 337 -4.04 -44.90 -1.70
C ILE D 337 -3.66 -44.96 -0.23
N GLY D 338 -3.52 -46.19 0.28
CA GLY D 338 -3.13 -46.39 1.64
C GLY D 338 -1.65 -46.24 1.82
N HIS D 339 -1.20 -45.02 2.09
CA HIS D 339 0.23 -44.80 2.37
C HIS D 339 0.50 -45.02 3.86
N PRO D 340 1.76 -44.98 4.29
CA PRO D 340 2.17 -45.28 5.67
C PRO D 340 1.45 -44.53 6.81
N ALA D 341 1.02 -43.28 6.57
CA ALA D 341 0.42 -42.48 7.65
C ALA D 341 -0.99 -42.03 7.34
N GLY D 342 -1.56 -42.47 6.24
CA GLY D 342 -2.94 -42.13 5.96
C GLY D 342 -3.41 -42.60 4.60
N VAL D 343 -4.42 -41.91 4.10
CA VAL D 343 -5.08 -42.26 2.88
C VAL D 343 -5.15 -40.99 2.07
N ILE D 344 -4.68 -41.06 0.83
CA ILE D 344 -4.74 -39.91 -0.04
C ILE D 344 -5.59 -40.24 -1.24
N PRO D 345 -6.65 -39.46 -1.48
CA PRO D 345 -7.52 -39.72 -2.62
C PRO D 345 -6.97 -39.08 -3.91
N VAL D 346 -7.12 -39.75 -5.04
CA VAL D 346 -6.80 -39.16 -6.35
C VAL D 346 -7.93 -39.40 -7.37
N VAL D 347 -8.34 -38.36 -8.09
CA VAL D 347 -9.38 -38.55 -9.11
C VAL D 347 -8.65 -38.98 -10.37
N SER D 348 -9.06 -40.14 -10.92
CA SER D 348 -8.30 -40.81 -11.98
C SER D 348 -9.18 -41.37 -13.04
N ILE D 349 -9.11 -40.79 -14.22
CA ILE D 349 -9.87 -41.26 -15.38
C ILE D 349 -8.93 -41.46 -16.54
N VAL D 350 -8.78 -42.71 -16.99
CA VAL D 350 -8.01 -43.02 -18.20
C VAL D 350 -8.91 -43.79 -19.14
N LYS D 351 -9.27 -43.19 -20.24
CA LYS D 351 -10.03 -43.88 -21.26
C LYS D 351 -9.13 -44.13 -22.46
N ASP D 352 -9.07 -45.40 -22.88
CA ASP D 352 -8.37 -45.81 -24.10
C ASP D 352 -6.89 -45.36 -24.14
N GLY D 353 -6.15 -45.65 -23.07
CA GLY D 353 -4.76 -45.22 -22.92
C GLY D 353 -4.56 -43.71 -22.76
N LYS D 354 -5.65 -42.94 -22.84
CA LYS D 354 -5.59 -41.48 -22.67
C LYS D 354 -5.99 -41.00 -21.25
N VAL D 355 -5.07 -40.33 -20.54
CA VAL D 355 -5.34 -39.76 -19.21
C VAL D 355 -6.23 -38.54 -19.30
N GLU D 356 -7.41 -38.60 -18.68
CA GLU D 356 -8.38 -37.53 -18.77
C GLU D 356 -8.56 -36.75 -17.47
N LYS D 357 -8.13 -37.36 -16.36
CA LYS D 357 -8.04 -36.67 -15.09
C LYS D 357 -6.99 -37.36 -14.22
N ALA D 358 -6.10 -36.58 -13.63
CA ALA D 358 -5.21 -37.06 -12.59
C ALA D 358 -5.10 -35.96 -11.53
N ALA D 359 -6.13 -35.85 -10.70
CA ALA D 359 -6.31 -34.70 -9.86
C ALA D 359 -6.19 -35.02 -8.38
N LEU D 360 -5.22 -34.39 -7.73
CA LEU D 360 -5.10 -34.46 -6.27
C LEU D 360 -5.43 -33.15 -5.55
N ILE D 361 -5.85 -33.30 -4.30
CA ILE D 361 -6.18 -32.22 -3.39
C ILE D 361 -4.91 -31.62 -2.78
N ARG D 362 -4.76 -30.31 -2.99
CA ARG D 362 -3.65 -29.62 -2.32
C ARG D 362 -4.20 -28.51 -1.46
N THR D 363 -3.26 -27.76 -0.89
CA THR D 363 -3.58 -26.65 -0.05
C THR D 363 -2.44 -25.63 -0.13
N ALA D 364 -2.79 -24.34 0.02
CA ALA D 364 -1.78 -23.28 0.01
C ALA D 364 -2.21 -22.04 0.79
N ARG D 365 -1.24 -21.25 1.22
CA ARG D 365 -1.53 -20.09 2.03
C ARG D 365 -0.42 -19.07 1.86
N ARG D 366 -0.79 -17.81 1.57
CA ARG D 366 0.17 -16.71 1.60
C ARG D 366 0.66 -16.45 3.05
N ILE D 367 1.97 -16.54 3.24
CA ILE D 367 2.55 -16.33 4.57
C ILE D 367 3.00 -14.87 4.79
N MET D 368 3.76 -14.33 3.83
CA MET D 368 4.17 -12.95 3.89
C MET D 368 4.21 -12.25 2.53
N GLU D 369 4.04 -10.92 2.55
CA GLU D 369 4.27 -10.05 1.37
C GLU D 369 5.06 -8.79 1.79
N GLY D 370 5.89 -8.31 0.89
CA GLY D 370 6.76 -7.20 1.23
C GLY D 370 7.90 -7.03 0.24
N TYR D 371 9.04 -6.59 0.75
CA TYR D 371 10.20 -6.35 -0.10
C TYR D 371 11.37 -7.07 0.50
N VAL D 372 12.07 -7.87 -0.29
CA VAL D 372 13.38 -8.34 0.12
C VAL D 372 14.42 -7.31 -0.20
N TYR D 373 15.52 -7.37 0.56
CA TYR D 373 16.66 -6.49 0.36
C TYR D 373 17.82 -7.29 -0.20
N VAL D 374 18.47 -6.79 -1.25
CA VAL D 374 19.73 -7.38 -1.66
C VAL D 374 20.84 -6.36 -1.54
N GLU D 375 21.96 -6.82 -1.01
CA GLU D 375 23.12 -5.98 -0.82
C GLU D 375 23.80 -5.73 -2.16
N LYS D 376 23.85 -4.47 -2.57
CA LYS D 376 24.42 -4.08 -3.86
C LYS D 376 25.87 -4.55 -4.09
N ALA D 377 26.68 -4.55 -3.04
CA ALA D 377 28.08 -5.01 -3.10
C ALA D 377 28.21 -6.50 -3.34
N LYS D 378 27.18 -7.28 -3.03
CA LYS D 378 27.28 -8.71 -3.24
C LYS D 378 26.91 -9.10 -4.68
N LEU D 379 26.55 -8.12 -5.50
CA LEU D 379 26.18 -8.41 -6.88
C LEU D 379 27.31 -8.08 -7.86
N VAL D 380 28.48 -7.80 -7.31
CA VAL D 380 29.69 -7.49 -8.04
C VAL D 380 30.45 -8.79 -8.35
#